data_7V25
#
_entry.id   7V25
#
_cell.length_a   179.030
_cell.length_b   122.180
_cell.length_c   162.940
_cell.angle_alpha   90.000
_cell.angle_beta   101.130
_cell.angle_gamma   90.000
#
_symmetry.space_group_name_H-M   'C 1 2 1'
#
loop_
_entity.id
_entity.type
_entity.pdbx_description
1 polymer 'Rieske (2Fe-2S) domain protein'
2 non-polymer 'FE (II) ION'
3 non-polymer 'FE2/S2 (INORGANIC) CLUSTER'
4 non-polymer 'PHTHALIC ACID'
5 water water
#
_entity_poly.entity_id   1
_entity_poly.type   'polypeptide(L)'
_entity_poly.pdbx_seq_one_letter_code
;MMTHEENELLCRVEGDAPMGRLMRRHWTPICLVEEVGEPDGTPVKARAFGEDLVVFRDSEGRVGVMDEYCPHRRASLVYG
RNEEGGLRCLYHGWKMDVDGNVLEMASEPAASGMVDKVKHTAYPTQEWAGMVWAYMGPKETMPEFLPPAWAPTADTRVSI
AKVLLPCNWAQILEGAIDSAHSSSLHSSDMVPARVDGAKATDKTWLRPSTDKAPRMQVQRTGYGFRYAALRRPLSNAAEN
DYVRSTVFVAPATALIPPNNLYNVANINVPMDDTNTAFYFIAWGHPSQTPETETWRKFLRQTVGVDLDQNYRPLRNEANK
FWQDRNAMKAGNFTGITGFPNQDVAMWLTMGPIADRTHDRLGASDLAIVEFRKQMLDAVKAFEQGAPAIGTGVEAATPTV
CSFQAIVPKTTDWRTYDAHYVWLDGQDRPEFEPSYSVKS
;
_entity_poly.pdbx_strand_id   B,A,C,D,E,F
#
loop_
_chem_comp.id
_chem_comp.type
_chem_comp.name
_chem_comp.formula
FE2 non-polymer 'FE (II) ION' 'Fe 2'
FES non-polymer 'FE2/S2 (INORGANIC) CLUSTER' 'Fe2 S2'
PHT non-polymer 'PHTHALIC ACID' 'C8 H6 O4'
#
# COMPACT_ATOMS: atom_id res chain seq x y z
N MET A 1 32.45 0.62 -35.14
CA MET A 1 33.49 -0.31 -35.63
C MET A 1 33.96 -1.22 -34.50
N MET A 2 33.18 -1.29 -33.40
CA MET A 2 33.46 -2.16 -32.26
C MET A 2 32.75 -3.51 -32.43
N THR A 3 33.44 -4.62 -32.13
CA THR A 3 32.86 -5.94 -32.31
C THR A 3 32.14 -6.37 -31.04
N HIS A 4 31.41 -7.50 -31.05
CA HIS A 4 30.85 -7.99 -29.79
C HIS A 4 31.98 -8.31 -28.81
N GLU A 5 32.98 -9.06 -29.27
CA GLU A 5 34.12 -9.49 -28.48
C GLU A 5 34.77 -8.30 -27.80
N GLU A 6 34.87 -7.18 -28.53
CA GLU A 6 35.56 -6.02 -28.01
C GLU A 6 34.74 -5.39 -26.90
N ASN A 7 33.42 -5.42 -27.10
CA ASN A 7 32.49 -4.85 -26.14
C ASN A 7 32.52 -5.65 -24.84
N GLU A 8 32.41 -6.98 -24.97
CA GLU A 8 32.46 -7.92 -23.84
C GLU A 8 33.75 -7.70 -23.06
N LEU A 9 34.87 -7.48 -23.79
CA LEU A 9 36.15 -7.40 -23.12
C LEU A 9 36.25 -6.11 -22.33
N LEU A 10 35.64 -5.04 -22.86
CA LEU A 10 35.58 -3.73 -22.23
C LEU A 10 34.75 -3.80 -20.94
N CYS A 11 33.66 -4.57 -20.96
CA CYS A 11 32.55 -4.44 -20.02
C CYS A 11 32.57 -5.43 -18.85
N ARG A 12 32.70 -6.74 -19.11
CA ARG A 12 32.59 -7.75 -18.06
C ARG A 12 33.73 -7.63 -17.04
N VAL A 13 33.42 -7.84 -15.76
CA VAL A 13 34.43 -7.76 -14.72
C VAL A 13 34.33 -8.94 -13.77
N GLU A 14 33.38 -9.86 -14.01
CA GLU A 14 33.20 -10.95 -13.06
C GLU A 14 34.23 -12.04 -13.33
N GLY A 15 34.67 -12.70 -12.25
CA GLY A 15 35.51 -13.89 -12.33
C GLY A 15 36.91 -13.61 -12.86
N ASP A 16 37.20 -14.09 -14.08
CA ASP A 16 38.51 -13.92 -14.69
C ASP A 16 38.50 -12.85 -15.78
N ALA A 17 37.37 -12.18 -15.98
CA ALA A 17 37.30 -11.12 -16.96
C ALA A 17 38.49 -10.19 -16.79
N PRO A 18 39.30 -9.98 -17.85
CA PRO A 18 40.50 -9.16 -17.74
C PRO A 18 40.23 -7.78 -17.14
N MET A 19 39.15 -7.13 -17.58
CA MET A 19 38.87 -5.77 -17.13
C MET A 19 38.61 -5.77 -15.63
N GLY A 20 38.14 -6.91 -15.10
CA GLY A 20 38.05 -7.08 -13.65
C GLY A 20 39.43 -6.97 -13.00
N ARG A 21 40.31 -7.92 -13.36
CA ARG A 21 41.67 -7.99 -12.88
C ARG A 21 42.35 -6.63 -12.98
N LEU A 22 42.32 -6.00 -14.15
CA LEU A 22 42.90 -4.68 -14.29
C LEU A 22 42.41 -3.79 -13.15
N MET A 23 41.08 -3.72 -12.99
CA MET A 23 40.47 -2.74 -12.11
C MET A 23 40.90 -2.97 -10.66
N ARG A 24 41.10 -4.25 -10.31
CA ARG A 24 41.45 -4.62 -8.94
C ARG A 24 42.89 -4.21 -8.63
N ARG A 25 43.57 -3.59 -9.61
CA ARG A 25 44.91 -3.08 -9.35
C ARG A 25 44.84 -1.72 -8.67
N HIS A 26 43.64 -1.12 -8.65
CA HIS A 26 43.38 0.13 -7.95
C HIS A 26 42.59 -0.15 -6.68
N TRP A 27 42.70 0.75 -5.71
CA TRP A 27 41.81 0.74 -4.56
C TRP A 27 40.39 1.01 -5.05
N THR A 28 39.39 0.43 -4.39
CA THR A 28 38.02 0.57 -4.83
C THR A 28 37.11 1.00 -3.68
N PRO A 29 36.32 2.08 -3.86
CA PRO A 29 35.28 2.41 -2.89
C PRO A 29 34.36 1.20 -2.78
N ILE A 30 34.03 0.85 -1.54
CA ILE A 30 33.24 -0.34 -1.31
C ILE A 30 31.82 0.06 -0.89
N CYS A 31 31.71 1.09 -0.04
CA CYS A 31 30.45 1.64 0.48
C CYS A 31 30.76 2.91 1.29
N LEU A 32 29.74 3.70 1.64
CA LEU A 32 29.98 4.94 2.35
C LEU A 32 30.37 4.65 3.79
N VAL A 33 31.17 5.56 4.37
CA VAL A 33 31.50 5.52 5.79
C VAL A 33 30.25 5.64 6.66
N GLU A 34 29.27 6.40 6.17
CA GLU A 34 28.05 6.64 6.94
C GLU A 34 27.24 5.36 7.09
N GLU A 35 27.54 4.34 6.28
CA GLU A 35 26.75 3.12 6.27
C GLU A 35 27.21 2.22 7.42
N VAL A 36 28.48 2.30 7.84
CA VAL A 36 29.01 1.27 8.72
C VAL A 36 28.76 1.67 10.18
N GLY A 37 28.70 2.99 10.40
CA GLY A 37 28.19 3.58 11.63
C GLY A 37 29.20 3.54 12.77
N GLU A 38 28.66 3.45 14.00
CA GLU A 38 29.45 3.37 15.21
C GLU A 38 30.22 2.04 15.26
N PRO A 39 31.25 1.94 16.13
CA PRO A 39 31.90 0.65 16.41
C PRO A 39 30.84 -0.36 16.84
N ASP A 40 31.07 -1.62 16.49
CA ASP A 40 30.11 -2.69 16.78
C ASP A 40 28.76 -2.38 16.15
N GLY A 41 28.77 -1.62 15.04
CA GLY A 41 27.56 -1.27 14.32
C GLY A 41 27.03 -2.41 13.44
N THR A 42 25.75 -2.28 13.06
CA THR A 42 25.14 -3.20 12.11
C THR A 42 26.04 -3.41 10.89
N PRO A 43 26.33 -4.68 10.55
CA PRO A 43 27.06 -5.04 9.33
C PRO A 43 26.27 -4.76 8.05
N VAL A 44 27.01 -4.47 6.97
CA VAL A 44 26.50 -3.96 5.72
C VAL A 44 26.84 -4.97 4.64
N LYS A 45 25.95 -5.18 3.65
CA LYS A 45 26.30 -5.99 2.49
C LYS A 45 26.72 -5.11 1.33
N ALA A 46 27.78 -5.49 0.61
CA ALA A 46 28.16 -4.73 -0.57
C ALA A 46 28.61 -5.68 -1.66
N ARG A 47 28.95 -5.12 -2.82
CA ARG A 47 29.19 -5.95 -3.99
C ARG A 47 30.17 -5.27 -4.94
N ALA A 48 31.32 -5.93 -5.10
CA ALA A 48 32.36 -5.42 -5.97
C ALA A 48 32.83 -6.54 -6.88
N PHE A 49 32.89 -6.24 -8.18
CA PHE A 49 33.48 -7.16 -9.15
C PHE A 49 32.88 -8.55 -9.07
N GLY A 50 31.61 -8.64 -8.67
CA GLY A 50 30.99 -9.94 -8.65
C GLY A 50 31.16 -10.68 -7.33
N GLU A 51 31.87 -10.08 -6.35
CA GLU A 51 31.93 -10.65 -5.00
C GLU A 51 30.92 -9.98 -4.07
N ASP A 52 30.24 -10.82 -3.28
CA ASP A 52 29.44 -10.39 -2.15
C ASP A 52 30.34 -10.15 -0.91
N LEU A 53 30.17 -8.98 -0.26
CA LEU A 53 31.02 -8.61 0.87
C LEU A 53 30.18 -8.28 2.09
N VAL A 54 30.71 -8.59 3.29
CA VAL A 54 30.33 -7.86 4.49
C VAL A 54 31.29 -6.72 4.67
N VAL A 55 30.77 -5.59 5.15
CA VAL A 55 31.59 -4.56 5.75
C VAL A 55 31.09 -4.36 7.18
N PHE A 56 32.03 -4.19 8.13
CA PHE A 56 31.66 -3.84 9.49
C PHE A 56 32.81 -3.12 10.19
N ARG A 57 32.43 -2.24 11.14
CA ARG A 57 33.41 -1.59 11.99
C ARG A 57 33.50 -2.38 13.28
N ASP A 58 34.71 -2.83 13.65
CA ASP A 58 34.80 -3.70 14.82
C ASP A 58 34.74 -2.87 16.10
N SER A 59 35.08 -3.48 17.24
CA SER A 59 34.96 -2.82 18.54
C SER A 59 35.97 -1.68 18.66
N GLU A 60 37.16 -1.85 18.05
CA GLU A 60 38.25 -0.88 18.13
C GLU A 60 38.02 0.24 17.11
N GLY A 61 36.96 0.11 16.32
CA GLY A 61 36.65 1.14 15.36
C GLY A 61 37.35 0.91 14.01
N ARG A 62 38.07 -0.22 13.89
CA ARG A 62 38.70 -0.53 12.62
C ARG A 62 37.72 -1.29 11.73
N VAL A 63 37.89 -1.16 10.40
CA VAL A 63 36.83 -1.47 9.44
C VAL A 63 37.24 -2.63 8.54
N GLY A 64 36.38 -3.64 8.43
CA GLY A 64 36.72 -4.82 7.67
C GLY A 64 35.85 -4.96 6.43
N VAL A 65 36.45 -5.46 5.35
CA VAL A 65 35.75 -5.87 4.15
C VAL A 65 36.10 -7.34 3.91
N MET A 66 35.11 -8.23 3.96
CA MET A 66 35.39 -9.65 3.75
C MET A 66 34.29 -10.24 2.88
N ASP A 67 34.51 -11.47 2.43
CA ASP A 67 33.47 -12.15 1.70
C ASP A 67 32.30 -12.37 2.66
N GLU A 68 31.08 -12.16 2.13
CA GLU A 68 29.84 -12.21 2.89
C GLU A 68 29.68 -13.60 3.51
N TYR A 69 30.04 -14.63 2.76
CA TYR A 69 29.65 -15.96 3.17
C TYR A 69 30.68 -16.54 4.15
N CYS A 70 30.20 -17.12 5.25
CA CYS A 70 30.97 -17.72 6.34
C CYS A 70 31.89 -18.86 5.89
N PRO A 71 33.15 -18.91 6.38
CA PRO A 71 34.10 -19.96 5.96
C PRO A 71 33.69 -21.37 6.36
N HIS A 72 32.76 -21.47 7.31
CA HIS A 72 32.27 -22.76 7.74
C HIS A 72 31.35 -23.37 6.67
N ARG A 73 30.07 -22.96 6.67
CA ARG A 73 29.08 -23.64 5.85
C ARG A 73 28.39 -22.69 4.87
N ARG A 74 28.87 -21.43 4.84
CA ARG A 74 28.62 -20.44 3.77
C ARG A 74 27.40 -19.55 4.07
N ALA A 75 26.84 -19.62 5.28
CA ALA A 75 25.78 -18.71 5.70
C ALA A 75 26.25 -17.25 5.65
N SER A 76 25.30 -16.31 5.66
CA SER A 76 25.64 -14.89 5.47
C SER A 76 26.11 -14.24 6.76
N LEU A 77 27.35 -13.76 6.75
CA LEU A 77 27.93 -13.09 7.90
C LEU A 77 27.21 -11.77 8.23
N VAL A 78 26.42 -11.26 7.27
CA VAL A 78 25.74 -9.98 7.41
C VAL A 78 24.72 -10.09 8.54
N TYR A 79 24.39 -11.33 8.91
CA TYR A 79 23.42 -11.59 9.95
C TYR A 79 24.10 -11.67 11.33
N GLY A 80 25.44 -11.58 11.36
CA GLY A 80 26.19 -12.01 12.52
C GLY A 80 26.26 -10.95 13.60
N ARG A 81 26.94 -11.26 14.72
CA ARG A 81 27.04 -10.32 15.82
C ARG A 81 28.39 -9.62 15.76
N ASN A 82 28.35 -8.30 15.84
CA ASN A 82 29.56 -7.50 15.70
C ASN A 82 29.88 -6.95 17.07
N GLU A 83 30.89 -7.55 17.73
CA GLU A 83 31.11 -7.22 19.13
C GLU A 83 32.35 -7.93 19.63
N GLU A 84 32.99 -7.30 20.62
CA GLU A 84 34.17 -7.86 21.25
C GLU A 84 35.22 -8.14 20.17
N GLY A 85 35.38 -7.17 19.27
CA GLY A 85 36.46 -7.12 18.30
C GLY A 85 36.29 -8.10 17.13
N GLY A 86 35.05 -8.41 16.77
CA GLY A 86 34.88 -9.38 15.71
C GLY A 86 33.48 -9.44 15.16
N LEU A 87 33.30 -10.40 14.26
CA LEU A 87 32.03 -10.65 13.63
C LEU A 87 31.78 -12.14 13.69
N ARG A 88 30.79 -12.54 14.50
CA ARG A 88 30.51 -13.94 14.77
C ARG A 88 29.32 -14.37 13.93
N CYS A 89 29.44 -15.52 13.26
CA CYS A 89 28.34 -16.10 12.50
C CYS A 89 27.25 -16.52 13.50
N LEU A 90 25.96 -16.52 13.08
CA LEU A 90 24.91 -16.91 14.01
C LEU A 90 24.81 -18.43 14.11
N TYR A 91 25.26 -19.14 13.08
CA TYR A 91 24.88 -20.54 12.87
C TYR A 91 25.58 -21.46 13.88
N HIS A 92 26.93 -21.39 13.93
CA HIS A 92 27.77 -22.18 14.80
C HIS A 92 28.79 -21.30 15.50
N GLY A 93 28.69 -19.99 15.32
CA GLY A 93 29.43 -19.05 16.15
C GLY A 93 30.93 -18.94 15.84
N TRP A 94 31.37 -19.37 14.64
CA TRP A 94 32.73 -19.02 14.24
C TRP A 94 32.83 -17.50 14.24
N LYS A 95 33.90 -16.95 14.82
CA LYS A 95 34.05 -15.50 14.91
C LYS A 95 35.32 -15.05 14.19
N MET A 96 35.18 -14.14 13.20
CA MET A 96 36.29 -13.59 12.44
C MET A 96 36.61 -12.17 12.93
N ASP A 97 37.89 -11.78 12.83
CA ASP A 97 38.25 -10.37 12.98
C ASP A 97 38.22 -9.68 11.63
N VAL A 98 38.56 -8.37 11.60
CA VAL A 98 38.54 -7.59 10.37
C VAL A 98 39.47 -8.21 9.32
N ASP A 99 40.53 -8.91 9.75
CA ASP A 99 41.54 -9.37 8.83
C ASP A 99 41.13 -10.70 8.20
N GLY A 100 40.21 -11.42 8.85
CA GLY A 100 39.79 -12.71 8.35
C GLY A 100 40.31 -13.88 9.20
N ASN A 101 40.85 -13.52 10.36
CA ASN A 101 41.31 -14.48 11.36
C ASN A 101 40.12 -15.04 12.13
N VAL A 102 39.88 -16.36 11.97
CA VAL A 102 38.92 -17.03 12.81
C VAL A 102 39.46 -16.99 14.24
N LEU A 103 38.91 -16.09 15.07
CA LEU A 103 39.33 -15.94 16.46
C LEU A 103 38.88 -17.14 17.30
N GLU A 104 37.74 -17.71 16.93
CA GLU A 104 36.99 -18.64 17.76
C GLU A 104 36.07 -19.51 16.92
N MET A 105 36.03 -20.79 17.28
CA MET A 105 34.87 -21.59 16.91
C MET A 105 34.19 -22.06 18.20
N ALA A 106 32.93 -21.62 18.35
CA ALA A 106 32.13 -21.77 19.56
C ALA A 106 31.83 -23.25 19.84
N SER A 107 31.33 -23.95 18.82
CA SER A 107 30.87 -25.32 18.97
C SER A 107 31.94 -26.30 18.51
N GLU A 108 33.16 -25.78 18.31
CA GLU A 108 34.30 -26.59 17.91
C GLU A 108 35.34 -26.58 19.03
N PRO A 109 35.74 -27.75 19.56
CA PRO A 109 36.66 -27.81 20.71
C PRO A 109 37.81 -26.81 20.53
N ALA A 110 37.93 -25.89 21.49
CA ALA A 110 39.05 -24.97 21.59
C ALA A 110 40.36 -25.77 21.76
N ALA A 111 40.21 -27.03 22.20
CA ALA A 111 41.25 -28.04 22.09
C ALA A 111 41.30 -28.55 20.65
N SER A 112 41.49 -27.61 19.71
CA SER A 112 41.56 -27.89 18.29
C SER A 112 42.68 -27.05 17.65
N GLY A 113 43.46 -27.69 16.78
CA GLY A 113 44.50 -27.01 16.00
C GLY A 113 43.94 -26.48 14.69
N MET A 114 42.60 -26.49 14.58
CA MET A 114 41.86 -26.04 13.41
C MET A 114 41.47 -24.57 13.56
N VAL A 115 41.69 -24.00 14.76
CA VAL A 115 41.16 -22.69 15.13
C VAL A 115 41.84 -21.57 14.32
N ASP A 116 43.16 -21.68 14.10
CA ASP A 116 43.90 -20.61 13.44
C ASP A 116 44.60 -21.08 12.18
N LYS A 117 44.20 -22.26 11.66
CA LYS A 117 44.65 -22.73 10.35
C LYS A 117 43.68 -22.23 9.27
N VAL A 118 42.38 -22.21 9.59
CA VAL A 118 41.34 -21.66 8.73
C VAL A 118 41.49 -20.15 8.70
N LYS A 119 41.54 -19.58 7.48
CA LYS A 119 41.51 -18.15 7.26
C LYS A 119 40.42 -17.79 6.24
N HIS A 120 39.75 -16.65 6.44
CA HIS A 120 38.64 -16.21 5.60
C HIS A 120 39.08 -15.05 4.71
N THR A 121 38.51 -14.99 3.51
CA THR A 121 38.89 -13.96 2.55
C THR A 121 38.54 -12.58 3.09
N ALA A 122 39.56 -11.76 3.36
CA ALA A 122 39.35 -10.35 3.64
C ALA A 122 40.42 -9.52 2.93
N TYR A 123 40.12 -8.23 2.68
CA TYR A 123 40.96 -7.35 1.89
C TYR A 123 41.45 -6.17 2.73
N PRO A 124 42.67 -5.63 2.51
CA PRO A 124 43.12 -4.43 3.20
C PRO A 124 42.15 -3.30 2.90
N THR A 125 41.85 -2.49 3.92
CA THR A 125 40.85 -1.44 3.82
C THR A 125 41.49 -0.09 4.15
N GLN A 126 40.87 0.98 3.66
CA GLN A 126 41.26 2.31 4.06
C GLN A 126 40.01 3.18 4.19
N GLU A 127 40.11 4.20 5.03
CA GLU A 127 38.99 5.11 5.18
C GLU A 127 39.39 6.49 4.63
N TRP A 128 38.72 6.91 3.56
CA TRP A 128 39.07 8.18 2.96
C TRP A 128 37.88 8.83 2.28
N ALA A 129 37.78 10.15 2.45
CA ALA A 129 36.85 11.00 1.72
C ALA A 129 35.41 10.52 1.94
N GLY A 130 35.15 10.00 3.15
CA GLY A 130 33.83 9.53 3.55
C GLY A 130 33.43 8.19 2.91
N MET A 131 34.41 7.52 2.27
CA MET A 131 34.21 6.21 1.69
C MET A 131 35.08 5.16 2.39
N VAL A 132 34.66 3.90 2.29
CA VAL A 132 35.42 2.74 2.71
C VAL A 132 36.04 2.14 1.47
N TRP A 133 37.37 2.09 1.41
CA TRP A 133 38.11 1.57 0.26
C TRP A 133 38.69 0.20 0.58
N ALA A 134 38.78 -0.64 -0.45
CA ALA A 134 39.50 -1.89 -0.29
C ALA A 134 40.40 -2.17 -1.49
N TYR A 135 41.37 -3.04 -1.26
CA TYR A 135 42.25 -3.49 -2.32
C TYR A 135 41.96 -4.96 -2.63
N MET A 136 41.29 -5.18 -3.76
CA MET A 136 40.77 -6.51 -4.03
C MET A 136 41.63 -7.25 -5.05
N GLY A 137 42.79 -6.68 -5.41
CA GLY A 137 43.77 -7.37 -6.24
C GLY A 137 44.66 -8.29 -5.41
N PRO A 138 45.68 -8.96 -6.02
CA PRO A 138 46.56 -9.87 -5.27
C PRO A 138 47.37 -9.04 -4.28
N LYS A 139 47.58 -9.60 -3.08
CA LYS A 139 48.05 -8.86 -1.92
C LYS A 139 49.34 -8.09 -2.24
N GLU A 140 50.36 -8.79 -2.77
CA GLU A 140 51.69 -8.23 -2.98
C GLU A 140 51.70 -7.13 -4.05
N THR A 141 50.62 -7.05 -4.84
CA THR A 141 50.49 -5.99 -5.84
C THR A 141 49.90 -4.73 -5.22
N MET A 142 49.74 -4.71 -3.89
CA MET A 142 48.96 -3.63 -3.30
C MET A 142 49.86 -2.43 -3.06
N PRO A 143 49.47 -1.23 -3.54
CA PRO A 143 50.22 -0.02 -3.29
C PRO A 143 49.74 0.71 -2.04
N GLU A 144 50.64 1.54 -1.48
CA GLU A 144 50.27 2.47 -0.43
C GLU A 144 49.09 3.32 -0.90
N PHE A 145 48.17 3.64 0.01
CA PHE A 145 46.99 4.38 -0.38
C PHE A 145 47.32 5.86 -0.53
N LEU A 146 47.26 6.35 -1.77
CA LEU A 146 47.60 7.72 -2.08
C LEU A 146 46.32 8.54 -2.23
N PRO A 147 46.26 9.76 -1.66
CA PRO A 147 45.16 10.69 -1.91
C PRO A 147 44.70 10.74 -3.37
N PRO A 148 43.41 10.45 -3.66
CA PRO A 148 42.85 10.56 -5.01
C PRO A 148 42.66 12.00 -5.48
N ALA A 149 42.41 12.18 -6.78
CA ALA A 149 42.55 13.47 -7.46
C ALA A 149 41.51 14.47 -6.96
N TRP A 150 40.45 13.94 -6.33
CA TRP A 150 39.25 14.67 -5.95
C TRP A 150 39.04 14.71 -4.44
N ALA A 151 40.06 14.34 -3.66
CA ALA A 151 39.97 14.43 -2.21
C ALA A 151 41.37 14.69 -1.64
N PRO A 152 41.97 15.86 -1.96
CA PRO A 152 43.42 16.02 -1.90
C PRO A 152 43.99 15.94 -0.48
N THR A 153 43.41 16.74 0.42
CA THR A 153 43.89 16.85 1.79
C THR A 153 42.77 16.49 2.76
N ALA A 154 43.06 16.65 4.06
CA ALA A 154 42.16 16.20 5.10
C ALA A 154 41.07 17.23 5.39
N ASP A 155 41.31 18.51 5.03
CA ASP A 155 40.36 19.57 5.37
C ASP A 155 39.46 19.93 4.18
N THR A 156 39.36 19.01 3.21
CA THR A 156 38.42 19.14 2.12
C THR A 156 37.08 18.52 2.50
N ARG A 157 35.99 19.29 2.37
CA ARG A 157 34.68 18.66 2.50
C ARG A 157 34.34 17.88 1.24
N VAL A 158 33.95 16.62 1.45
CA VAL A 158 33.49 15.80 0.34
C VAL A 158 32.06 15.37 0.63
N SER A 159 31.15 15.68 -0.30
CA SER A 159 29.74 15.33 -0.19
C SER A 159 29.35 14.37 -1.31
N ILE A 160 28.88 13.19 -0.90
CA ILE A 160 28.74 12.07 -1.81
C ILE A 160 27.26 11.75 -1.97
N ALA A 161 26.80 11.64 -3.22
CA ALA A 161 25.52 11.00 -3.49
C ALA A 161 25.81 9.62 -4.05
N LYS A 162 25.24 8.56 -3.46
CA LYS A 162 25.40 7.21 -3.97
C LYS A 162 24.08 6.69 -4.52
N VAL A 163 24.17 5.94 -5.63
CA VAL A 163 23.00 5.33 -6.25
C VAL A 163 23.47 4.02 -6.88
N LEU A 164 22.74 2.94 -6.61
CA LEU A 164 23.08 1.65 -7.21
C LEU A 164 22.29 1.49 -8.51
N LEU A 165 22.99 1.65 -9.64
CA LEU A 165 22.36 1.54 -10.93
C LEU A 165 22.47 0.12 -11.51
N PRO A 166 21.32 -0.43 -11.95
CA PRO A 166 21.28 -1.73 -12.62
C PRO A 166 21.64 -1.67 -14.10
N CYS A 167 22.79 -1.09 -14.44
CA CYS A 167 23.40 -1.36 -15.73
C CYS A 167 24.92 -1.39 -15.61
N ASN A 168 25.55 -1.97 -16.63
CA ASN A 168 26.99 -2.08 -16.71
C ASN A 168 27.64 -0.70 -16.63
N TRP A 169 28.87 -0.68 -16.06
CA TRP A 169 29.56 0.53 -15.66
C TRP A 169 29.94 1.40 -16.85
N ALA A 170 30.35 0.76 -17.96
CA ALA A 170 31.00 1.46 -19.06
C ALA A 170 30.12 2.62 -19.53
N GLN A 171 28.82 2.32 -19.67
CA GLN A 171 27.89 3.30 -20.22
C GLN A 171 27.76 4.50 -19.27
N ILE A 172 27.94 4.25 -17.98
CA ILE A 172 27.74 5.30 -16.98
C ILE A 172 28.92 6.27 -17.00
N LEU A 173 30.10 5.73 -17.26
CA LEU A 173 31.25 6.59 -17.38
C LEU A 173 31.14 7.39 -18.66
N GLU A 174 30.66 6.73 -19.71
CA GLU A 174 30.51 7.41 -20.98
C GLU A 174 29.72 8.71 -20.77
N GLY A 175 28.65 8.62 -19.96
CA GLY A 175 27.81 9.78 -19.69
C GLY A 175 28.54 10.91 -18.98
N ALA A 176 29.61 10.58 -18.27
CA ALA A 176 30.35 11.59 -17.52
C ALA A 176 31.33 12.32 -18.43
N ILE A 177 31.64 11.75 -19.60
CA ILE A 177 32.57 12.36 -20.53
C ILE A 177 31.83 12.68 -21.84
N ASP A 178 30.89 13.63 -21.77
CA ASP A 178 29.98 13.83 -22.90
C ASP A 178 29.41 15.25 -22.86
N SER A 179 30.29 16.25 -22.82
CA SER A 179 29.87 17.63 -22.59
C SER A 179 28.65 18.01 -23.43
N ALA A 180 28.51 17.34 -24.58
CA ALA A 180 27.44 17.56 -25.53
C ALA A 180 26.06 17.41 -24.87
N HIS A 181 25.91 16.34 -24.09
CA HIS A 181 24.61 15.90 -23.60
C HIS A 181 24.00 16.97 -22.69
N SER A 182 24.87 17.71 -22.02
CA SER A 182 24.36 18.64 -21.02
C SER A 182 23.58 19.77 -21.69
N SER A 183 23.90 20.07 -22.94
CA SER A 183 23.21 21.12 -23.67
C SER A 183 21.86 20.61 -24.19
N SER A 184 21.67 19.29 -24.20
CA SER A 184 20.36 18.72 -24.49
C SER A 184 19.67 18.23 -23.21
N LEU A 185 20.10 17.08 -22.68
CA LEU A 185 19.45 16.44 -21.55
C LEU A 185 19.32 17.40 -20.37
N HIS A 186 20.37 18.18 -20.07
CA HIS A 186 20.32 19.02 -18.88
C HIS A 186 20.07 20.48 -19.27
N SER A 187 19.33 20.69 -20.36
CA SER A 187 19.12 22.05 -20.83
C SER A 187 18.26 22.88 -19.86
N SER A 188 17.51 22.20 -18.98
CA SER A 188 16.57 22.85 -18.07
C SER A 188 17.18 23.05 -16.69
N ASP A 189 18.30 22.37 -16.42
CA ASP A 189 18.93 22.30 -15.11
C ASP A 189 20.20 23.15 -15.08
N MET A 190 21.00 23.03 -16.13
CA MET A 190 22.18 23.86 -16.30
C MET A 190 21.87 24.88 -17.39
N VAL A 191 21.33 26.03 -16.97
CA VAL A 191 20.67 26.99 -17.84
C VAL A 191 21.64 28.10 -18.23
N PRO A 192 21.53 28.64 -19.47
CA PRO A 192 22.38 29.76 -19.92
C PRO A 192 22.13 31.07 -19.16
N ALA A 193 23.24 31.78 -18.87
CA ALA A 193 23.18 33.06 -18.18
C ALA A 193 24.25 34.00 -18.73
N ARG A 194 24.41 35.17 -18.07
CA ARG A 194 24.95 36.36 -18.70
C ARG A 194 26.35 36.71 -18.17
N VAL A 195 26.65 36.42 -16.89
CA VAL A 195 28.00 36.63 -16.37
C VAL A 195 28.87 35.42 -16.73
N ASP A 196 30.19 35.61 -16.81
CA ASP A 196 31.13 34.64 -17.38
C ASP A 196 31.79 33.80 -16.29
N GLY A 197 31.94 32.49 -16.54
CA GLY A 197 32.76 31.64 -15.70
C GLY A 197 31.98 30.58 -14.91
N ALA A 198 30.66 30.48 -15.12
CA ALA A 198 29.79 29.39 -14.71
C ALA A 198 29.63 29.25 -13.19
N LYS A 199 28.35 29.22 -12.74
CA LYS A 199 27.98 29.38 -11.35
C LYS A 199 27.20 28.17 -10.82
N ALA A 200 27.35 27.93 -9.52
CA ALA A 200 26.41 27.15 -8.72
C ALA A 200 25.69 28.09 -7.75
N THR A 201 26.27 29.29 -7.59
CA THR A 201 25.80 30.32 -6.68
C THR A 201 24.33 30.61 -6.93
N ASP A 202 23.96 30.83 -8.20
CA ASP A 202 22.65 31.31 -8.59
C ASP A 202 21.62 30.18 -8.46
N LYS A 203 21.40 29.73 -7.21
CA LYS A 203 20.42 28.73 -6.80
C LYS A 203 20.71 27.39 -7.47
N THR A 204 20.70 27.40 -8.81
CA THR A 204 20.90 26.24 -9.67
C THR A 204 22.34 26.25 -10.19
N TRP A 205 22.56 25.66 -11.38
CA TRP A 205 23.80 25.81 -12.14
C TRP A 205 23.54 26.66 -13.38
N LEU A 206 24.62 27.14 -14.02
CA LEU A 206 24.59 28.30 -14.90
C LEU A 206 25.73 28.22 -15.92
N ARG A 207 25.42 28.51 -17.21
CA ARG A 207 26.42 28.44 -18.27
C ARG A 207 26.55 29.77 -19.01
N PRO A 208 27.79 30.30 -19.25
CA PRO A 208 27.98 31.55 -19.99
C PRO A 208 27.86 31.42 -21.52
N SER A 209 27.17 30.37 -21.97
CA SER A 209 27.08 30.01 -23.36
C SER A 209 25.71 29.40 -23.66
N THR A 210 25.36 29.31 -24.95
CA THR A 210 24.15 28.64 -25.43
C THR A 210 24.53 27.61 -26.51
N ASP A 211 25.83 27.49 -26.78
CA ASP A 211 26.39 26.59 -27.80
C ASP A 211 26.09 25.14 -27.42
N LYS A 212 25.45 24.40 -28.35
CA LYS A 212 25.00 23.03 -28.12
C LYS A 212 25.95 22.00 -28.76
N ALA A 213 26.84 22.48 -29.65
CA ALA A 213 27.76 21.62 -30.40
C ALA A 213 29.20 22.09 -30.27
N PRO A 214 29.85 21.93 -29.10
CA PRO A 214 31.22 22.40 -28.88
C PRO A 214 32.32 21.70 -29.70
N ARG A 215 33.38 22.44 -30.03
CA ARG A 215 34.57 21.84 -30.60
C ARG A 215 35.32 21.11 -29.47
N MET A 216 35.89 19.95 -29.79
CA MET A 216 36.41 19.07 -28.75
C MET A 216 37.81 18.58 -29.11
N GLN A 217 38.74 18.71 -28.14
CA GLN A 217 40.09 18.20 -28.27
C GLN A 217 40.45 17.28 -27.09
N VAL A 218 41.12 16.17 -27.41
CA VAL A 218 41.53 15.17 -26.44
C VAL A 218 43.05 15.26 -26.25
N GLN A 219 43.55 14.85 -25.08
CA GLN A 219 44.98 14.72 -24.83
C GLN A 219 45.25 13.56 -23.86
N ARG A 220 45.74 12.44 -24.40
CA ARG A 220 46.11 11.29 -23.59
C ARG A 220 47.14 11.66 -22.51
N THR A 221 47.26 10.77 -21.51
CA THR A 221 48.15 10.93 -20.37
C THR A 221 48.55 9.55 -19.86
N GLY A 222 49.38 9.53 -18.80
CA GLY A 222 49.80 8.30 -18.14
C GLY A 222 48.65 7.62 -17.39
N TYR A 223 47.68 8.42 -16.93
CA TYR A 223 46.66 7.95 -16.02
C TYR A 223 45.32 7.78 -16.71
N GLY A 224 45.20 8.28 -17.93
CA GLY A 224 43.94 8.30 -18.63
C GLY A 224 43.94 9.26 -19.81
N PHE A 225 43.23 10.40 -19.67
CA PHE A 225 43.28 11.47 -20.66
C PHE A 225 42.47 12.69 -20.22
N ARG A 226 42.90 13.88 -20.67
CA ARG A 226 42.18 15.12 -20.48
C ARG A 226 41.55 15.48 -21.81
N TYR A 227 40.44 16.23 -21.77
CA TYR A 227 39.87 16.82 -22.96
C TYR A 227 39.13 18.09 -22.58
N ALA A 228 38.92 18.92 -23.60
CA ALA A 228 38.26 20.20 -23.44
C ALA A 228 37.18 20.33 -24.50
N ALA A 229 36.07 20.96 -24.10
CA ALA A 229 34.97 21.27 -24.98
C ALA A 229 34.91 22.79 -25.11
N LEU A 230 35.15 23.28 -26.33
CA LEU A 230 35.26 24.72 -26.55
C LEU A 230 33.94 25.23 -27.11
N ARG A 231 33.31 26.15 -26.36
CA ARG A 231 32.05 26.75 -26.77
C ARG A 231 32.28 28.24 -27.08
N ARG A 232 31.59 28.72 -28.12
CA ARG A 232 31.44 30.15 -28.35
C ARG A 232 30.66 30.75 -27.18
N PRO A 233 31.25 31.69 -26.41
CA PRO A 233 30.51 32.33 -25.32
C PRO A 233 29.64 33.46 -25.87
N LEU A 234 28.72 33.96 -25.06
CA LEU A 234 27.95 35.14 -25.46
C LEU A 234 28.85 36.37 -25.38
N SER A 235 29.99 36.22 -24.70
CA SER A 235 30.91 37.32 -24.43
C SER A 235 32.10 37.28 -25.39
N ASN A 236 31.98 38.03 -26.50
CA ASN A 236 33.04 38.17 -27.50
C ASN A 236 33.42 36.80 -28.06
N ALA A 237 32.49 36.16 -28.78
CA ALA A 237 32.74 34.88 -29.44
C ALA A 237 33.86 35.03 -30.47
N ALA A 238 34.45 36.22 -30.52
CA ALA A 238 35.49 36.61 -31.46
C ALA A 238 36.84 36.05 -31.01
N GLU A 239 37.30 36.50 -29.83
CA GLU A 239 38.63 36.17 -29.33
C GLU A 239 38.56 35.07 -28.28
N ASN A 240 37.40 34.91 -27.65
CA ASN A 240 37.30 34.10 -26.45
C ASN A 240 36.61 32.76 -26.75
N ASP A 241 37.09 31.72 -26.07
CA ASP A 241 36.41 30.44 -26.00
C ASP A 241 36.05 30.13 -24.55
N TYR A 242 34.82 29.68 -24.34
CA TYR A 242 34.46 29.05 -23.08
C TYR A 242 34.93 27.59 -23.12
N VAL A 243 36.02 27.32 -22.38
CA VAL A 243 36.72 26.03 -22.35
C VAL A 243 36.24 25.25 -21.12
N ARG A 244 35.76 24.02 -21.34
CA ARG A 244 35.37 23.16 -20.23
C ARG A 244 36.18 21.87 -20.27
N SER A 245 37.18 21.76 -19.38
CA SER A 245 38.05 20.59 -19.42
C SER A 245 37.62 19.55 -18.38
N THR A 246 37.23 18.37 -18.90
CA THR A 246 37.02 17.19 -18.10
C THR A 246 38.28 16.31 -18.16
N VAL A 247 38.55 15.62 -17.04
CA VAL A 247 39.57 14.60 -17.01
C VAL A 247 38.91 13.22 -16.91
N PHE A 248 39.53 12.22 -17.54
CA PHE A 248 39.22 10.83 -17.28
C PHE A 248 40.42 10.20 -16.60
N VAL A 249 40.24 9.78 -15.32
CA VAL A 249 41.22 8.99 -14.59
C VAL A 249 40.79 7.53 -14.68
N ALA A 250 41.63 6.67 -15.25
CA ALA A 250 41.20 5.29 -15.43
C ALA A 250 41.18 4.62 -14.06
N PRO A 251 40.47 3.49 -13.87
CA PRO A 251 39.60 2.92 -14.92
C PRO A 251 38.19 3.48 -15.12
N ALA A 252 37.65 4.21 -14.12
CA ALA A 252 36.26 4.64 -14.22
C ALA A 252 35.95 5.86 -13.36
N THR A 253 36.86 6.83 -13.36
CA THR A 253 36.68 8.08 -12.64
C THR A 253 36.57 9.20 -13.67
N ALA A 254 35.64 10.14 -13.45
CA ALA A 254 35.52 11.34 -14.27
C ALA A 254 35.68 12.58 -13.40
N LEU A 255 36.67 13.41 -13.75
CA LEU A 255 36.76 14.73 -13.15
C LEU A 255 36.00 15.73 -14.00
N ILE A 256 34.83 16.16 -13.49
CA ILE A 256 33.82 16.98 -14.13
C ILE A 256 34.22 18.44 -13.91
N PRO A 257 33.93 19.35 -14.87
CA PRO A 257 34.31 20.76 -14.72
C PRO A 257 33.65 21.35 -13.47
N PRO A 258 34.41 22.07 -12.61
CA PRO A 258 33.81 22.72 -11.46
C PRO A 258 32.88 23.87 -11.84
N ASN A 259 32.29 24.47 -10.82
CA ASN A 259 31.66 25.77 -10.85
C ASN A 259 32.60 26.72 -10.08
N ASN A 260 32.05 27.85 -9.62
CA ASN A 260 32.90 28.87 -9.03
C ASN A 260 33.01 28.68 -7.53
N LEU A 261 32.30 27.69 -6.96
CA LEU A 261 32.34 27.46 -5.52
C LEU A 261 33.11 26.19 -5.16
N TYR A 262 32.89 25.11 -5.93
CA TYR A 262 33.34 23.78 -5.57
C TYR A 262 33.48 22.94 -6.82
N ASN A 263 34.09 21.76 -6.68
CA ASN A 263 34.40 20.85 -7.77
C ASN A 263 33.43 19.67 -7.75
N VAL A 264 33.47 18.85 -8.81
CA VAL A 264 32.48 17.81 -9.01
C VAL A 264 33.18 16.60 -9.59
N ALA A 265 32.93 15.41 -9.01
CA ALA A 265 33.60 14.18 -9.43
C ALA A 265 32.60 13.04 -9.55
N ASN A 266 32.92 12.07 -10.41
CA ASN A 266 32.12 10.86 -10.54
C ASN A 266 33.09 9.70 -10.42
N ILE A 267 32.80 8.72 -9.55
CA ILE A 267 33.59 7.50 -9.51
C ILE A 267 32.66 6.31 -9.51
N ASN A 268 32.90 5.38 -10.44
CA ASN A 268 32.00 4.29 -10.66
C ASN A 268 32.71 3.00 -10.26
N VAL A 269 31.96 2.14 -9.58
CA VAL A 269 32.52 0.91 -9.06
C VAL A 269 31.58 -0.20 -9.48
N PRO A 270 32.03 -1.11 -10.36
CA PRO A 270 31.16 -2.17 -10.88
C PRO A 270 30.87 -3.25 -9.86
N MET A 271 29.57 -3.50 -9.59
CA MET A 271 29.18 -4.51 -8.62
C MET A 271 29.29 -5.89 -9.26
N ASP A 272 29.07 -5.90 -10.58
CA ASP A 272 29.11 -7.08 -11.42
C ASP A 272 28.84 -6.65 -12.87
N ASP A 273 28.64 -7.63 -13.74
CA ASP A 273 28.48 -7.36 -15.16
C ASP A 273 27.37 -6.35 -15.45
N THR A 274 26.31 -6.33 -14.65
CA THR A 274 25.14 -5.56 -15.06
C THR A 274 24.67 -4.56 -14.00
N ASN A 275 25.54 -4.19 -13.05
CA ASN A 275 25.12 -3.38 -11.92
C ASN A 275 26.30 -2.56 -11.42
N THR A 276 26.13 -1.25 -11.25
CA THR A 276 27.23 -0.37 -10.89
C THR A 276 26.87 0.53 -9.71
N ALA A 277 27.81 0.64 -8.74
CA ALA A 277 27.81 1.66 -7.71
C ALA A 277 28.27 3.00 -8.30
N PHE A 278 27.37 3.97 -8.34
CA PHE A 278 27.60 5.29 -8.93
C PHE A 278 27.77 6.32 -7.81
N TYR A 279 28.97 6.85 -7.63
CA TYR A 279 29.24 7.84 -6.60
C TYR A 279 29.42 9.19 -7.28
N PHE A 280 28.65 10.20 -6.83
CA PHE A 280 28.68 11.52 -7.45
C PHE A 280 28.90 12.58 -6.36
N ILE A 281 30.06 13.23 -6.47
CA ILE A 281 30.75 13.84 -5.36
C ILE A 281 30.91 15.34 -5.60
N ALA A 282 30.48 16.14 -4.64
CA ALA A 282 30.85 17.55 -4.66
C ALA A 282 31.92 17.76 -3.60
N TRP A 283 32.99 18.49 -3.94
CA TRP A 283 34.08 18.69 -3.00
C TRP A 283 34.80 20.03 -3.19
N GLY A 284 35.39 20.50 -2.09
CA GLY A 284 36.05 21.78 -2.04
C GLY A 284 36.20 22.26 -0.60
N HIS A 285 36.27 23.58 -0.43
CA HIS A 285 36.44 24.16 0.89
C HIS A 285 35.09 24.06 1.63
N PRO A 286 35.10 23.69 2.93
CA PRO A 286 33.87 23.55 3.71
C PRO A 286 32.84 24.66 3.51
N SER A 287 33.31 25.89 3.29
CA SER A 287 32.40 27.02 3.34
C SER A 287 31.74 27.25 1.98
N GLN A 288 32.10 26.47 0.96
CA GLN A 288 31.62 26.76 -0.39
C GLN A 288 30.98 25.52 -1.04
N THR A 289 31.33 24.35 -0.50
CA THR A 289 30.80 23.05 -0.87
C THR A 289 29.57 22.77 -0.01
N PRO A 290 28.46 22.22 -0.57
CA PRO A 290 27.25 21.98 0.22
C PRO A 290 27.45 20.69 1.01
N GLU A 291 26.65 20.48 2.06
CA GLU A 291 26.77 19.31 2.91
C GLU A 291 26.11 18.09 2.26
N THR A 292 26.39 16.90 2.78
CA THR A 292 25.85 15.66 2.24
C THR A 292 24.36 15.80 1.85
N GLU A 293 23.50 16.19 2.81
CA GLU A 293 22.06 16.22 2.59
C GLU A 293 21.65 17.34 1.62
N THR A 294 22.34 18.48 1.65
CA THR A 294 22.07 19.53 0.68
C THR A 294 22.26 18.98 -0.74
N TRP A 295 23.41 18.36 -0.97
CA TRP A 295 23.79 17.74 -2.23
C TRP A 295 22.73 16.75 -2.72
N ARG A 296 22.32 15.82 -1.85
CA ARG A 296 21.38 14.81 -2.32
C ARG A 296 20.02 15.44 -2.66
N LYS A 297 19.60 16.46 -1.90
CA LYS A 297 18.27 16.99 -2.15
C LYS A 297 18.30 17.68 -3.50
N PHE A 298 19.41 18.36 -3.76
CA PHE A 298 19.59 19.06 -5.02
C PHE A 298 19.56 18.04 -6.16
N LEU A 299 20.33 16.95 -6.03
CA LEU A 299 20.44 15.93 -7.07
C LEU A 299 19.20 15.05 -7.17
N ARG A 300 18.30 15.14 -6.18
CA ARG A 300 17.21 14.18 -5.94
C ARG A 300 17.77 12.77 -5.79
N GLN A 301 18.73 12.61 -4.88
CA GLN A 301 19.22 11.31 -4.46
C GLN A 301 19.10 11.17 -2.95
N THR A 302 18.02 11.71 -2.37
CA THR A 302 17.79 11.56 -0.94
C THR A 302 17.26 10.15 -0.63
N VAL A 303 17.95 9.48 0.29
CA VAL A 303 17.52 8.18 0.76
C VAL A 303 16.19 8.32 1.51
N GLY A 304 15.17 7.57 1.06
CA GLY A 304 13.87 7.58 1.69
C GLY A 304 12.87 8.44 0.91
N VAL A 305 13.40 9.27 0.01
CA VAL A 305 12.55 10.00 -0.92
C VAL A 305 12.85 9.54 -2.35
N ASP A 306 14.13 9.53 -2.74
CA ASP A 306 14.49 9.13 -4.09
C ASP A 306 14.92 7.67 -4.11
N LEU A 307 15.78 7.31 -3.14
CA LEU A 307 16.36 5.98 -3.13
C LEU A 307 15.69 5.20 -2.02
N ASP A 308 15.91 3.88 -1.97
CA ASP A 308 15.46 3.11 -0.82
C ASP A 308 16.65 2.86 0.11
N GLN A 309 16.48 2.01 1.10
CA GLN A 309 17.45 1.97 2.18
C GLN A 309 18.80 1.46 1.68
N ASN A 310 18.84 0.83 0.49
CA ASN A 310 20.05 0.27 -0.07
C ASN A 310 20.62 1.15 -1.17
N TYR A 311 20.07 2.36 -1.32
CA TYR A 311 20.58 3.37 -2.24
C TYR A 311 20.21 3.04 -3.68
N ARG A 312 19.16 2.24 -3.88
CA ARG A 312 18.65 1.92 -5.21
C ARG A 312 17.54 2.90 -5.53
N PRO A 313 17.38 3.33 -6.80
CA PRO A 313 16.37 4.33 -7.16
C PRO A 313 14.95 3.77 -7.14
N LEU A 314 13.99 4.62 -6.76
CA LEU A 314 12.59 4.27 -6.86
C LEU A 314 12.06 4.61 -8.25
N ARG A 315 12.75 5.52 -8.95
CA ARG A 315 12.49 5.74 -10.37
C ARG A 315 12.98 4.52 -11.16
N ASN A 316 12.15 4.02 -12.08
CA ASN A 316 12.52 2.86 -12.86
C ASN A 316 11.78 2.88 -14.20
N GLU A 317 12.14 1.94 -15.07
CA GLU A 317 11.60 1.83 -16.41
C GLU A 317 10.07 1.83 -16.37
N ALA A 318 9.51 1.13 -15.37
CA ALA A 318 8.09 0.84 -15.32
C ALA A 318 7.28 2.10 -15.02
N ASN A 319 7.79 2.98 -14.15
CA ASN A 319 7.09 4.22 -13.85
C ASN A 319 7.69 5.36 -14.67
N LYS A 320 8.51 4.99 -15.66
CA LYS A 320 9.05 5.96 -16.61
C LYS A 320 9.84 7.06 -15.88
N PHE A 321 10.53 6.69 -14.81
CA PHE A 321 11.38 7.59 -14.04
C PHE A 321 10.62 8.84 -13.59
N TRP A 322 9.30 8.71 -13.44
CA TRP A 322 8.43 9.79 -12.99
C TRP A 322 8.46 10.95 -13.99
N GLN A 323 8.72 10.61 -15.27
CA GLN A 323 8.65 11.57 -16.35
C GLN A 323 7.26 12.21 -16.35
N ASP A 324 7.23 13.50 -16.06
CA ASP A 324 6.01 14.26 -16.03
C ASP A 324 5.78 14.85 -17.41
N ARG A 325 4.84 14.26 -18.16
CA ARG A 325 4.56 14.69 -19.52
C ARG A 325 4.06 16.13 -19.61
N ASN A 326 3.26 16.56 -18.62
CA ASN A 326 2.77 17.92 -18.59
C ASN A 326 3.93 18.90 -18.46
N ALA A 327 4.85 18.65 -17.51
CA ALA A 327 6.00 19.52 -17.37
C ALA A 327 6.70 19.71 -18.72
N MET A 328 6.77 18.63 -19.51
CA MET A 328 7.41 18.71 -20.82
C MET A 328 6.66 19.67 -21.75
N LYS A 329 5.33 19.61 -21.78
CA LYS A 329 4.59 20.52 -22.65
C LYS A 329 4.77 21.95 -22.13
N ALA A 330 4.75 22.12 -20.80
CA ALA A 330 4.99 23.38 -20.13
C ALA A 330 6.45 23.80 -20.23
N GLY A 331 7.24 23.06 -21.01
CA GLY A 331 8.58 23.51 -21.40
C GLY A 331 9.67 23.12 -20.42
N ASN A 332 9.55 21.97 -19.78
CA ASN A 332 10.71 21.45 -19.07
C ASN A 332 11.27 20.37 -20.00
N PHE A 333 12.59 20.29 -20.17
CA PHE A 333 13.10 19.54 -21.31
C PHE A 333 12.76 18.05 -21.18
N THR A 334 13.15 17.44 -20.05
CA THR A 334 13.05 15.98 -19.91
C THR A 334 11.76 15.59 -19.17
N GLY A 335 11.28 16.47 -18.29
CA GLY A 335 10.17 16.12 -17.42
C GLY A 335 10.59 15.19 -16.27
N ILE A 336 11.91 15.09 -16.00
CA ILE A 336 12.43 14.26 -14.93
C ILE A 336 13.27 15.11 -13.98
N THR A 337 13.12 14.89 -12.68
CA THR A 337 13.62 15.87 -11.72
C THR A 337 14.90 15.40 -11.05
N GLY A 338 15.90 16.29 -11.02
CA GLY A 338 17.21 15.94 -10.51
C GLY A 338 18.06 15.42 -11.67
N PHE A 339 19.07 16.22 -12.05
CA PHE A 339 19.74 16.09 -13.33
C PHE A 339 20.40 14.70 -13.49
N PRO A 340 20.94 14.06 -12.42
CA PRO A 340 21.51 12.72 -12.55
C PRO A 340 20.43 11.68 -12.83
N ASN A 341 19.19 12.03 -12.48
CA ASN A 341 18.07 11.14 -12.75
C ASN A 341 17.79 11.11 -14.25
N GLN A 342 18.05 12.25 -14.91
CA GLN A 342 17.86 12.38 -16.34
C GLN A 342 18.85 11.49 -17.08
N ASP A 343 20.07 11.37 -16.55
CA ASP A 343 21.08 10.50 -17.15
C ASP A 343 20.66 9.03 -17.01
N VAL A 344 20.10 8.71 -15.84
CA VAL A 344 19.76 7.35 -15.48
C VAL A 344 18.69 6.81 -16.43
N ALA A 345 17.71 7.65 -16.74
CA ALA A 345 16.65 7.25 -17.65
C ALA A 345 17.25 6.89 -19.00
N MET A 346 18.30 7.63 -19.40
CA MET A 346 18.97 7.29 -20.64
C MET A 346 19.76 6.02 -20.41
N TRP A 347 20.67 6.06 -19.43
CA TRP A 347 21.64 4.97 -19.30
C TRP A 347 20.94 3.61 -19.22
N LEU A 348 19.76 3.57 -18.58
CA LEU A 348 19.21 2.27 -18.29
C LEU A 348 18.50 1.73 -19.52
N THR A 349 17.93 2.63 -20.32
CA THR A 349 17.14 2.20 -21.47
C THR A 349 18.04 1.65 -22.58
N MET A 350 19.35 1.95 -22.52
CA MET A 350 20.36 1.45 -23.46
C MET A 350 20.58 -0.05 -23.27
N GLY A 351 20.05 -0.60 -22.16
CA GLY A 351 20.17 -2.02 -21.86
C GLY A 351 21.15 -2.28 -20.72
N PRO A 352 21.11 -3.48 -20.09
CA PRO A 352 22.01 -3.80 -18.98
C PRO A 352 23.48 -3.55 -19.31
N ILE A 353 23.90 -4.01 -20.49
CA ILE A 353 25.16 -3.62 -21.12
C ILE A 353 24.80 -3.03 -22.48
N ALA A 354 25.18 -1.77 -22.70
CA ALA A 354 24.94 -1.12 -23.98
C ALA A 354 25.57 -1.90 -25.13
N ASP A 355 24.84 -2.00 -26.25
CA ASP A 355 25.34 -2.71 -27.41
C ASP A 355 26.12 -1.72 -28.29
N ARG A 356 27.37 -1.45 -27.93
CA ARG A 356 28.17 -0.41 -28.59
C ARG A 356 28.39 -0.73 -30.07
N THR A 357 27.97 -1.92 -30.48
CA THR A 357 28.06 -2.43 -31.83
C THR A 357 27.10 -1.67 -32.75
N HIS A 358 26.06 -1.05 -32.18
CA HIS A 358 25.04 -0.46 -33.02
C HIS A 358 25.10 1.07 -32.97
N ASP A 359 26.19 1.60 -32.40
CA ASP A 359 26.27 3.04 -32.14
C ASP A 359 26.58 3.72 -33.47
N ARG A 360 26.11 4.97 -33.63
CA ARG A 360 26.43 5.79 -34.78
C ARG A 360 27.02 7.10 -34.29
N LEU A 361 28.34 7.14 -34.13
CA LEU A 361 28.97 8.20 -33.36
C LEU A 361 29.37 9.36 -34.25
N GLY A 362 29.49 10.54 -33.64
CA GLY A 362 29.83 11.74 -34.37
C GLY A 362 30.93 12.52 -33.68
N ALA A 363 31.16 13.74 -34.18
CA ALA A 363 32.20 14.62 -33.68
C ALA A 363 32.07 14.79 -32.17
N SER A 364 30.83 14.81 -31.67
CA SER A 364 30.57 15.11 -30.27
C SER A 364 30.94 13.92 -29.37
N ASP A 365 31.10 12.74 -29.97
CA ASP A 365 31.37 11.52 -29.23
C ASP A 365 32.86 11.28 -29.07
N LEU A 366 33.65 12.32 -29.34
CA LEU A 366 35.07 12.13 -29.54
C LEU A 366 35.69 11.56 -28.28
N ALA A 367 35.19 12.03 -27.13
CA ALA A 367 35.78 11.69 -25.85
C ALA A 367 35.47 10.23 -25.54
N ILE A 368 34.27 9.81 -25.98
CA ILE A 368 33.75 8.48 -25.70
C ILE A 368 34.53 7.47 -26.52
N VAL A 369 35.01 7.93 -27.68
CA VAL A 369 35.73 7.05 -28.59
C VAL A 369 37.15 6.87 -28.08
N GLU A 370 37.74 7.97 -27.57
CA GLU A 370 39.03 7.93 -26.91
C GLU A 370 39.02 6.96 -25.73
N PHE A 371 37.99 7.09 -24.87
CA PHE A 371 37.73 6.14 -23.79
C PHE A 371 37.86 4.70 -24.29
N ARG A 372 36.97 4.32 -25.22
CA ARG A 372 36.90 2.97 -25.74
C ARG A 372 38.26 2.49 -26.20
N LYS A 373 38.94 3.29 -27.04
CA LYS A 373 40.26 2.91 -27.52
C LYS A 373 41.20 2.69 -26.34
N GLN A 374 41.39 3.71 -25.51
CA GLN A 374 42.33 3.68 -24.40
C GLN A 374 42.15 2.42 -23.54
N MET A 375 40.90 2.17 -23.12
CA MET A 375 40.61 1.08 -22.20
C MET A 375 40.69 -0.26 -22.92
N LEU A 376 40.23 -0.34 -24.17
CA LEU A 376 40.47 -1.57 -24.92
C LEU A 376 41.98 -1.84 -25.07
N ASP A 377 42.79 -0.78 -25.18
CA ASP A 377 44.22 -0.95 -25.31
C ASP A 377 44.82 -1.39 -23.99
N ALA A 378 44.39 -0.73 -22.90
CA ALA A 378 44.93 -0.97 -21.59
C ALA A 378 44.64 -2.39 -21.12
N VAL A 379 43.44 -2.92 -21.40
CA VAL A 379 43.12 -4.23 -20.87
C VAL A 379 43.90 -5.27 -21.67
N LYS A 380 43.94 -5.08 -23.01
CA LYS A 380 44.77 -5.92 -23.86
C LYS A 380 46.20 -5.95 -23.31
N ALA A 381 46.76 -4.77 -23.00
CA ALA A 381 48.15 -4.65 -22.55
C ALA A 381 48.35 -5.43 -21.25
N PHE A 382 47.45 -5.20 -20.28
CA PHE A 382 47.54 -5.78 -18.94
C PHE A 382 47.47 -7.31 -18.99
N GLU A 383 46.70 -7.80 -19.95
CA GLU A 383 46.51 -9.22 -20.23
C GLU A 383 47.81 -9.78 -20.82
N GLN A 384 48.68 -8.92 -21.36
CA GLN A 384 49.95 -9.37 -21.91
C GLN A 384 51.12 -8.86 -21.05
N GLY A 385 50.82 -8.54 -19.79
CA GLY A 385 51.84 -8.39 -18.78
C GLY A 385 52.10 -6.93 -18.42
N ALA A 386 51.43 -6.00 -19.12
CA ALA A 386 51.68 -4.59 -18.85
C ALA A 386 51.15 -4.21 -17.47
N PRO A 387 51.67 -3.14 -16.83
CA PRO A 387 51.09 -2.62 -15.59
C PRO A 387 49.74 -1.98 -15.93
N ALA A 388 48.77 -2.12 -15.02
CA ALA A 388 47.44 -1.57 -15.23
C ALA A 388 47.52 -0.06 -15.36
N ILE A 389 46.75 0.46 -16.32
CA ILE A 389 46.75 1.88 -16.62
C ILE A 389 46.56 2.68 -15.33
N GLY A 390 47.48 3.63 -15.09
CA GLY A 390 47.38 4.59 -14.01
C GLY A 390 47.90 4.07 -12.67
N THR A 391 48.68 2.99 -12.69
CA THR A 391 49.36 2.51 -11.49
C THR A 391 50.83 2.92 -11.51
N GLY A 392 51.45 2.84 -10.33
CA GLY A 392 52.82 3.31 -10.12
C GLY A 392 52.90 4.83 -10.24
N VAL A 393 53.99 5.29 -10.85
CA VAL A 393 54.35 6.70 -10.95
C VAL A 393 53.45 7.40 -11.98
N GLU A 394 52.71 6.65 -12.80
CA GLU A 394 51.89 7.21 -13.85
C GLU A 394 50.59 7.82 -13.30
N ALA A 395 50.28 7.47 -12.05
CA ALA A 395 49.00 7.74 -11.38
C ALA A 395 48.72 9.23 -11.29
N ALA A 396 47.45 9.62 -11.54
CA ALA A 396 46.96 10.97 -11.28
C ALA A 396 47.22 11.31 -9.81
N THR A 397 47.21 12.61 -9.49
CA THR A 397 47.36 13.04 -8.10
C THR A 397 46.43 14.21 -7.82
N PRO A 398 46.42 14.74 -6.57
CA PRO A 398 45.73 15.99 -6.25
C PRO A 398 45.92 17.15 -7.25
N THR A 399 46.95 17.07 -8.12
CA THR A 399 47.34 18.19 -8.97
C THR A 399 46.70 18.17 -10.37
N VAL A 400 46.30 16.99 -10.86
CA VAL A 400 45.43 16.88 -12.04
C VAL A 400 44.04 17.40 -11.66
N CYS A 401 43.41 18.19 -12.54
CA CYS A 401 42.13 18.79 -12.20
C CYS A 401 41.33 19.20 -13.44
N SER A 402 40.01 19.09 -13.31
CA SER A 402 39.07 19.69 -14.26
C SER A 402 39.04 21.21 -14.04
N PHE A 403 38.68 21.96 -15.09
CA PHE A 403 38.53 23.41 -14.99
C PHE A 403 37.52 23.90 -16.01
N GLN A 404 36.96 25.10 -15.77
CA GLN A 404 36.23 25.83 -16.79
C GLN A 404 36.61 27.31 -16.76
N ALA A 405 36.62 27.94 -17.95
CA ALA A 405 37.16 29.28 -18.11
C ALA A 405 36.84 29.84 -19.50
N ILE A 406 36.60 31.16 -19.53
CA ILE A 406 36.67 31.92 -20.77
C ILE A 406 38.13 32.31 -20.96
N VAL A 407 38.74 31.74 -22.00
CA VAL A 407 40.17 31.87 -22.26
C VAL A 407 40.38 32.17 -23.75
N PRO A 408 41.26 33.14 -24.11
CA PRO A 408 41.39 33.60 -25.50
C PRO A 408 41.86 32.48 -26.40
N LYS A 409 41.50 32.55 -27.69
CA LYS A 409 41.81 31.52 -28.67
C LYS A 409 43.32 31.42 -28.88
N THR A 410 44.09 32.33 -28.24
CA THR A 410 45.51 32.52 -28.47
C THR A 410 46.35 31.72 -27.47
N THR A 411 45.71 31.27 -26.39
CA THR A 411 46.34 30.39 -25.42
C THR A 411 45.85 28.96 -25.67
N ASP A 412 46.63 27.97 -25.20
CA ASP A 412 46.32 26.57 -25.42
C ASP A 412 45.73 25.97 -24.14
N TRP A 413 44.58 25.30 -24.25
CA TRP A 413 43.85 24.78 -23.09
C TRP A 413 44.73 23.82 -22.30
N ARG A 414 45.51 23.04 -23.04
CA ARG A 414 46.34 21.96 -22.50
C ARG A 414 47.53 22.55 -21.74
N THR A 415 47.58 23.87 -21.66
CA THR A 415 48.75 24.61 -21.22
C THR A 415 48.36 25.58 -20.12
N TYR A 416 47.05 25.62 -19.82
CA TYR A 416 46.49 26.56 -18.87
C TYR A 416 46.73 26.04 -17.45
N ASP A 417 47.47 26.81 -16.64
CA ASP A 417 47.72 26.44 -15.25
C ASP A 417 46.44 26.63 -14.45
N ALA A 418 45.73 25.52 -14.23
CA ALA A 418 44.55 25.47 -13.37
C ALA A 418 44.87 24.74 -12.06
N HIS A 419 44.36 25.31 -10.97
CA HIS A 419 44.25 24.59 -9.70
C HIS A 419 42.76 24.34 -9.47
N TYR A 420 42.44 23.26 -8.75
CA TYR A 420 41.06 22.94 -8.42
C TYR A 420 40.46 24.06 -7.55
N VAL A 421 39.15 24.32 -7.68
CA VAL A 421 38.51 25.44 -7.01
C VAL A 421 38.60 25.26 -5.49
N TRP A 422 38.68 26.38 -4.76
CA TRP A 422 38.91 26.36 -3.32
C TRP A 422 38.47 27.68 -2.68
N LEU A 423 39.07 28.81 -3.11
CA LEU A 423 38.72 30.15 -2.63
C LEU A 423 39.32 31.22 -3.55
N MET B 1 -2.84 25.62 42.02
CA MET B 1 -3.46 25.15 40.76
C MET B 1 -3.61 26.34 39.81
N MET B 2 -4.18 26.10 38.64
CA MET B 2 -4.81 27.11 37.80
C MET B 2 -6.28 26.73 37.73
N THR B 3 -7.15 27.66 37.35
CA THR B 3 -8.55 27.28 37.17
C THR B 3 -8.83 27.06 35.68
N HIS B 4 -9.90 26.31 35.41
CA HIS B 4 -10.32 25.94 34.06
C HIS B 4 -10.37 27.17 33.17
N GLU B 5 -10.87 28.29 33.72
CA GLU B 5 -11.13 29.51 32.97
C GLU B 5 -9.80 30.16 32.60
N GLU B 6 -8.82 30.05 33.50
CA GLU B 6 -7.51 30.62 33.26
C GLU B 6 -6.84 29.94 32.07
N ASN B 7 -6.92 28.60 32.06
CA ASN B 7 -6.39 27.74 31.00
C ASN B 7 -6.99 28.12 29.66
N GLU B 8 -8.33 28.24 29.64
CA GLU B 8 -9.06 28.63 28.43
C GLU B 8 -8.50 29.96 27.93
N LEU B 9 -8.34 30.89 28.86
CA LEU B 9 -7.93 32.26 28.60
C LEU B 9 -6.55 32.25 27.98
N LEU B 10 -5.66 31.45 28.60
CA LEU B 10 -4.26 31.32 28.20
C LEU B 10 -4.11 30.62 26.85
N CYS B 11 -5.02 29.68 26.52
CA CYS B 11 -4.81 28.78 25.38
C CYS B 11 -5.56 29.18 24.11
N ARG B 12 -6.88 29.36 24.18
CA ARG B 12 -7.69 29.60 22.99
C ARG B 12 -7.27 30.87 22.25
N VAL B 13 -7.28 30.82 20.92
CA VAL B 13 -6.87 31.94 20.08
C VAL B 13 -7.90 32.21 18.99
N GLU B 14 -8.74 31.20 18.69
CA GLU B 14 -9.66 31.27 17.56
C GLU B 14 -10.62 32.44 17.77
N GLY B 15 -10.78 33.27 16.72
CA GLY B 15 -11.88 34.21 16.62
C GLY B 15 -11.72 35.43 17.54
N ASP B 16 -12.44 35.43 18.66
CA ASP B 16 -12.42 36.60 19.52
C ASP B 16 -11.56 36.40 20.76
N ALA B 17 -11.08 35.18 21.01
CA ALA B 17 -10.33 34.91 22.23
C ALA B 17 -9.25 35.98 22.43
N PRO B 18 -9.12 36.53 23.65
CA PRO B 18 -8.14 37.58 23.90
C PRO B 18 -6.71 37.21 23.50
N MET B 19 -6.26 36.03 23.92
CA MET B 19 -4.89 35.63 23.61
C MET B 19 -4.66 35.77 22.11
N GLY B 20 -5.68 35.40 21.33
CA GLY B 20 -5.70 35.56 19.89
C GLY B 20 -5.38 36.99 19.45
N ARG B 21 -6.25 37.92 19.90
CA ARG B 21 -6.09 39.33 19.58
C ARG B 21 -4.69 39.78 19.96
N LEU B 22 -4.27 39.44 21.20
CA LEU B 22 -2.96 39.79 21.73
C LEU B 22 -1.86 39.36 20.76
N MET B 23 -1.86 38.07 20.41
CA MET B 23 -0.76 37.52 19.62
C MET B 23 -0.68 38.20 18.27
N ARG B 24 -1.83 38.68 17.77
CA ARG B 24 -1.88 39.28 16.45
C ARG B 24 -1.32 40.70 16.51
N ARG B 25 -0.92 41.13 17.72
CA ARG B 25 -0.22 42.40 17.84
C ARG B 25 1.25 42.24 17.44
N HIS B 26 1.65 41.00 17.11
CA HIS B 26 3.01 40.72 16.68
C HIS B 26 2.97 40.15 15.27
N TRP B 27 3.96 40.54 14.45
CA TRP B 27 4.26 39.87 13.19
C TRP B 27 4.31 38.36 13.44
N THR B 28 3.77 37.58 12.50
CA THR B 28 3.70 36.13 12.70
C THR B 28 4.23 35.39 11.48
N PRO B 29 5.07 34.36 11.68
CA PRO B 29 5.35 33.38 10.61
C PRO B 29 4.09 32.66 10.13
N ILE B 30 3.92 32.66 8.82
CA ILE B 30 2.75 32.06 8.18
C ILE B 30 3.18 30.75 7.53
N CYS B 31 4.36 30.78 6.90
CA CYS B 31 4.96 29.59 6.33
C CYS B 31 6.36 29.90 5.82
N LEU B 32 7.03 28.88 5.28
CA LEU B 32 8.42 28.95 4.86
C LEU B 32 8.50 29.55 3.46
N VAL B 33 9.59 30.29 3.21
CA VAL B 33 9.89 30.86 1.90
C VAL B 33 9.94 29.76 0.84
N GLU B 34 10.42 28.58 1.22
CA GLU B 34 10.67 27.51 0.26
C GLU B 34 9.36 26.88 -0.19
N GLU B 35 8.26 27.17 0.51
CA GLU B 35 6.98 26.61 0.13
C GLU B 35 6.40 27.39 -1.05
N VAL B 36 6.72 28.69 -1.14
CA VAL B 36 6.04 29.54 -2.10
C VAL B 36 6.78 29.56 -3.43
N GLY B 37 8.05 29.16 -3.39
CA GLY B 37 8.83 28.89 -4.59
C GLY B 37 9.09 30.13 -5.44
N GLU B 38 8.99 29.94 -6.76
CA GLU B 38 9.37 30.96 -7.73
C GLU B 38 8.23 31.95 -7.94
N PRO B 39 8.50 33.17 -8.45
CA PRO B 39 7.45 34.00 -9.05
C PRO B 39 6.50 33.13 -9.88
N ASP B 40 5.19 33.25 -9.60
CA ASP B 40 4.11 32.59 -10.33
C ASP B 40 4.07 31.11 -9.95
N GLY B 41 4.48 30.81 -8.73
CA GLY B 41 4.53 29.43 -8.28
C GLY B 41 3.21 29.01 -7.66
N THR B 42 3.11 27.70 -7.41
CA THR B 42 1.94 27.08 -6.83
C THR B 42 1.50 27.87 -5.60
N PRO B 43 0.19 28.12 -5.42
CA PRO B 43 -0.28 28.77 -4.21
C PRO B 43 -0.20 27.75 -3.08
N VAL B 44 -0.32 28.22 -1.84
CA VAL B 44 0.08 27.45 -0.68
C VAL B 44 -0.98 27.69 0.37
N LYS B 45 -1.49 26.62 1.00
CA LYS B 45 -2.42 26.78 2.11
C LYS B 45 -1.63 26.96 3.39
N ALA B 46 -2.15 27.85 4.25
CA ALA B 46 -1.60 28.03 5.58
C ALA B 46 -2.74 28.34 6.57
N ARG B 47 -2.43 28.26 7.87
CA ARG B 47 -3.46 28.54 8.85
C ARG B 47 -2.85 29.22 10.07
N ALA B 48 -3.49 30.32 10.51
CA ALA B 48 -3.10 31.09 11.68
C ALA B 48 -4.36 31.58 12.41
N PHE B 49 -4.33 31.43 13.75
CA PHE B 49 -5.39 31.88 14.65
C PHE B 49 -6.77 31.54 14.11
N GLY B 50 -6.84 30.39 13.45
CA GLY B 50 -8.11 29.86 12.96
C GLY B 50 -8.56 30.45 11.62
N GLU B 51 -7.74 31.27 10.96
CA GLU B 51 -8.07 31.68 9.59
C GLU B 51 -7.27 30.87 8.58
N ASP B 52 -7.98 30.44 7.53
CA ASP B 52 -7.33 29.81 6.40
C ASP B 52 -6.76 30.88 5.48
N LEU B 53 -5.54 30.65 4.97
CA LEU B 53 -4.83 31.64 4.18
C LEU B 53 -4.29 30.99 2.92
N VAL B 54 -4.22 31.78 1.82
CA VAL B 54 -3.37 31.49 0.68
C VAL B 54 -2.09 32.30 0.81
N VAL B 55 -0.95 31.66 0.53
CA VAL B 55 0.29 32.39 0.32
C VAL B 55 0.62 32.12 -1.14
N PHE B 56 1.08 33.14 -1.87
CA PHE B 56 1.51 32.96 -3.26
C PHE B 56 2.50 34.06 -3.62
N ARG B 57 3.29 33.82 -4.66
CA ARG B 57 4.23 34.83 -5.11
C ARG B 57 3.91 35.19 -6.57
N ASP B 58 3.61 36.49 -6.81
CA ASP B 58 3.18 36.97 -8.11
C ASP B 58 4.39 37.09 -9.02
N SER B 59 4.15 37.54 -10.26
CA SER B 59 5.14 37.54 -11.32
C SER B 59 6.28 38.48 -10.98
N GLU B 60 5.98 39.48 -10.15
CA GLU B 60 6.95 40.50 -9.77
C GLU B 60 7.80 39.95 -8.63
N GLY B 61 7.26 38.93 -7.95
CA GLY B 61 8.02 38.31 -6.88
C GLY B 61 7.53 38.73 -5.51
N ARG B 62 6.50 39.60 -5.45
CA ARG B 62 5.90 39.94 -4.17
C ARG B 62 5.09 38.76 -3.65
N VAL B 63 5.16 38.56 -2.34
CA VAL B 63 4.46 37.45 -1.72
C VAL B 63 3.20 38.01 -1.07
N GLY B 64 2.12 37.25 -1.18
CA GLY B 64 0.85 37.66 -0.60
C GLY B 64 0.32 36.63 0.39
N VAL B 65 -0.26 37.12 1.49
CA VAL B 65 -1.01 36.26 2.36
C VAL B 65 -2.40 36.84 2.49
N MET B 66 -3.39 36.15 1.90
CA MET B 66 -4.77 36.62 1.92
C MET B 66 -5.64 35.55 2.56
N ASP B 67 -6.94 35.79 2.55
CA ASP B 67 -7.88 34.83 3.09
C ASP B 67 -7.99 33.76 2.02
N GLU B 68 -8.19 32.50 2.40
CA GLU B 68 -8.21 31.39 1.45
C GLU B 68 -9.47 31.47 0.58
N TYR B 69 -10.57 31.92 1.17
CA TYR B 69 -11.88 31.78 0.57
C TYR B 69 -12.22 33.00 -0.28
N CYS B 70 -12.52 32.72 -1.54
CA CYS B 70 -12.73 33.73 -2.57
C CYS B 70 -13.75 34.77 -2.12
N PRO B 71 -13.52 36.08 -2.40
CA PRO B 71 -14.42 37.12 -1.89
C PRO B 71 -15.76 37.02 -2.59
N HIS B 72 -15.77 36.44 -3.80
CA HIS B 72 -16.97 36.27 -4.60
C HIS B 72 -17.99 35.36 -3.91
N ARG B 73 -17.73 34.03 -3.94
CA ARG B 73 -18.67 32.99 -3.55
C ARG B 73 -18.00 31.85 -2.75
N ARG B 74 -16.70 31.99 -2.45
CA ARG B 74 -16.06 31.36 -1.29
C ARG B 74 -15.26 30.11 -1.64
N ALA B 75 -15.10 29.81 -2.94
CA ALA B 75 -14.23 28.70 -3.30
C ALA B 75 -12.81 28.99 -2.78
N SER B 76 -11.97 27.96 -2.73
CA SER B 76 -10.61 28.15 -2.27
C SER B 76 -9.75 28.66 -3.42
N LEU B 77 -9.03 29.76 -3.17
CA LEU B 77 -8.07 30.37 -4.06
C LEU B 77 -6.82 29.50 -4.15
N VAL B 78 -6.73 28.45 -3.33
CA VAL B 78 -5.55 27.60 -3.36
C VAL B 78 -5.53 26.86 -4.69
N TYR B 79 -6.71 26.76 -5.31
CA TYR B 79 -6.85 26.10 -6.60
C TYR B 79 -6.55 27.07 -7.73
N GLY B 80 -6.49 28.38 -7.42
CA GLY B 80 -6.42 29.46 -8.38
C GLY B 80 -5.19 29.41 -9.28
N ARG B 81 -5.22 30.24 -10.33
CA ARG B 81 -4.09 30.41 -11.24
C ARG B 81 -3.31 31.66 -10.86
N ASN B 82 -2.03 31.42 -10.53
CA ASN B 82 -1.13 32.45 -10.07
C ASN B 82 -0.28 32.89 -11.25
N GLU B 83 -0.66 34.02 -11.86
CA GLU B 83 0.02 34.56 -13.03
C GLU B 83 -0.40 36.01 -13.27
N GLU B 84 0.43 36.72 -14.05
CA GLU B 84 0.19 38.09 -14.46
C GLU B 84 -0.17 38.95 -13.24
N GLY B 85 0.66 38.85 -12.19
CA GLY B 85 0.55 39.71 -11.02
C GLY B 85 -0.73 39.54 -10.20
N GLY B 86 -1.27 38.31 -10.16
CA GLY B 86 -2.41 38.01 -9.31
C GLY B 86 -2.78 36.53 -9.24
N LEU B 87 -3.77 36.24 -8.38
CA LEU B 87 -4.27 34.90 -8.16
C LEU B 87 -5.71 34.89 -8.66
N ARG B 88 -5.96 34.12 -9.70
CA ARG B 88 -7.31 34.07 -10.26
C ARG B 88 -8.04 32.84 -9.76
N CYS B 89 -9.22 33.07 -9.17
CA CYS B 89 -10.12 32.01 -8.77
C CYS B 89 -10.52 31.22 -10.03
N LEU B 90 -10.83 29.94 -9.86
CA LEU B 90 -11.08 29.08 -11.00
C LEU B 90 -12.57 29.14 -11.33
N TYR B 91 -13.37 29.59 -10.37
CA TYR B 91 -14.80 29.43 -10.50
C TYR B 91 -15.36 30.44 -11.50
N HIS B 92 -15.18 31.73 -11.22
CA HIS B 92 -15.72 32.76 -12.09
C HIS B 92 -14.63 33.74 -12.54
N GLY B 93 -13.38 33.42 -12.21
CA GLY B 93 -12.24 34.18 -12.67
C GLY B 93 -12.14 35.60 -12.08
N TRP B 94 -12.39 35.76 -10.77
CA TRP B 94 -11.92 36.96 -10.08
C TRP B 94 -10.43 36.79 -9.80
N LYS B 95 -9.68 37.87 -10.01
CA LYS B 95 -8.24 37.88 -9.91
C LYS B 95 -7.82 38.94 -8.88
N MET B 96 -7.01 38.54 -7.90
CA MET B 96 -6.65 39.43 -6.79
C MET B 96 -5.14 39.62 -6.81
N ASP B 97 -4.68 40.86 -6.60
CA ASP B 97 -3.26 41.09 -6.42
C ASP B 97 -2.94 40.66 -4.99
N VAL B 98 -1.64 40.63 -4.64
CA VAL B 98 -1.23 40.31 -3.29
C VAL B 98 -1.92 41.21 -2.26
N ASP B 99 -2.34 42.40 -2.70
CA ASP B 99 -2.87 43.43 -1.80
C ASP B 99 -4.36 43.24 -1.54
N GLY B 100 -4.98 42.31 -2.29
CA GLY B 100 -6.38 42.00 -2.09
C GLY B 100 -7.29 42.90 -2.91
N ASN B 101 -6.68 43.75 -3.75
CA ASN B 101 -7.42 44.45 -4.77
C ASN B 101 -7.88 43.41 -5.79
N VAL B 102 -9.17 43.48 -6.17
CA VAL B 102 -9.68 42.68 -7.27
C VAL B 102 -9.34 43.37 -8.58
N LEU B 103 -8.36 42.83 -9.31
CA LEU B 103 -7.91 43.42 -10.56
C LEU B 103 -8.96 43.29 -11.67
N GLU B 104 -9.86 42.31 -11.57
CA GLU B 104 -10.56 41.88 -12.77
C GLU B 104 -11.60 40.81 -12.43
N MET B 105 -12.72 40.83 -13.14
CA MET B 105 -13.71 39.78 -13.01
C MET B 105 -14.17 39.40 -14.41
N ALA B 106 -13.78 38.19 -14.86
CA ALA B 106 -14.04 37.70 -16.20
C ALA B 106 -15.54 37.65 -16.48
N SER B 107 -16.35 37.64 -15.42
CA SER B 107 -17.78 37.41 -15.57
C SER B 107 -18.60 38.70 -15.51
N GLU B 108 -17.94 39.86 -15.29
CA GLU B 108 -18.71 41.06 -15.00
C GLU B 108 -18.35 42.20 -15.95
N PRO B 109 -19.37 42.98 -16.39
CA PRO B 109 -19.15 44.38 -16.80
C PRO B 109 -18.60 45.15 -15.60
N ALA B 110 -17.66 46.07 -15.85
CA ALA B 110 -16.98 46.81 -14.80
C ALA B 110 -17.89 47.85 -14.16
N ALA B 111 -19.12 48.00 -14.71
CA ALA B 111 -20.17 48.83 -14.14
C ALA B 111 -20.79 48.13 -12.91
N VAL B 115 -15.72 46.07 -9.64
CA VAL B 115 -14.28 45.71 -9.84
C VAL B 115 -13.46 46.51 -8.83
N ASP B 116 -13.55 47.85 -8.94
CA ASP B 116 -12.93 48.80 -8.02
C ASP B 116 -13.51 48.61 -6.62
N LYS B 117 -14.82 48.37 -6.57
CA LYS B 117 -15.61 48.23 -5.36
C LYS B 117 -14.91 47.29 -4.37
N VAL B 118 -14.58 46.06 -4.80
CA VAL B 118 -14.35 44.92 -3.90
C VAL B 118 -12.88 44.75 -3.53
N LYS B 119 -12.64 44.60 -2.22
CA LYS B 119 -11.33 44.28 -1.68
C LYS B 119 -11.41 42.97 -0.89
N HIS B 120 -10.46 42.07 -1.16
CA HIS B 120 -10.36 40.80 -0.45
C HIS B 120 -9.46 40.93 0.79
N THR B 121 -9.85 40.29 1.89
CA THR B 121 -9.04 40.32 3.11
C THR B 121 -7.60 39.92 2.80
N ALA B 122 -6.66 40.85 2.98
CA ALA B 122 -5.27 40.58 2.66
C ALA B 122 -4.42 41.24 3.73
N TYR B 123 -3.24 40.68 3.96
CA TYR B 123 -2.43 41.08 5.10
C TYR B 123 -1.07 41.57 4.64
N PRO B 124 -0.47 42.56 5.32
CA PRO B 124 0.88 43.03 4.99
C PRO B 124 1.85 41.89 5.27
N THR B 125 2.86 41.73 4.41
CA THR B 125 3.70 40.55 4.46
C THR B 125 5.14 41.02 4.57
N GLN B 126 6.02 40.08 4.96
CA GLN B 126 7.44 40.36 5.02
C GLN B 126 8.18 39.02 4.88
N GLU B 127 9.34 39.06 4.23
CA GLU B 127 10.18 37.89 4.09
C GLU B 127 11.47 38.10 4.87
N TRP B 128 11.65 37.30 5.92
CA TRP B 128 12.84 37.37 6.74
C TRP B 128 13.19 35.97 7.23
N ALA B 129 14.50 35.66 7.26
CA ALA B 129 15.07 34.45 7.85
C ALA B 129 14.34 33.21 7.33
N GLY B 130 14.18 33.12 6.01
CA GLY B 130 13.56 31.98 5.35
C GLY B 130 12.08 31.78 5.64
N MET B 131 11.41 32.76 6.25
CA MET B 131 9.98 32.65 6.51
C MET B 131 9.20 33.75 5.77
N VAL B 132 7.88 33.53 5.62
CA VAL B 132 6.95 34.56 5.19
C VAL B 132 6.16 34.97 6.43
N TRP B 133 6.22 36.27 6.76
CA TRP B 133 5.57 36.84 7.93
C TRP B 133 4.39 37.70 7.53
N ALA B 134 3.37 37.75 8.37
CA ALA B 134 2.21 38.61 8.16
C ALA B 134 1.84 39.31 9.45
N TYR B 135 1.39 40.56 9.35
CA TYR B 135 0.78 41.26 10.46
C TYR B 135 -0.73 41.10 10.37
N MET B 136 -1.25 40.34 11.34
CA MET B 136 -2.60 39.82 11.21
C MET B 136 -3.59 40.54 12.12
N GLY B 137 -3.15 41.67 12.72
CA GLY B 137 -4.01 42.46 13.59
C GLY B 137 -4.46 43.78 12.95
N PRO B 138 -5.22 44.62 13.69
CA PRO B 138 -5.68 45.92 13.18
C PRO B 138 -4.56 46.73 12.53
N LYS B 139 -4.76 47.09 11.24
CA LYS B 139 -3.68 47.50 10.35
C LYS B 139 -3.00 48.75 10.89
N GLU B 140 -3.78 49.68 11.44
CA GLU B 140 -3.23 50.92 11.92
C GLU B 140 -2.37 50.68 13.16
N THR B 141 -2.22 49.42 13.59
CA THR B 141 -1.37 49.14 14.73
C THR B 141 -0.17 48.26 14.33
N MET B 142 0.10 48.15 13.02
CA MET B 142 1.19 47.33 12.52
C MET B 142 2.49 48.08 12.78
N PRO B 143 3.44 47.50 13.52
CA PRO B 143 4.73 48.13 13.74
C PRO B 143 5.59 47.97 12.49
N GLU B 144 6.68 48.73 12.43
CA GLU B 144 7.68 48.49 11.41
C GLU B 144 8.36 47.18 11.77
N PHE B 145 8.65 46.37 10.74
CA PHE B 145 9.30 45.10 10.95
C PHE B 145 10.76 45.29 11.35
N LEU B 146 11.11 44.93 12.60
CA LEU B 146 12.50 44.89 13.07
C LEU B 146 13.01 43.45 13.09
N PRO B 147 14.35 43.21 13.05
CA PRO B 147 14.89 41.85 13.03
C PRO B 147 14.74 41.20 14.41
N PRO B 148 14.17 39.98 14.46
CA PRO B 148 14.03 39.23 15.71
C PRO B 148 15.39 38.89 16.31
N ALA B 149 15.36 38.35 17.54
CA ALA B 149 16.55 38.18 18.36
C ALA B 149 17.44 37.07 17.78
N TRP B 150 16.80 36.22 16.96
CA TRP B 150 17.39 35.00 16.41
C TRP B 150 17.72 35.11 14.91
N ALA B 151 17.55 36.30 14.33
CA ALA B 151 17.97 36.57 12.96
C ALA B 151 18.45 38.02 12.81
N PRO B 152 19.57 38.42 13.45
CA PRO B 152 19.99 39.83 13.49
C PRO B 152 19.88 40.58 12.17
N THR B 153 20.75 40.26 11.21
CA THR B 153 20.64 40.77 9.85
C THR B 153 20.94 39.65 8.85
N ALA B 154 21.13 40.01 7.58
CA ALA B 154 20.85 39.12 6.46
C ALA B 154 21.96 38.12 6.19
N ASP B 155 23.16 38.33 6.76
CA ASP B 155 24.32 37.50 6.46
C ASP B 155 24.33 36.22 7.32
N THR B 156 23.33 36.09 8.19
CA THR B 156 23.16 34.96 9.09
C THR B 156 22.63 33.74 8.32
N ARG B 157 23.06 32.55 8.72
CA ARG B 157 22.38 31.36 8.23
C ARG B 157 21.23 31.02 9.19
N VAL B 158 20.02 30.86 8.63
CA VAL B 158 18.87 30.40 9.40
C VAL B 158 18.32 29.13 8.74
N SER B 159 18.36 28.02 9.48
CA SER B 159 17.91 26.72 9.02
C SER B 159 16.76 26.27 9.89
N ILE B 160 15.61 25.99 9.25
CA ILE B 160 14.35 25.78 9.92
C ILE B 160 13.88 24.35 9.67
N ALA B 161 13.39 23.71 10.74
CA ALA B 161 12.48 22.58 10.65
C ALA B 161 11.08 23.10 10.94
N LYS B 162 10.16 22.94 9.99
CA LYS B 162 8.77 23.26 10.26
C LYS B 162 8.04 21.95 10.55
N VAL B 163 7.26 21.92 11.65
CA VAL B 163 6.37 20.80 11.90
C VAL B 163 5.00 21.32 12.33
N LEU B 164 3.96 20.67 11.79
CA LEU B 164 2.58 20.98 12.12
C LEU B 164 2.07 19.95 13.13
N LEU B 165 2.01 20.37 14.39
CA LEU B 165 1.69 19.48 15.49
C LEU B 165 0.22 19.58 15.86
N PRO B 166 -0.51 18.44 15.94
CA PRO B 166 -1.91 18.47 16.34
C PRO B 166 -2.09 18.62 17.86
N CYS B 167 -1.63 19.77 18.40
CA CYS B 167 -1.95 20.19 19.75
C CYS B 167 -1.69 21.69 19.93
N ASN B 168 -2.25 22.23 21.02
CA ASN B 168 -2.30 23.64 21.38
C ASN B 168 -0.90 24.15 21.71
N TRP B 169 -0.67 25.46 21.48
CA TRP B 169 0.66 26.05 21.34
C TRP B 169 1.37 26.11 22.69
N ALA B 170 0.58 26.18 23.76
CA ALA B 170 1.18 26.62 25.01
C ALA B 170 2.02 25.50 25.60
N GLN B 171 1.56 24.25 25.42
CA GLN B 171 2.31 23.11 25.94
C GLN B 171 3.58 22.94 25.11
N ILE B 172 3.53 23.45 23.88
CA ILE B 172 4.68 23.30 23.02
C ILE B 172 5.77 24.24 23.52
N LEU B 173 5.40 25.48 23.83
CA LEU B 173 6.42 26.42 24.25
C LEU B 173 6.93 26.02 25.63
N GLU B 174 6.01 25.66 26.53
CA GLU B 174 6.32 25.14 27.86
C GLU B 174 7.50 24.17 27.78
N GLY B 175 7.48 23.29 26.78
CA GLY B 175 8.55 22.33 26.54
C GLY B 175 9.90 22.98 26.21
N ALA B 176 9.91 24.23 25.71
CA ALA B 176 11.16 24.87 25.32
C ALA B 176 11.80 25.63 26.49
N ILE B 177 10.99 25.98 27.48
CA ILE B 177 11.46 26.73 28.64
C ILE B 177 11.52 25.77 29.83
N ASP B 178 12.00 24.55 29.58
CA ASP B 178 12.04 23.55 30.63
C ASP B 178 13.40 22.87 30.59
N SER B 179 14.32 23.28 31.47
CA SER B 179 15.68 22.75 31.36
C SER B 179 15.80 21.35 31.95
N ALA B 180 14.95 21.02 32.92
CA ALA B 180 15.06 19.76 33.61
C ALA B 180 14.91 18.59 32.65
N HIS B 181 14.09 18.76 31.60
CA HIS B 181 13.66 17.64 30.76
C HIS B 181 14.82 17.14 29.93
N SER B 182 15.76 18.03 29.58
CA SER B 182 16.94 17.64 28.83
C SER B 182 17.75 16.56 29.57
N SER B 183 17.79 16.64 30.90
CA SER B 183 18.47 15.60 31.67
C SER B 183 17.74 14.27 31.59
N SER B 184 16.45 14.31 31.25
CA SER B 184 15.61 13.13 31.41
C SER B 184 15.22 12.59 30.04
N LEU B 185 14.23 13.25 29.41
CA LEU B 185 13.79 12.88 28.07
C LEU B 185 15.01 12.73 27.17
N HIS B 186 15.83 13.78 27.10
CA HIS B 186 16.87 13.93 26.10
C HIS B 186 18.21 13.34 26.54
N SER B 187 18.22 12.46 27.55
CA SER B 187 19.47 12.03 28.16
C SER B 187 20.27 11.15 27.21
N SER B 188 19.58 10.53 26.25
CA SER B 188 20.24 9.72 25.23
C SER B 188 20.77 10.60 24.11
N ASP B 189 20.47 11.91 24.14
CA ASP B 189 20.76 12.78 23.00
C ASP B 189 21.68 13.92 23.42
N MET B 190 21.20 14.76 24.35
CA MET B 190 22.01 15.77 25.01
C MET B 190 22.61 15.16 26.27
N VAL B 191 23.71 14.42 26.07
CA VAL B 191 24.23 13.41 26.98
C VAL B 191 25.12 14.04 28.08
N TRP B 205 25.30 15.58 22.05
CA TRP B 205 25.56 17.05 22.13
C TRP B 205 26.44 17.36 23.33
N LEU B 206 26.94 18.61 23.40
CA LEU B 206 27.93 19.04 24.39
C LEU B 206 27.24 19.49 25.69
N ARG B 207 27.54 18.77 26.79
CA ARG B 207 27.08 19.11 28.13
C ARG B 207 28.18 18.83 29.16
N PRO B 208 28.75 19.86 29.82
CA PRO B 208 29.76 19.67 30.87
C PRO B 208 29.24 19.44 32.30
N SER B 209 28.15 18.66 32.42
CA SER B 209 27.49 18.35 33.68
C SER B 209 26.55 17.16 33.52
N THR B 210 26.42 16.36 34.58
CA THR B 210 25.47 15.25 34.65
C THR B 210 24.43 15.48 35.75
N ASP B 211 24.25 16.76 36.13
CA ASP B 211 23.22 17.16 37.09
C ASP B 211 21.84 16.96 36.46
N LYS B 212 20.90 16.45 37.27
CA LYS B 212 19.54 16.15 36.83
C LYS B 212 18.55 17.12 37.43
N ALA B 213 18.89 17.71 38.60
CA ALA B 213 18.02 18.63 39.31
C ALA B 213 18.65 20.02 39.33
N PRO B 214 18.50 20.82 38.24
CA PRO B 214 19.11 22.14 38.18
C PRO B 214 18.27 23.11 39.01
N ARG B 215 18.92 24.05 39.71
CA ARG B 215 18.22 25.12 40.39
C ARG B 215 17.82 26.17 39.37
N MET B 216 16.62 26.72 39.54
CA MET B 216 15.99 27.60 38.56
C MET B 216 15.86 29.01 39.12
N GLN B 217 16.26 30.01 38.34
CA GLN B 217 16.15 31.42 38.74
C GLN B 217 15.59 32.22 37.55
N VAL B 218 14.68 33.16 37.85
CA VAL B 218 13.98 33.91 36.81
C VAL B 218 14.33 35.39 36.89
N GLN B 219 14.28 36.09 35.75
CA GLN B 219 14.35 37.54 35.72
C GLN B 219 13.32 38.09 34.73
N ARG B 220 12.18 38.53 35.27
CA ARG B 220 11.10 39.14 34.50
C ARG B 220 11.70 40.26 33.66
N THR B 221 11.23 40.41 32.42
CA THR B 221 11.57 41.59 31.63
C THR B 221 10.29 42.17 31.05
N GLY B 222 10.46 43.13 30.15
CA GLY B 222 9.35 43.78 29.45
C GLY B 222 8.91 43.00 28.21
N TYR B 223 9.70 42.02 27.76
CA TYR B 223 9.35 41.29 26.54
C TYR B 223 9.03 39.84 26.88
N GLY B 224 9.22 39.45 28.15
CA GLY B 224 9.15 38.04 28.52
C GLY B 224 9.95 37.78 29.79
N PHE B 225 10.94 36.87 29.72
CA PHE B 225 11.80 36.67 30.87
C PHE B 225 13.02 35.84 30.52
N ARG B 226 14.13 36.11 31.21
CA ARG B 226 15.31 35.26 31.13
C ARG B 226 15.26 34.30 32.31
N TYR B 227 15.44 33.01 32.05
CA TYR B 227 15.64 32.12 33.18
C TYR B 227 17.02 31.48 33.05
N ALA B 228 17.48 30.86 34.12
CA ALA B 228 18.75 30.16 34.08
C ALA B 228 18.61 28.87 34.86
N ALA B 229 19.39 27.88 34.42
CA ALA B 229 19.39 26.55 35.01
C ALA B 229 20.82 26.26 35.46
N LEU B 230 21.02 26.28 36.78
CA LEU B 230 22.33 26.12 37.37
C LEU B 230 22.49 24.67 37.83
N ARG B 231 23.44 23.97 37.20
CA ARG B 231 23.77 22.61 37.58
C ARG B 231 25.17 22.64 38.19
N ARG B 232 25.46 21.67 39.05
CA ARG B 232 26.82 21.35 39.46
C ARG B 232 27.60 20.87 38.23
N PRO B 233 28.75 21.51 37.88
CA PRO B 233 29.56 21.05 36.75
C PRO B 233 30.34 19.77 37.08
N LEU B 234 31.13 19.30 36.10
CA LEU B 234 31.88 18.07 36.25
C LEU B 234 33.11 18.33 37.11
N SER B 235 33.74 19.49 36.89
CA SER B 235 34.89 19.90 37.67
C SER B 235 34.55 21.09 38.55
N ASN B 236 34.97 20.98 39.82
CA ASN B 236 35.08 22.10 40.73
C ASN B 236 33.70 22.63 41.14
N ALA B 237 32.76 21.70 41.38
CA ALA B 237 31.40 22.01 41.78
C ALA B 237 31.39 22.80 43.08
N ALA B 238 32.59 22.92 43.68
CA ALA B 238 32.84 23.68 44.89
C ALA B 238 32.35 25.13 44.73
N GLU B 239 32.84 25.85 43.70
CA GLU B 239 32.62 27.29 43.59
C GLU B 239 32.14 27.69 42.18
N ASN B 240 31.83 26.69 41.34
CA ASN B 240 31.43 26.96 39.97
C ASN B 240 30.07 26.35 39.67
N ASP B 241 29.27 27.08 38.89
CA ASP B 241 27.98 26.59 38.40
C ASP B 241 28.03 26.44 36.88
N TYR B 242 27.39 25.37 36.37
CA TYR B 242 27.04 25.30 34.96
C TYR B 242 25.71 26.01 34.77
N VAL B 243 25.76 27.09 33.99
CA VAL B 243 24.62 27.99 33.81
C VAL B 243 24.14 27.81 32.37
N ARG B 244 22.87 27.40 32.23
CA ARG B 244 22.21 27.41 30.93
C ARG B 244 21.07 28.40 31.00
N SER B 245 21.08 29.39 30.12
CA SER B 245 20.07 30.42 30.21
C SER B 245 19.22 30.51 28.92
N THR B 246 17.89 30.48 29.10
CA THR B 246 16.91 30.55 28.02
C THR B 246 16.15 31.89 28.10
N VAL B 247 15.83 32.47 26.95
CA VAL B 247 15.00 33.66 26.91
C VAL B 247 13.64 33.28 26.35
N PHE B 248 12.57 33.53 27.13
CA PHE B 248 11.22 33.55 26.61
C PHE B 248 10.95 34.94 26.05
N VAL B 249 10.58 34.98 24.77
CA VAL B 249 10.11 36.20 24.16
C VAL B 249 8.61 36.05 23.87
N ALA B 250 7.79 36.80 24.59
CA ALA B 250 6.36 36.74 24.38
C ALA B 250 6.08 37.06 22.92
N PRO B 251 5.02 36.46 22.32
CA PRO B 251 4.11 35.58 23.06
C PRO B 251 4.47 34.09 23.00
N ALA B 252 5.36 33.69 22.10
CA ALA B 252 5.56 32.26 21.90
C ALA B 252 6.93 31.88 21.35
N THR B 253 7.95 32.74 21.51
CA THR B 253 9.30 32.42 21.09
C THR B 253 10.12 31.95 22.29
N ALA B 254 10.98 30.95 22.07
CA ALA B 254 12.07 30.61 22.97
C ALA B 254 13.42 30.70 22.26
N LEU B 255 14.40 31.29 22.95
CA LEU B 255 15.82 31.25 22.59
C LEU B 255 16.49 30.23 23.49
N ILE B 256 16.89 29.12 22.89
CA ILE B 256 17.37 27.92 23.58
C ILE B 256 18.87 28.10 23.84
N PRO B 257 19.46 27.57 24.92
CA PRO B 257 20.90 27.72 25.12
C PRO B 257 21.63 27.23 23.87
N PRO B 258 22.56 28.02 23.27
CA PRO B 258 23.30 27.57 22.09
C PRO B 258 24.30 26.46 22.42
N ASN B 259 24.90 25.85 21.38
CA ASN B 259 26.11 25.04 21.51
C ASN B 259 27.31 25.95 21.28
N ASN B 260 28.50 25.38 21.05
CA ASN B 260 29.63 26.30 20.92
C ASN B 260 29.89 26.64 19.46
N LEU B 261 28.89 26.45 18.60
CA LEU B 261 29.07 26.64 17.16
C LEU B 261 27.92 27.44 16.55
N TYR B 262 26.69 27.20 17.03
CA TYR B 262 25.54 27.96 16.53
C TYR B 262 24.49 28.14 17.61
N ASN B 263 23.46 28.93 17.30
CA ASN B 263 22.37 29.20 18.23
C ASN B 263 21.14 28.42 17.81
N VAL B 264 20.13 28.44 18.68
CA VAL B 264 18.98 27.58 18.50
C VAL B 264 17.76 28.30 19.05
N ALA B 265 16.73 28.50 18.22
CA ALA B 265 15.51 29.15 18.66
C ALA B 265 14.28 28.33 18.26
N ASN B 266 13.22 28.47 19.05
CA ASN B 266 11.92 27.87 18.78
C ASN B 266 10.92 29.01 18.67
N ILE B 267 10.16 29.04 17.57
CA ILE B 267 9.01 29.92 17.43
C ILE B 267 7.78 29.10 17.06
N ASN B 268 6.66 29.39 17.74
CA ASN B 268 5.46 28.60 17.58
C ASN B 268 4.34 29.54 17.14
N VAL B 269 3.67 29.20 16.05
CA VAL B 269 2.50 29.94 15.65
C VAL B 269 1.31 29.00 15.83
N PRO B 270 0.22 29.43 16.51
CA PRO B 270 -0.96 28.60 16.68
C PRO B 270 -1.82 28.66 15.42
N MET B 271 -2.15 27.50 14.85
CA MET B 271 -2.96 27.53 13.63
C MET B 271 -4.41 27.63 14.04
N ASP B 272 -4.69 27.16 15.26
CA ASP B 272 -5.99 27.22 15.89
C ASP B 272 -5.85 26.69 17.31
N ASP B 273 -6.98 26.37 17.93
CA ASP B 273 -7.06 26.07 19.35
C ASP B 273 -6.32 24.78 19.68
N THR B 274 -6.17 23.90 18.69
CA THR B 274 -5.59 22.59 18.97
C THR B 274 -4.49 22.21 17.98
N ASN B 275 -4.05 23.16 17.14
CA ASN B 275 -2.93 22.89 16.25
C ASN B 275 -1.97 24.07 16.24
N THR B 276 -0.67 23.74 16.11
CA THR B 276 0.38 24.73 16.13
C THR B 276 1.37 24.46 15.00
N ALA B 277 1.79 25.50 14.29
CA ALA B 277 2.96 25.35 13.44
C ALA B 277 4.20 25.58 14.30
N PHE B 278 5.11 24.58 14.31
CA PHE B 278 6.28 24.53 15.17
C PHE B 278 7.53 24.71 14.31
N TYR B 279 8.32 25.73 14.64
CA TYR B 279 9.52 26.03 13.89
C TYR B 279 10.70 25.91 14.85
N PHE B 280 11.70 25.10 14.47
CA PHE B 280 12.87 24.86 15.28
C PHE B 280 14.12 25.18 14.47
N ILE B 281 14.78 26.28 14.89
CA ILE B 281 15.73 27.00 14.07
C ILE B 281 17.15 26.79 14.58
N ALA B 282 18.06 26.56 13.63
CA ALA B 282 19.49 26.67 13.84
C ALA B 282 19.97 27.93 13.14
N TRP B 283 20.77 28.75 13.83
CA TRP B 283 21.20 30.00 13.22
C TRP B 283 22.55 30.39 13.78
N GLY B 284 23.38 30.98 12.92
CA GLY B 284 24.70 31.44 13.33
C GLY B 284 25.55 31.84 12.12
N HIS B 285 26.86 31.64 12.22
CA HIS B 285 27.69 31.99 11.08
C HIS B 285 27.61 30.91 10.01
N PRO B 286 27.34 31.28 8.75
CA PRO B 286 27.32 30.36 7.61
C PRO B 286 28.25 29.15 7.63
N SER B 287 29.43 29.29 8.24
CA SER B 287 30.37 28.19 8.15
C SER B 287 30.42 27.36 9.43
N GLN B 288 29.61 27.71 10.43
CA GLN B 288 29.48 26.90 11.63
C GLN B 288 28.08 26.29 11.73
N THR B 289 27.09 26.94 11.12
CA THR B 289 25.69 26.57 11.26
C THR B 289 25.29 25.56 10.19
N PRO B 290 24.67 24.40 10.52
CA PRO B 290 24.24 23.42 9.52
C PRO B 290 23.23 23.97 8.51
N GLU B 291 23.17 23.36 7.32
CA GLU B 291 22.23 23.77 6.29
C GLU B 291 20.87 23.14 6.57
N THR B 292 19.86 23.56 5.80
CA THR B 292 18.50 23.15 6.08
C THR B 292 18.40 21.62 6.16
N GLU B 293 18.93 20.90 5.18
CA GLU B 293 18.68 19.46 5.11
C GLU B 293 19.48 18.68 6.16
N THR B 294 20.67 19.18 6.50
CA THR B 294 21.43 18.59 7.59
C THR B 294 20.64 18.70 8.90
N TRP B 295 20.03 19.86 9.15
CA TRP B 295 19.27 20.15 10.35
C TRP B 295 18.07 19.19 10.44
N ARG B 296 17.36 19.02 9.32
CA ARG B 296 16.22 18.12 9.33
C ARG B 296 16.67 16.68 9.51
N LYS B 297 17.78 16.27 8.88
CA LYS B 297 18.23 14.91 9.15
C LYS B 297 18.51 14.73 10.65
N PHE B 298 19.22 15.70 11.24
CA PHE B 298 19.64 15.56 12.62
C PHE B 298 18.42 15.47 13.54
N LEU B 299 17.37 16.24 13.25
CA LEU B 299 16.22 16.34 14.13
C LEU B 299 15.21 15.25 13.82
N ARG B 300 15.44 14.51 12.72
CA ARG B 300 14.44 13.64 12.08
C ARG B 300 13.16 14.42 11.84
N GLN B 301 13.28 15.56 11.16
CA GLN B 301 12.12 16.21 10.59
C GLN B 301 12.29 16.36 9.08
N THR B 302 12.70 15.28 8.38
CA THR B 302 12.89 15.38 6.93
C THR B 302 11.61 15.08 6.14
N VAL B 303 11.24 16.03 5.29
CA VAL B 303 10.03 15.91 4.48
C VAL B 303 10.20 14.77 3.49
N GLY B 304 9.26 13.82 3.56
CA GLY B 304 9.28 12.62 2.72
C GLY B 304 9.79 11.41 3.50
N VAL B 305 10.48 11.70 4.61
CA VAL B 305 10.96 10.62 5.45
C VAL B 305 10.14 10.59 6.73
N ASP B 306 10.11 11.72 7.44
CA ASP B 306 9.54 11.78 8.78
C ASP B 306 8.23 12.56 8.72
N LEU B 307 8.13 13.44 7.74
CA LEU B 307 6.98 14.31 7.55
C LEU B 307 6.36 14.05 6.17
N ASP B 308 5.04 14.16 6.08
CA ASP B 308 4.38 14.22 4.79
C ASP B 308 4.69 15.56 4.12
N GLN B 309 4.07 15.79 2.95
CA GLN B 309 4.39 16.89 2.06
C GLN B 309 3.87 18.20 2.64
N ASN B 310 3.13 18.10 3.75
CA ASN B 310 2.55 19.31 4.32
C ASN B 310 3.19 19.61 5.67
N TYR B 311 4.22 18.82 6.02
CA TYR B 311 4.99 18.98 7.22
C TYR B 311 4.31 18.36 8.45
N ARG B 312 3.39 17.42 8.27
CA ARG B 312 2.76 16.78 9.41
C ARG B 312 3.55 15.51 9.71
N PRO B 313 3.67 15.12 10.99
CA PRO B 313 4.59 14.05 11.38
C PRO B 313 3.95 12.71 11.02
N LEU B 314 4.73 11.80 10.42
CA LEU B 314 4.20 10.49 10.09
C LEU B 314 4.13 9.66 11.36
N ARG B 315 4.88 10.09 12.37
CA ARG B 315 4.77 9.56 13.71
C ARG B 315 3.49 10.09 14.36
N ASN B 316 2.84 9.24 15.16
CA ASN B 316 1.57 9.60 15.78
C ASN B 316 1.26 8.62 16.91
N GLU B 317 0.19 8.93 17.68
CA GLU B 317 -0.16 8.12 18.84
C GLU B 317 -0.32 6.66 18.42
N ALA B 318 -0.96 6.47 17.26
CA ALA B 318 -1.30 5.13 16.78
C ALA B 318 -0.04 4.31 16.56
N ASN B 319 1.01 4.91 15.97
CA ASN B 319 2.22 4.13 15.77
C ASN B 319 3.14 4.23 17.00
N LYS B 320 2.67 4.91 18.06
CA LYS B 320 3.43 4.98 19.31
C LYS B 320 4.74 5.73 19.08
N PHE B 321 4.73 6.65 18.10
CA PHE B 321 5.85 7.47 17.67
C PHE B 321 7.09 6.68 17.23
N TRP B 322 6.86 5.44 16.75
CA TRP B 322 7.90 4.49 16.37
C TRP B 322 8.82 4.23 17.54
N GLN B 323 8.31 4.46 18.75
CA GLN B 323 9.06 4.03 19.93
C GLN B 323 9.49 2.59 19.72
N ASP B 324 10.75 2.31 20.03
CA ASP B 324 11.38 1.03 19.79
C ASP B 324 11.73 0.38 21.12
N ARG B 325 10.99 -0.67 21.47
CA ARG B 325 11.18 -1.26 22.78
C ARG B 325 12.54 -1.97 22.91
N ASN B 326 13.00 -2.65 21.86
CA ASN B 326 14.29 -3.31 21.98
C ASN B 326 15.40 -2.26 22.13
N ALA B 327 15.24 -1.11 21.48
CA ALA B 327 16.23 -0.06 21.57
C ALA B 327 16.29 0.46 23.01
N MET B 328 15.14 0.44 23.68
CA MET B 328 15.04 0.90 25.06
C MET B 328 15.68 -0.08 26.05
N LYS B 329 15.42 -1.39 25.92
CA LYS B 329 16.04 -2.37 26.80
C LYS B 329 17.52 -2.42 26.45
N ALA B 330 17.90 -1.77 25.33
CA ALA B 330 19.27 -1.82 24.88
C ALA B 330 20.08 -0.64 25.40
N GLY B 331 19.44 0.30 26.09
CA GLY B 331 20.16 1.40 26.72
C GLY B 331 19.70 2.78 26.25
N ASN B 332 18.95 2.80 25.15
CA ASN B 332 18.39 4.06 24.67
C ASN B 332 17.24 4.47 25.60
N PHE B 333 17.26 5.74 26.02
CA PHE B 333 16.33 6.16 27.05
C PHE B 333 14.89 6.07 26.55
N THR B 334 14.57 6.82 25.47
CA THR B 334 13.19 7.03 25.01
C THR B 334 12.77 6.00 23.96
N GLY B 335 13.73 5.46 23.21
CA GLY B 335 13.41 4.62 22.05
C GLY B 335 12.78 5.37 20.88
N ILE B 336 12.85 6.71 20.90
CA ILE B 336 12.30 7.49 19.81
C ILE B 336 13.44 8.27 19.16
N THR B 337 13.49 8.30 17.82
CA THR B 337 14.62 8.96 17.17
C THR B 337 14.27 10.39 16.81
N GLY B 338 15.25 11.27 16.96
CA GLY B 338 15.09 12.69 16.75
C GLY B 338 14.70 13.36 18.07
N PHE B 339 15.57 14.23 18.61
CA PHE B 339 15.26 14.83 19.89
C PHE B 339 13.86 15.46 19.91
N PRO B 340 13.42 16.27 18.92
CA PRO B 340 12.06 16.83 18.97
C PRO B 340 10.90 15.85 18.86
N ASN B 341 11.07 14.72 18.15
CA ASN B 341 10.03 13.71 18.11
C ASN B 341 9.75 13.21 19.52
N GLN B 342 10.79 13.32 20.35
CA GLN B 342 10.70 12.83 21.72
C GLN B 342 9.87 13.82 22.51
N ASP B 343 10.09 15.12 22.27
CA ASP B 343 9.23 16.13 22.86
C ASP B 343 7.80 15.84 22.40
N VAL B 344 7.65 15.66 21.08
CA VAL B 344 6.35 15.50 20.45
C VAL B 344 5.53 14.37 21.09
N ALA B 345 6.15 13.24 21.43
CA ALA B 345 5.39 12.16 22.01
C ALA B 345 4.87 12.59 23.39
N MET B 346 5.64 13.44 24.08
CA MET B 346 5.19 13.87 25.39
C MET B 346 4.02 14.84 25.22
N TRP B 347 4.19 15.82 24.33
CA TRP B 347 3.23 16.90 24.19
C TRP B 347 1.86 16.37 23.74
N LEU B 348 1.85 15.54 22.69
CA LEU B 348 0.58 15.19 22.08
C LEU B 348 -0.22 14.28 23.00
N THR B 349 0.46 13.60 23.95
CA THR B 349 -0.23 12.65 24.81
C THR B 349 -0.84 13.34 26.02
N MET B 350 -0.40 14.56 26.31
CA MET B 350 -1.04 15.37 27.32
C MET B 350 -2.45 15.78 26.92
N GLY B 351 -2.77 15.70 25.62
CA GLY B 351 -4.10 16.03 25.12
C GLY B 351 -4.09 17.24 24.18
N PRO B 352 -5.14 17.43 23.34
CA PRO B 352 -5.14 18.56 22.42
C PRO B 352 -4.85 19.92 23.07
N ILE B 353 -5.57 20.22 24.17
CA ILE B 353 -5.22 21.30 25.09
C ILE B 353 -4.92 20.67 26.44
N ALA B 354 -3.69 20.88 26.92
CA ALA B 354 -3.21 20.36 28.20
C ALA B 354 -4.04 20.93 29.34
N ASP B 355 -4.38 20.07 30.29
CA ASP B 355 -5.18 20.47 31.43
C ASP B 355 -4.24 20.85 32.59
N ARG B 356 -3.93 22.14 32.71
CA ARG B 356 -2.99 22.57 33.73
C ARG B 356 -3.65 22.47 35.10
N THR B 357 -4.98 22.49 35.09
CA THR B 357 -5.80 22.22 36.24
C THR B 357 -5.21 21.06 37.05
N HIS B 358 -4.68 20.06 36.34
CA HIS B 358 -4.41 18.79 36.98
C HIS B 358 -2.92 18.60 37.26
N ASP B 359 -2.08 19.57 36.85
CA ASP B 359 -0.63 19.52 37.02
C ASP B 359 -0.24 19.45 38.49
N ARG B 360 0.91 18.85 38.79
CA ARG B 360 1.48 18.95 40.12
C ARG B 360 2.94 19.35 39.99
N LEU B 361 3.22 20.64 40.17
CA LEU B 361 4.51 21.17 39.81
C LEU B 361 5.47 21.22 41.00
N GLY B 362 6.76 21.26 40.67
CA GLY B 362 7.83 21.43 41.62
C GLY B 362 8.72 22.61 41.25
N ALA B 363 9.87 22.68 41.93
CA ALA B 363 10.83 23.76 41.77
C ALA B 363 11.37 23.78 40.34
N SER B 364 11.25 22.65 39.64
CA SER B 364 11.84 22.56 38.31
C SER B 364 11.01 23.31 37.27
N ASP B 365 9.69 23.43 37.50
CA ASP B 365 8.80 24.04 36.53
C ASP B 365 8.65 25.54 36.79
N LEU B 366 9.67 26.16 37.40
CA LEU B 366 9.61 27.57 37.76
C LEU B 366 9.39 28.43 36.53
N ALA B 367 10.21 28.25 35.48
CA ALA B 367 10.05 29.00 34.24
C ALA B 367 8.63 28.83 33.69
N ILE B 368 8.12 27.60 33.78
CA ILE B 368 6.79 27.28 33.28
C ILE B 368 5.76 28.10 34.05
N VAL B 369 5.93 28.19 35.39
CA VAL B 369 4.99 28.94 36.21
C VAL B 369 5.12 30.43 35.90
N GLU B 370 6.34 30.88 35.63
CA GLU B 370 6.56 32.27 35.26
C GLU B 370 5.79 32.59 34.00
N PHE B 371 5.82 31.64 33.06
CA PHE B 371 5.17 31.79 31.78
C PHE B 371 3.66 32.02 32.00
N ARG B 372 3.05 31.12 32.80
CA ARG B 372 1.62 31.12 33.05
C ARG B 372 1.21 32.38 33.81
N LYS B 373 2.04 32.79 34.77
CA LYS B 373 1.79 34.03 35.49
C LYS B 373 1.94 35.22 34.55
N GLN B 374 3.04 35.27 33.79
CA GLN B 374 3.28 36.43 32.95
C GLN B 374 2.20 36.55 31.87
N MET B 375 1.83 35.43 31.24
CA MET B 375 1.01 35.52 30.04
C MET B 375 -0.45 35.69 30.42
N LEU B 376 -0.86 35.08 31.53
CA LEU B 376 -2.20 35.35 32.04
C LEU B 376 -2.34 36.83 32.41
N ASP B 377 -1.31 37.37 33.07
CA ASP B 377 -1.14 38.79 33.32
C ASP B 377 -1.36 39.58 32.01
N ALA B 378 -0.60 39.21 30.97
CA ALA B 378 -0.51 40.08 29.82
C ALA B 378 -1.82 40.09 29.05
N VAL B 379 -2.56 38.97 29.11
CA VAL B 379 -3.80 38.88 28.36
C VAL B 379 -4.91 39.62 29.11
N LYS B 380 -4.99 39.38 30.43
CA LYS B 380 -5.86 40.15 31.29
C LYS B 380 -5.60 41.65 31.09
N ALA B 381 -4.34 42.07 31.21
CA ALA B 381 -3.99 43.46 30.99
C ALA B 381 -4.51 43.93 29.64
N PHE B 382 -4.37 43.07 28.62
CA PHE B 382 -4.63 43.47 27.25
C PHE B 382 -6.12 43.71 27.03
N GLU B 383 -6.94 42.82 27.59
CA GLU B 383 -8.38 42.92 27.53
C GLU B 383 -8.89 44.14 28.31
N GLN B 384 -7.98 44.83 29.02
CA GLN B 384 -8.33 46.07 29.71
C GLN B 384 -7.92 47.24 28.84
N GLY B 385 -6.97 47.01 27.93
CA GLY B 385 -6.50 48.01 26.98
C GLY B 385 -5.07 48.46 27.23
N ALA B 386 -4.30 47.61 27.94
CA ALA B 386 -2.86 47.82 28.07
C ALA B 386 -2.24 47.51 26.72
N PRO B 387 -1.09 48.14 26.37
CA PRO B 387 -0.31 47.70 25.22
C PRO B 387 0.10 46.23 25.41
N ALA B 388 0.13 45.48 24.31
CA ALA B 388 0.35 44.04 24.36
C ALA B 388 1.82 43.74 24.63
N ILE B 389 2.05 42.71 25.45
CA ILE B 389 3.37 42.32 25.93
C ILE B 389 4.39 42.29 24.79
N GLY B 390 5.50 43.00 24.99
CA GLY B 390 6.65 42.94 24.11
C GLY B 390 6.49 43.73 22.80
N THR B 391 5.42 44.54 22.70
CA THR B 391 5.32 45.50 21.60
C THR B 391 5.94 46.85 21.99
N GLY B 392 6.32 47.62 20.96
CA GLY B 392 6.90 48.93 21.15
C GLY B 392 8.35 48.85 21.62
N VAL B 393 8.74 49.81 22.48
CA VAL B 393 10.12 50.06 22.87
C VAL B 393 10.66 48.89 23.68
N GLU B 394 9.79 47.93 24.00
CA GLU B 394 10.09 46.86 24.95
C GLU B 394 10.64 45.63 24.24
N ALA B 395 10.32 45.49 22.94
CA ALA B 395 10.62 44.31 22.15
C ALA B 395 12.09 43.91 22.27
N ALA B 396 12.36 42.61 22.45
CA ALA B 396 13.72 42.09 22.46
C ALA B 396 14.35 42.29 21.09
N THR B 397 15.69 42.31 21.04
CA THR B 397 16.43 42.50 19.80
C THR B 397 17.64 41.57 19.78
N PRO B 398 18.48 41.61 18.71
CA PRO B 398 19.79 40.95 18.71
C PRO B 398 20.54 40.86 20.06
N THR B 399 20.48 41.93 20.88
CA THR B 399 21.34 42.09 22.05
C THR B 399 20.85 41.26 23.24
N VAL B 400 19.61 40.77 23.17
CA VAL B 400 19.10 39.76 24.07
C VAL B 400 19.40 38.39 23.48
N CYS B 401 19.91 37.47 24.31
CA CYS B 401 20.32 36.17 23.83
C CYS B 401 20.35 35.14 24.96
N SER B 402 20.36 33.87 24.57
CA SER B 402 20.55 32.78 25.51
C SER B 402 22.03 32.44 25.54
N PHE B 403 22.42 31.51 26.44
CA PHE B 403 23.83 31.20 26.65
C PHE B 403 23.98 30.02 27.60
N GLN B 404 25.12 29.35 27.44
CA GLN B 404 25.63 28.30 28.32
C GLN B 404 27.09 28.61 28.65
N ALA B 405 27.40 28.68 29.96
CA ALA B 405 28.77 28.89 30.43
C ALA B 405 28.98 28.26 31.80
N ILE B 406 30.26 28.04 32.14
CA ILE B 406 30.67 27.83 33.52
C ILE B 406 30.90 29.21 34.15
N VAL B 407 30.18 29.48 35.23
CA VAL B 407 30.21 30.80 35.84
C VAL B 407 30.57 30.62 37.32
N PRO B 408 31.34 31.55 37.91
CA PRO B 408 31.58 31.55 39.36
C PRO B 408 30.28 31.76 40.14
N LYS B 409 30.14 30.99 41.24
CA LYS B 409 28.99 31.08 42.14
C LYS B 409 28.84 32.49 42.69
N THR B 410 29.84 33.34 42.42
CA THR B 410 29.99 34.65 43.01
C THR B 410 29.64 35.75 41.99
N THR B 411 29.31 35.35 40.75
CA THR B 411 28.86 36.30 39.74
C THR B 411 27.36 36.11 39.54
N ASP B 412 26.59 37.20 39.58
CA ASP B 412 25.19 37.07 39.21
C ASP B 412 25.16 36.69 37.73
N TRP B 413 24.40 35.63 37.40
CA TRP B 413 24.26 35.19 36.01
C TRP B 413 23.53 36.23 35.17
N ARG B 414 22.66 37.03 35.82
CA ARG B 414 21.95 38.09 35.14
C ARG B 414 22.93 39.11 34.58
N THR B 415 24.06 39.28 35.27
CA THR B 415 25.03 40.33 34.96
C THR B 415 26.04 39.85 33.92
N TYR B 416 26.14 38.52 33.76
CA TYR B 416 27.07 37.87 32.86
C TYR B 416 26.82 38.36 31.43
N ASP B 417 27.90 38.80 30.77
CA ASP B 417 27.84 39.55 29.53
C ASP B 417 27.97 38.62 28.32
N ALA B 418 26.82 38.10 27.88
CA ALA B 418 26.76 37.15 26.78
C ALA B 418 26.31 37.83 25.48
N HIS B 419 26.92 37.38 24.37
CA HIS B 419 26.48 37.68 23.01
C HIS B 419 26.16 36.37 22.30
N TYR B 420 25.31 36.41 21.27
CA TYR B 420 24.98 35.20 20.52
C TYR B 420 26.23 34.62 19.85
N VAL B 421 26.32 33.29 19.82
CA VAL B 421 27.46 32.58 19.25
C VAL B 421 27.57 32.91 17.75
N TRP B 422 28.82 33.19 17.34
CA TRP B 422 29.14 33.56 15.97
C TRP B 422 30.51 32.98 15.66
N LEU B 423 31.57 33.71 16.07
CA LEU B 423 32.95 33.27 15.99
C LEU B 423 33.73 33.85 17.20
N MET C 1 36.49 -34.59 1.02
CA MET C 1 35.90 -33.38 0.37
C MET C 1 35.05 -33.80 -0.84
N MET C 2 34.00 -33.03 -1.17
CA MET C 2 32.99 -33.44 -2.12
C MET C 2 33.26 -32.74 -3.46
N THR C 3 32.77 -33.32 -4.57
CA THR C 3 32.93 -32.73 -5.89
C THR C 3 31.63 -32.12 -6.39
N HIS C 4 31.74 -31.18 -7.34
CA HIS C 4 30.58 -30.51 -7.90
C HIS C 4 29.53 -31.53 -8.34
N GLU C 5 29.99 -32.61 -8.98
CA GLU C 5 29.14 -33.65 -9.55
C GLU C 5 28.41 -34.42 -8.45
N GLU C 6 29.11 -34.76 -7.37
CA GLU C 6 28.48 -35.45 -6.25
C GLU C 6 27.36 -34.57 -5.68
N ASN C 7 27.66 -33.29 -5.52
CA ASN C 7 26.71 -32.35 -4.95
C ASN C 7 25.46 -32.35 -5.81
N GLU C 8 25.66 -32.45 -7.12
CA GLU C 8 24.59 -32.55 -8.08
C GLU C 8 23.81 -33.81 -7.80
N LEU C 9 24.54 -34.91 -7.59
CA LEU C 9 23.95 -36.23 -7.42
C LEU C 9 23.12 -36.26 -6.14
N LEU C 10 23.64 -35.59 -5.10
CA LEU C 10 23.03 -35.61 -3.80
C LEU C 10 21.74 -34.82 -3.82
N CYS C 11 21.70 -33.74 -4.62
CA CYS C 11 20.72 -32.68 -4.39
C CYS C 11 19.57 -32.64 -5.41
N ARG C 12 19.78 -33.11 -6.65
CA ARG C 12 18.80 -32.93 -7.70
C ARG C 12 17.76 -34.04 -7.69
N VAL C 13 16.52 -33.71 -8.06
CA VAL C 13 15.39 -34.60 -7.82
C VAL C 13 14.45 -34.58 -9.03
N GLU C 14 14.69 -33.65 -9.95
CA GLU C 14 13.77 -33.39 -11.04
C GLU C 14 14.11 -34.29 -12.22
N GLY C 15 13.07 -34.92 -12.79
CA GLY C 15 13.14 -35.67 -14.03
C GLY C 15 14.08 -36.87 -13.97
N ASP C 16 15.23 -36.72 -14.63
CA ASP C 16 16.20 -37.78 -14.82
C ASP C 16 16.78 -38.21 -13.47
N ALA C 17 17.35 -37.22 -12.78
CA ALA C 17 18.01 -37.26 -11.48
C ALA C 17 17.75 -38.55 -10.69
N PRO C 18 18.82 -39.30 -10.37
CA PRO C 18 18.71 -40.50 -9.55
C PRO C 18 18.14 -40.29 -8.14
N MET C 19 18.59 -39.24 -7.43
CA MET C 19 18.06 -39.02 -6.08
C MET C 19 16.55 -38.80 -6.13
N GLY C 20 16.05 -38.38 -7.30
CA GLY C 20 14.62 -38.33 -7.57
C GLY C 20 13.99 -39.72 -7.55
N ARG C 21 14.61 -40.64 -8.31
CA ARG C 21 14.06 -41.97 -8.44
C ARG C 21 14.11 -42.65 -7.07
N LEU C 22 15.17 -42.40 -6.30
CA LEU C 22 15.36 -43.11 -5.04
C LEU C 22 14.24 -42.74 -4.06
N MET C 23 13.94 -41.43 -3.99
CA MET C 23 13.01 -40.86 -3.04
C MET C 23 11.59 -41.29 -3.38
N ARG C 24 11.31 -41.37 -4.70
CA ARG C 24 9.97 -41.72 -5.16
C ARG C 24 9.70 -43.20 -4.89
N ARG C 25 10.56 -43.81 -4.05
CA ARG C 25 10.38 -45.18 -3.62
C ARG C 25 9.80 -45.18 -2.21
N HIS C 26 9.77 -44.01 -1.59
CA HIS C 26 9.10 -43.87 -0.31
C HIS C 26 7.75 -43.19 -0.49
N TRP C 27 6.84 -43.48 0.44
CA TRP C 27 5.65 -42.65 0.61
C TRP C 27 6.08 -41.26 1.01
N THR C 28 5.47 -40.27 0.34
CA THR C 28 5.86 -38.87 0.41
C THR C 28 4.67 -38.01 0.80
N PRO C 29 4.80 -37.11 1.81
CA PRO C 29 3.76 -36.11 2.09
C PRO C 29 3.65 -35.13 0.92
N ILE C 30 2.40 -34.85 0.51
CA ILE C 30 2.11 -34.00 -0.63
C ILE C 30 1.63 -32.65 -0.13
N CYS C 31 0.86 -32.66 0.94
CA CYS C 31 0.30 -31.46 1.53
C CYS C 31 -0.50 -31.88 2.74
N LEU C 32 -0.96 -30.88 3.50
CA LEU C 32 -1.65 -31.06 4.77
C LEU C 32 -3.11 -31.42 4.50
N VAL C 33 -3.70 -32.17 5.44
CA VAL C 33 -5.11 -32.54 5.37
C VAL C 33 -5.96 -31.27 5.47
N GLU C 34 -5.51 -30.33 6.30
CA GLU C 34 -6.27 -29.11 6.56
C GLU C 34 -6.55 -28.39 5.25
N GLU C 35 -5.68 -28.60 4.26
CA GLU C 35 -5.73 -27.83 3.03
C GLU C 35 -6.93 -28.24 2.17
N VAL C 36 -7.36 -29.50 2.28
CA VAL C 36 -8.34 -30.03 1.34
C VAL C 36 -9.73 -30.08 1.99
N GLY C 37 -9.72 -30.18 3.33
CA GLY C 37 -10.90 -30.02 4.16
C GLY C 37 -12.07 -30.88 3.69
N GLU C 38 -13.13 -30.21 3.24
CA GLU C 38 -14.44 -30.84 3.12
C GLU C 38 -14.58 -31.56 1.79
N PRO C 39 -15.39 -32.64 1.73
CA PRO C 39 -15.77 -33.25 0.46
C PRO C 39 -16.25 -32.17 -0.50
N ASP C 40 -15.68 -32.16 -1.70
CA ASP C 40 -16.05 -31.19 -2.73
C ASP C 40 -15.36 -29.86 -2.48
N GLY C 41 -14.36 -29.89 -1.57
CA GLY C 41 -13.58 -28.72 -1.17
C GLY C 41 -12.83 -28.07 -2.32
N THR C 42 -12.15 -26.97 -2.01
CA THR C 42 -11.42 -26.26 -3.05
C THR C 42 -10.17 -27.05 -3.42
N PRO C 43 -9.99 -27.38 -4.71
CA PRO C 43 -8.79 -28.07 -5.19
C PRO C 43 -7.51 -27.30 -4.84
N VAL C 44 -6.49 -28.07 -4.43
CA VAL C 44 -5.28 -27.54 -3.84
C VAL C 44 -4.14 -27.81 -4.82
N LYS C 45 -3.27 -26.82 -5.01
CA LYS C 45 -2.09 -27.00 -5.83
C LYS C 45 -0.95 -27.45 -4.92
N ALA C 46 -0.17 -28.45 -5.36
CA ALA C 46 1.04 -28.91 -4.68
C ALA C 46 2.17 -29.15 -5.69
N ARG C 47 3.33 -29.61 -5.18
CA ARG C 47 4.49 -29.81 -6.03
C ARG C 47 5.49 -30.77 -5.38
N ALA C 48 5.59 -31.97 -5.91
CA ALA C 48 6.65 -32.91 -5.55
C ALA C 48 7.51 -33.26 -6.77
N PHE C 49 8.82 -33.42 -6.50
CA PHE C 49 9.82 -33.92 -7.43
C PHE C 49 9.74 -33.27 -8.81
N GLY C 50 9.42 -31.98 -8.86
CA GLY C 50 9.39 -31.24 -10.12
C GLY C 50 8.10 -31.38 -10.92
N GLU C 51 7.05 -32.01 -10.37
CA GLU C 51 5.75 -32.08 -11.03
C GLU C 51 4.71 -31.29 -10.24
N ASP C 52 3.93 -30.47 -10.93
CA ASP C 52 2.77 -29.83 -10.34
C ASP C 52 1.63 -30.84 -10.20
N LEU C 53 0.89 -30.77 -9.08
CA LEU C 53 -0.15 -31.75 -8.75
C LEU C 53 -1.44 -31.02 -8.41
N VAL C 54 -2.58 -31.65 -8.72
CA VAL C 54 -3.82 -31.27 -8.09
C VAL C 54 -4.10 -32.27 -6.97
N VAL C 55 -4.51 -31.74 -5.81
CA VAL C 55 -5.14 -32.53 -4.78
C VAL C 55 -6.59 -32.07 -4.63
N PHE C 56 -7.46 -32.99 -4.20
CA PHE C 56 -8.85 -32.70 -3.90
C PHE C 56 -9.50 -33.90 -3.24
N ARG C 57 -10.42 -33.62 -2.30
CA ARG C 57 -11.30 -34.61 -1.72
C ARG C 57 -12.64 -34.55 -2.46
N ASP C 58 -13.13 -35.72 -2.90
CA ASP C 58 -14.32 -35.83 -3.74
C ASP C 58 -15.58 -36.00 -2.88
N SER C 59 -16.72 -36.20 -3.56
CA SER C 59 -18.04 -36.22 -2.92
C SER C 59 -18.07 -37.26 -1.81
N GLU C 60 -17.34 -38.36 -1.98
CA GLU C 60 -17.44 -39.45 -1.03
C GLU C 60 -16.39 -39.29 0.04
N GLY C 61 -15.38 -38.45 -0.20
CA GLY C 61 -14.38 -38.19 0.82
C GLY C 61 -13.02 -38.79 0.50
N ARG C 62 -12.91 -39.44 -0.67
CA ARG C 62 -11.66 -39.98 -1.20
C ARG C 62 -10.74 -38.84 -1.63
N VAL C 63 -9.44 -38.98 -1.38
CA VAL C 63 -8.56 -37.88 -1.73
C VAL C 63 -7.70 -38.29 -2.92
N GLY C 64 -7.87 -37.60 -4.05
CA GLY C 64 -7.05 -37.84 -5.23
C GLY C 64 -5.86 -36.87 -5.33
N VAL C 65 -4.79 -37.34 -5.94
CA VAL C 65 -3.61 -36.54 -6.19
C VAL C 65 -3.24 -36.80 -7.63
N MET C 66 -3.13 -35.75 -8.45
CA MET C 66 -2.92 -36.01 -9.87
C MET C 66 -2.04 -34.92 -10.47
N ASP C 67 -1.61 -35.19 -11.70
CA ASP C 67 -0.91 -34.19 -12.48
C ASP C 67 -1.85 -33.00 -12.60
N GLU C 68 -1.30 -31.78 -12.50
CA GLU C 68 -2.11 -30.57 -12.42
C GLU C 68 -2.80 -30.29 -13.75
N TYR C 69 -2.06 -30.51 -14.84
CA TYR C 69 -2.53 -30.15 -16.17
C TYR C 69 -3.48 -31.23 -16.69
N CYS C 70 -4.59 -30.76 -17.27
CA CYS C 70 -5.65 -31.59 -17.83
C CYS C 70 -5.11 -32.49 -18.95
N PRO C 71 -5.58 -33.76 -19.05
CA PRO C 71 -5.11 -34.68 -20.10
C PRO C 71 -5.36 -34.22 -21.54
N HIS C 72 -6.42 -33.41 -21.71
CA HIS C 72 -6.84 -32.88 -23.02
C HIS C 72 -5.83 -31.86 -23.55
N ARG C 73 -6.01 -30.58 -23.19
CA ARG C 73 -5.14 -29.59 -23.79
C ARG C 73 -4.25 -28.89 -22.76
N ARG C 74 -4.17 -29.46 -21.54
CA ARG C 74 -3.11 -29.19 -20.57
C ARG C 74 -3.35 -27.96 -19.71
N ALA C 75 -4.60 -27.52 -19.57
CA ALA C 75 -4.98 -26.40 -18.70
C ALA C 75 -4.90 -26.84 -17.24
N SER C 76 -5.01 -25.89 -16.31
CA SER C 76 -4.88 -26.26 -14.90
C SER C 76 -6.19 -26.82 -14.37
N LEU C 77 -6.11 -28.05 -13.83
CA LEU C 77 -7.25 -28.64 -13.16
C LEU C 77 -7.53 -27.95 -11.83
N VAL C 78 -6.54 -27.23 -11.30
CA VAL C 78 -6.67 -26.49 -10.05
C VAL C 78 -7.85 -25.51 -10.11
N TYR C 79 -8.22 -25.05 -11.31
CA TYR C 79 -9.32 -24.14 -11.54
C TYR C 79 -10.64 -24.89 -11.74
N GLY C 80 -10.63 -26.23 -11.64
CA GLY C 80 -11.78 -27.04 -12.02
C GLY C 80 -12.86 -27.14 -10.95
N ARG C 81 -14.03 -27.64 -11.34
CA ARG C 81 -15.11 -27.84 -10.39
C ARG C 81 -14.98 -29.22 -9.75
N ASN C 82 -14.97 -29.23 -8.42
CA ASN C 82 -14.86 -30.45 -7.65
C ASN C 82 -16.23 -30.82 -7.13
N GLU C 83 -17.02 -31.51 -7.96
CA GLU C 83 -18.30 -32.01 -7.49
C GLU C 83 -18.61 -33.36 -8.15
N GLU C 84 -19.50 -34.09 -7.47
CA GLU C 84 -20.21 -35.24 -8.02
C GLU C 84 -19.20 -36.30 -8.43
N GLY C 85 -18.27 -36.61 -7.51
CA GLY C 85 -17.37 -37.73 -7.65
C GLY C 85 -16.11 -37.42 -8.46
N GLY C 86 -16.02 -36.19 -9.00
CA GLY C 86 -14.88 -35.83 -9.84
C GLY C 86 -14.37 -34.39 -9.70
N LEU C 87 -13.29 -34.13 -10.45
CA LEU C 87 -12.78 -32.80 -10.70
C LEU C 87 -12.89 -32.51 -12.19
N ARG C 88 -13.74 -31.54 -12.58
CA ARG C 88 -13.96 -31.32 -13.99
C ARG C 88 -13.23 -30.06 -14.45
N CYS C 89 -12.35 -30.23 -15.45
CA CYS C 89 -11.68 -29.15 -16.16
C CYS C 89 -12.70 -28.14 -16.68
N LEU C 90 -12.39 -26.84 -16.57
CA LEU C 90 -13.33 -25.79 -16.92
C LEU C 90 -13.44 -25.67 -18.44
N TYR C 91 -12.31 -25.87 -19.12
CA TYR C 91 -12.21 -25.61 -20.56
C TYR C 91 -13.26 -26.38 -21.35
N HIS C 92 -13.15 -27.71 -21.38
CA HIS C 92 -13.96 -28.52 -22.28
C HIS C 92 -14.83 -29.53 -21.52
N GLY C 93 -14.81 -29.48 -20.19
CA GLY C 93 -15.69 -30.31 -19.39
C GLY C 93 -15.30 -31.79 -19.31
N TRP C 94 -13.99 -32.10 -19.42
CA TRP C 94 -13.53 -33.44 -19.06
C TRP C 94 -13.48 -33.55 -17.55
N LYS C 95 -13.90 -34.70 -17.02
CA LYS C 95 -14.02 -34.87 -15.58
C LYS C 95 -13.27 -36.11 -15.13
N MET C 96 -12.25 -35.95 -14.28
CA MET C 96 -11.46 -37.08 -13.79
C MET C 96 -12.01 -37.54 -12.44
N ASP C 97 -11.61 -38.76 -12.04
CA ASP C 97 -11.82 -39.23 -10.67
C ASP C 97 -10.49 -39.22 -9.93
N VAL C 98 -10.55 -39.52 -8.62
CA VAL C 98 -9.35 -39.54 -7.79
C VAL C 98 -8.27 -40.41 -8.44
N ASP C 99 -8.66 -41.37 -9.30
CA ASP C 99 -7.80 -42.46 -9.74
C ASP C 99 -7.15 -42.15 -11.08
N GLY C 100 -7.62 -41.12 -11.78
CA GLY C 100 -7.10 -40.72 -13.08
C GLY C 100 -8.09 -40.97 -14.21
N ASN C 101 -9.25 -41.56 -13.87
CA ASN C 101 -10.22 -42.00 -14.85
C ASN C 101 -11.05 -40.81 -15.32
N VAL C 102 -11.18 -40.70 -16.65
CA VAL C 102 -11.99 -39.67 -17.28
C VAL C 102 -13.40 -40.23 -17.40
N LEU C 103 -14.34 -39.71 -16.61
CA LEU C 103 -15.66 -40.32 -16.54
C LEU C 103 -16.55 -39.84 -17.68
N GLU C 104 -16.08 -38.81 -18.43
CA GLU C 104 -16.98 -37.98 -19.22
C GLU C 104 -16.19 -36.87 -19.89
N MET C 105 -16.61 -36.48 -21.11
CA MET C 105 -16.00 -35.38 -21.84
C MET C 105 -17.11 -34.58 -22.51
N ALA C 106 -17.54 -33.51 -21.83
CA ALA C 106 -18.75 -32.75 -22.15
C ALA C 106 -19.02 -32.67 -23.65
N SER C 107 -18.02 -32.24 -24.43
CA SER C 107 -18.19 -31.89 -25.84
C SER C 107 -17.78 -33.04 -26.78
N GLU C 108 -18.28 -34.26 -26.48
CA GLU C 108 -17.93 -35.47 -27.20
C GLU C 108 -19.03 -36.52 -26.95
N PRO C 109 -19.51 -37.23 -28.00
CA PRO C 109 -20.65 -38.16 -27.86
C PRO C 109 -20.46 -39.27 -26.83
N ALA C 110 -21.56 -39.98 -26.53
CA ALA C 110 -21.57 -41.08 -25.57
C ALA C 110 -21.63 -42.42 -26.29
N ALA C 111 -22.42 -42.48 -27.38
CA ALA C 111 -22.66 -43.69 -28.16
C ALA C 111 -21.40 -44.07 -28.97
N LYS C 117 -11.68 -45.37 -21.18
CA LYS C 117 -10.35 -46.03 -21.34
C LYS C 117 -9.25 -44.99 -21.15
N VAL C 118 -9.59 -43.71 -21.41
CA VAL C 118 -8.65 -42.60 -21.30
C VAL C 118 -8.29 -42.43 -19.84
N LYS C 119 -6.98 -42.29 -19.54
CA LYS C 119 -6.49 -42.28 -18.17
C LYS C 119 -5.34 -41.29 -18.00
N HIS C 120 -5.37 -40.57 -16.88
CA HIS C 120 -4.57 -39.39 -16.60
C HIS C 120 -3.66 -39.70 -15.41
N THR C 121 -2.40 -39.22 -15.44
CA THR C 121 -1.44 -39.50 -14.38
C THR C 121 -2.02 -39.16 -13.02
N ALA C 122 -2.18 -40.17 -12.16
CA ALA C 122 -2.67 -39.97 -10.80
C ALA C 122 -2.07 -41.06 -9.90
N TYR C 123 -1.82 -40.73 -8.63
CA TYR C 123 -1.02 -41.59 -7.80
C TYR C 123 -1.85 -42.10 -6.63
N PRO C 124 -1.52 -43.31 -6.11
CA PRO C 124 -2.13 -43.79 -4.86
C PRO C 124 -1.89 -42.80 -3.71
N THR C 125 -2.94 -42.61 -2.90
CA THR C 125 -2.85 -41.65 -1.83
C THR C 125 -3.25 -42.31 -0.51
N GLN C 126 -2.80 -41.70 0.59
CA GLN C 126 -3.13 -42.16 1.93
C GLN C 126 -3.13 -40.97 2.88
N GLU C 127 -4.15 -40.91 3.75
CA GLU C 127 -4.24 -39.84 4.74
C GLU C 127 -3.73 -40.35 6.07
N TRP C 128 -2.75 -39.65 6.66
CA TRP C 128 -2.23 -40.10 7.94
C TRP C 128 -1.50 -38.97 8.64
N ALA C 129 -1.76 -38.85 9.95
CA ALA C 129 -0.99 -38.03 10.85
C ALA C 129 -1.11 -36.56 10.48
N GLY C 130 -2.15 -36.23 9.73
CA GLY C 130 -2.41 -34.86 9.34
C GLY C 130 -2.03 -34.54 7.90
N MET C 131 -1.44 -35.53 7.21
CA MET C 131 -0.90 -35.29 5.88
C MET C 131 -1.60 -36.15 4.82
N VAL C 132 -1.67 -35.60 3.60
CA VAL C 132 -1.96 -36.42 2.44
C VAL C 132 -0.62 -36.92 1.95
N TRP C 133 -0.44 -38.24 1.89
CA TRP C 133 0.69 -38.88 1.24
C TRP C 133 0.33 -39.44 -0.14
N ALA C 134 1.35 -39.51 -1.01
CA ALA C 134 1.19 -40.20 -2.27
C ALA C 134 2.44 -41.04 -2.55
N TYR C 135 2.29 -42.09 -3.39
CA TYR C 135 3.41 -42.86 -3.89
C TYR C 135 3.62 -42.50 -5.35
N MET C 136 4.76 -41.89 -5.65
CA MET C 136 4.94 -41.27 -6.95
C MET C 136 6.02 -42.01 -7.74
N GLY C 137 6.32 -43.24 -7.29
CA GLY C 137 7.26 -44.12 -7.97
C GLY C 137 6.54 -45.23 -8.74
N PRO C 138 7.29 -46.10 -9.47
CA PRO C 138 6.72 -47.23 -10.20
C PRO C 138 5.65 -47.97 -9.39
N LYS C 139 4.45 -48.11 -9.97
CA LYS C 139 3.26 -48.63 -9.30
C LYS C 139 3.58 -49.92 -8.56
N GLU C 140 4.22 -50.87 -9.24
CA GLU C 140 4.41 -52.22 -8.74
C GLU C 140 5.58 -52.31 -7.75
N THR C 141 6.08 -51.14 -7.32
CA THR C 141 7.12 -51.09 -6.31
C THR C 141 6.58 -50.39 -5.07
N MET C 142 5.26 -50.13 -5.06
CA MET C 142 4.59 -49.50 -3.94
C MET C 142 4.47 -50.50 -2.77
N PRO C 143 5.06 -50.19 -1.59
CA PRO C 143 4.87 -50.98 -0.38
C PRO C 143 3.55 -50.63 0.30
N GLU C 144 3.04 -51.56 1.12
CA GLU C 144 1.97 -51.26 2.05
C GLU C 144 2.38 -50.03 2.85
N PHE C 145 1.43 -49.10 3.08
CA PHE C 145 1.74 -47.92 3.87
C PHE C 145 1.80 -48.27 5.36
N LEU C 146 3.01 -48.21 5.94
CA LEU C 146 3.21 -48.48 7.34
C LEU C 146 3.41 -47.17 8.10
N PRO C 147 2.86 -47.06 9.33
CA PRO C 147 3.18 -45.99 10.26
C PRO C 147 4.63 -45.51 10.32
N PRO C 148 4.89 -44.20 10.10
CA PRO C 148 6.24 -43.64 10.24
C PRO C 148 6.60 -43.56 11.73
N ALA C 149 7.88 -43.33 12.02
CA ALA C 149 8.40 -43.51 13.37
C ALA C 149 7.93 -42.39 14.31
N TRP C 150 7.24 -41.39 13.77
CA TRP C 150 6.93 -40.16 14.49
C TRP C 150 5.43 -39.94 14.59
N ALA C 151 4.65 -40.95 14.18
CA ALA C 151 3.20 -40.90 14.26
C ALA C 151 2.67 -42.33 14.36
N PRO C 152 2.97 -43.08 15.46
CA PRO C 152 2.71 -44.52 15.51
C PRO C 152 1.27 -44.94 15.19
N THR C 153 0.30 -44.48 16.00
CA THR C 153 -1.10 -44.89 15.84
C THR C 153 -1.99 -43.66 15.70
N ALA C 154 -3.31 -43.88 15.63
CA ALA C 154 -4.25 -42.81 15.32
C ALA C 154 -4.64 -42.03 16.57
N ASP C 155 -4.17 -42.46 17.75
CA ASP C 155 -4.44 -41.76 19.00
C ASP C 155 -3.28 -40.85 19.39
N THR C 156 -2.30 -40.70 18.50
CA THR C 156 -1.26 -39.71 18.66
C THR C 156 -1.84 -38.35 18.28
N ARG C 157 -1.38 -37.30 18.97
CA ARG C 157 -1.60 -35.96 18.47
C ARG C 157 -0.33 -35.54 17.71
N VAL C 158 -0.53 -35.28 16.43
CA VAL C 158 0.53 -34.82 15.55
C VAL C 158 0.17 -33.42 15.10
N SER C 159 0.99 -32.44 15.50
CA SER C 159 0.75 -31.06 15.15
C SER C 159 1.85 -30.56 14.21
N ILE C 160 1.44 -30.08 13.04
CA ILE C 160 2.35 -29.80 11.94
C ILE C 160 2.44 -28.30 11.69
N ALA C 161 3.68 -27.83 11.54
CA ALA C 161 3.94 -26.55 10.90
C ALA C 161 4.47 -26.82 9.49
N LYS C 162 3.83 -26.23 8.47
CA LYS C 162 4.37 -26.37 7.12
C LYS C 162 4.90 -25.02 6.64
N VAL C 163 6.05 -25.06 5.95
CA VAL C 163 6.59 -23.84 5.37
C VAL C 163 7.23 -24.24 4.05
N LEU C 164 6.77 -23.63 2.95
CA LEU C 164 7.43 -23.83 1.67
C LEU C 164 8.66 -22.93 1.63
N LEU C 165 9.83 -23.56 1.41
CA LEU C 165 11.10 -22.88 1.55
C LEU C 165 11.80 -22.82 0.19
N PRO C 166 12.28 -21.65 -0.25
CA PRO C 166 12.96 -21.56 -1.54
C PRO C 166 14.45 -21.96 -1.53
N CYS C 167 14.75 -23.13 -0.96
CA CYS C 167 16.04 -23.75 -1.23
C CYS C 167 15.91 -25.28 -1.26
N ASN C 168 17.04 -25.90 -1.62
CA ASN C 168 17.12 -27.31 -1.92
C ASN C 168 17.03 -28.06 -0.60
N TRP C 169 16.49 -29.28 -0.67
CA TRP C 169 16.09 -30.06 0.48
C TRP C 169 17.29 -30.39 1.36
N ALA C 170 18.46 -30.63 0.75
CA ALA C 170 19.53 -31.30 1.46
C ALA C 170 20.10 -30.39 2.55
N GLN C 171 20.30 -29.10 2.23
CA GLN C 171 20.79 -28.20 3.27
C GLN C 171 19.76 -28.05 4.38
N ILE C 172 18.49 -28.39 4.11
CA ILE C 172 17.49 -28.23 5.14
C ILE C 172 17.55 -29.44 6.05
N LEU C 173 17.89 -30.60 5.50
CA LEU C 173 17.95 -31.71 6.42
C LEU C 173 19.24 -31.64 7.22
N GLU C 174 20.32 -31.23 6.56
CA GLU C 174 21.58 -31.03 7.27
C GLU C 174 21.30 -30.27 8.57
N GLY C 175 20.47 -29.22 8.49
CA GLY C 175 20.13 -28.36 9.61
C GLY C 175 19.41 -29.09 10.74
N ALA C 176 18.66 -30.15 10.42
CA ALA C 176 17.97 -30.94 11.43
C ALA C 176 18.95 -31.84 12.17
N ILE C 177 19.98 -32.33 11.48
CA ILE C 177 20.85 -33.29 12.14
C ILE C 177 22.14 -32.58 12.58
N ASP C 178 22.05 -31.37 13.11
CA ASP C 178 23.32 -30.72 13.39
C ASP C 178 23.29 -30.15 14.80
N SER C 179 23.75 -30.91 15.78
CA SER C 179 23.34 -30.60 17.15
C SER C 179 24.00 -29.32 17.67
N ALA C 180 25.19 -29.02 17.16
CA ALA C 180 26.04 -27.94 17.68
C ALA C 180 25.45 -26.57 17.36
N HIS C 181 24.44 -26.56 16.47
CA HIS C 181 23.83 -25.33 16.01
C HIS C 181 22.90 -24.79 17.09
N SER C 182 22.36 -25.68 17.93
CA SER C 182 21.36 -25.27 18.89
C SER C 182 21.97 -24.35 19.94
N SER C 183 23.27 -24.53 20.21
CA SER C 183 23.97 -23.85 21.28
C SER C 183 24.60 -22.56 20.77
N SER C 184 24.49 -22.32 19.45
CA SER C 184 24.80 -21.03 18.85
C SER C 184 23.50 -20.34 18.42
N LEU C 185 22.93 -20.78 17.29
CA LEU C 185 21.83 -20.07 16.66
C LEU C 185 20.64 -19.95 17.61
N HIS C 186 20.26 -21.07 18.25
CA HIS C 186 19.07 -21.10 19.10
C HIS C 186 19.42 -20.88 20.58
N SER C 187 20.58 -20.28 20.89
CA SER C 187 21.03 -20.10 22.27
C SER C 187 20.12 -19.17 23.07
N SER C 188 19.31 -18.35 22.38
CA SER C 188 18.45 -17.41 23.07
C SER C 188 17.05 -17.98 23.25
N ASP C 189 16.82 -19.16 22.66
CA ASP C 189 15.51 -19.77 22.54
C ASP C 189 15.44 -21.06 23.37
N MET C 190 16.51 -21.85 23.34
CA MET C 190 16.57 -23.08 24.11
C MET C 190 17.64 -22.96 25.20
N VAL C 191 17.25 -22.36 26.33
CA VAL C 191 18.17 -21.78 27.30
C VAL C 191 18.62 -22.82 28.33
N PRO C 192 19.88 -22.76 28.85
CA PRO C 192 20.29 -23.46 30.06
C PRO C 192 19.16 -23.74 31.07
N THR C 204 9.54 -20.91 24.76
CA THR C 204 10.72 -21.04 25.65
C THR C 204 10.94 -22.52 25.99
N TRP C 205 12.16 -23.03 25.70
CA TRP C 205 12.60 -24.40 25.97
C TRP C 205 13.81 -24.35 26.92
N LEU C 206 14.00 -25.41 27.71
CA LEU C 206 15.10 -25.50 28.67
C LEU C 206 15.86 -26.81 28.46
N ARG C 207 17.20 -26.73 28.45
CA ARG C 207 18.07 -27.90 28.33
C ARG C 207 18.97 -28.02 29.57
N PRO C 208 19.22 -29.26 30.08
CA PRO C 208 20.11 -29.49 31.23
C PRO C 208 21.61 -29.39 30.93
N SER C 209 22.06 -28.26 30.36
CA SER C 209 23.47 -28.08 29.99
C SER C 209 23.75 -26.64 29.55
N THR C 210 25.05 -26.27 29.58
CA THR C 210 25.58 -25.00 29.10
C THR C 210 26.68 -25.24 28.06
N ASP C 211 27.00 -26.52 27.82
CA ASP C 211 28.08 -26.95 26.93
C ASP C 211 27.66 -26.79 25.47
N LYS C 212 28.55 -26.23 24.64
CA LYS C 212 28.24 -25.85 23.26
C LYS C 212 28.94 -26.77 22.26
N ALA C 213 29.98 -27.48 22.71
CA ALA C 213 30.88 -28.18 21.81
C ALA C 213 30.92 -29.68 22.11
N PRO C 214 29.90 -30.47 21.70
CA PRO C 214 29.74 -31.85 22.17
C PRO C 214 30.46 -32.95 21.38
N ARG C 215 31.01 -33.93 22.11
CA ARG C 215 31.62 -35.12 21.52
C ARG C 215 30.53 -35.97 20.86
N MET C 216 30.70 -36.26 19.57
CA MET C 216 29.65 -36.94 18.82
C MET C 216 30.07 -38.36 18.43
N GLN C 217 29.07 -39.25 18.31
CA GLN C 217 29.21 -40.63 17.87
C GLN C 217 28.04 -41.00 16.95
N VAL C 218 28.30 -41.91 16.00
CA VAL C 218 27.38 -42.23 14.94
C VAL C 218 27.27 -43.75 14.80
N GLN C 219 26.03 -44.24 14.67
CA GLN C 219 25.76 -45.64 14.40
C GLN C 219 24.94 -45.73 13.13
N ARG C 220 25.54 -46.30 12.08
CA ARG C 220 24.87 -46.43 10.80
C ARG C 220 23.90 -47.61 10.83
N THR C 221 22.70 -47.43 10.29
CA THR C 221 21.72 -48.51 10.23
C THR C 221 21.27 -48.78 8.79
N GLY C 222 20.21 -49.58 8.65
CA GLY C 222 19.65 -49.90 7.35
C GLY C 222 18.77 -48.78 6.80
N TYR C 223 18.15 -48.01 7.71
CA TYR C 223 17.14 -47.03 7.36
C TYR C 223 17.72 -45.62 7.31
N GLY C 224 19.01 -45.50 7.63
CA GLY C 224 19.60 -44.20 7.89
C GLY C 224 20.70 -44.34 8.94
N PHE C 225 20.65 -43.49 9.98
CA PHE C 225 21.62 -43.60 11.07
C PHE C 225 21.10 -42.97 12.35
N ARG C 226 21.62 -43.44 13.49
CA ARG C 226 21.38 -42.78 14.75
C ARG C 226 22.69 -42.10 15.14
N TYR C 227 22.61 -40.97 15.84
CA TYR C 227 23.84 -40.44 16.40
C TYR C 227 23.57 -39.82 17.76
N ALA C 228 24.65 -39.59 18.50
CA ALA C 228 24.55 -39.14 19.88
C ALA C 228 25.42 -37.92 20.10
N ALA C 229 24.84 -36.90 20.72
CA ALA C 229 25.62 -35.74 21.13
C ALA C 229 25.80 -35.79 22.65
N LEU C 230 27.06 -35.91 23.06
CA LEU C 230 27.38 -36.04 24.46
C LEU C 230 27.89 -34.70 24.98
N ARG C 231 27.00 -33.98 25.67
CA ARG C 231 27.31 -32.80 26.45
C ARG C 231 27.64 -33.24 27.87
N ARG C 232 28.50 -32.47 28.53
CA ARG C 232 28.79 -32.68 29.94
C ARG C 232 27.66 -32.06 30.76
N PRO C 233 27.00 -32.81 31.68
CA PRO C 233 25.87 -32.29 32.46
C PRO C 233 26.32 -31.23 33.47
N LEU C 234 25.45 -30.23 33.70
CA LEU C 234 25.74 -29.12 34.60
C LEU C 234 26.42 -29.62 35.88
N SER C 235 26.06 -30.83 36.34
CA SER C 235 26.70 -31.46 37.48
C SER C 235 26.81 -32.97 37.27
N ASN C 236 27.74 -33.59 38.01
CA ASN C 236 28.11 -34.99 37.90
C ASN C 236 28.58 -35.27 36.46
N ALA C 237 29.68 -34.63 36.07
CA ALA C 237 30.23 -34.72 34.72
C ALA C 237 31.31 -35.79 34.66
N ALA C 238 31.58 -36.41 35.81
CA ALA C 238 32.69 -37.33 35.98
C ALA C 238 32.27 -38.77 35.67
N GLU C 239 31.00 -39.12 35.96
CA GLU C 239 30.53 -40.49 35.89
C GLU C 239 29.18 -40.60 35.18
N ASN C 240 28.60 -39.47 34.74
CA ASN C 240 27.36 -39.43 33.97
C ASN C 240 27.50 -38.41 32.84
N ASP C 241 26.86 -38.68 31.70
CA ASP C 241 26.83 -37.70 30.61
C ASP C 241 25.39 -37.44 30.18
N TYR C 242 25.18 -36.24 29.60
CA TYR C 242 23.92 -35.84 28.99
C TYR C 242 23.92 -36.22 27.51
N VAL C 243 23.20 -37.31 27.20
CA VAL C 243 23.10 -37.88 25.88
C VAL C 243 21.87 -37.30 25.16
N ARG C 244 22.11 -36.69 23.99
CA ARG C 244 21.02 -36.24 23.13
C ARG C 244 21.12 -36.98 21.80
N SER C 245 20.10 -37.78 21.46
CA SER C 245 20.21 -38.72 20.34
C SER C 245 19.30 -38.32 19.19
N THR C 246 19.89 -38.00 18.04
CA THR C 246 19.07 -37.73 16.86
C THR C 246 19.07 -38.91 15.90
N VAL C 247 17.94 -39.11 15.19
CA VAL C 247 17.87 -40.19 14.23
C VAL C 247 17.58 -39.61 12.85
N PHE C 248 18.46 -39.91 11.88
CA PHE C 248 18.21 -39.65 10.48
C PHE C 248 17.53 -40.86 9.80
N VAL C 249 16.29 -40.68 9.37
CA VAL C 249 15.58 -41.69 8.61
C VAL C 249 15.52 -41.20 7.17
N ALA C 250 16.22 -41.90 6.28
CA ALA C 250 16.37 -41.49 4.89
C ALA C 250 15.05 -41.63 4.16
N PRO C 251 14.85 -40.91 3.03
CA PRO C 251 15.81 -39.90 2.59
C PRO C 251 15.86 -38.54 3.29
N ALA C 252 14.73 -38.01 3.78
CA ALA C 252 14.83 -36.65 4.32
C ALA C 252 14.05 -36.43 5.62
N THR C 253 14.07 -37.41 6.52
CA THR C 253 13.35 -37.29 7.79
C THR C 253 14.36 -37.30 8.93
N ALA C 254 14.15 -36.43 9.94
CA ALA C 254 14.93 -36.41 11.16
C ALA C 254 14.00 -36.51 12.37
N LEU C 255 14.42 -37.28 13.38
CA LEU C 255 13.74 -37.44 14.66
C LEU C 255 14.60 -36.73 15.70
N ILE C 256 14.09 -35.62 16.21
CA ILE C 256 14.87 -34.68 17.00
C ILE C 256 14.75 -35.11 18.46
N PRO C 257 15.74 -34.80 19.32
CA PRO C 257 15.63 -35.08 20.76
C PRO C 257 14.33 -34.52 21.32
N PRO C 258 13.51 -35.31 22.06
CA PRO C 258 12.29 -34.77 22.65
C PRO C 258 12.59 -33.77 23.75
N ASN C 259 11.56 -33.04 24.20
CA ASN C 259 11.56 -32.41 25.52
C ASN C 259 10.88 -33.39 26.46
N ASN C 260 10.57 -32.95 27.67
CA ASN C 260 10.06 -33.92 28.62
C ASN C 260 8.56 -34.17 28.43
N LEU C 261 7.91 -33.42 27.52
CA LEU C 261 6.47 -33.62 27.40
C LEU C 261 6.09 -34.17 26.02
N TYR C 262 6.84 -33.81 24.97
CA TYR C 262 6.46 -34.25 23.62
C TYR C 262 7.69 -34.48 22.74
N ASN C 263 7.43 -35.14 21.61
CA ASN C 263 8.45 -35.43 20.62
C ASN C 263 8.37 -34.41 19.49
N VAL C 264 9.45 -34.36 18.69
CA VAL C 264 9.65 -33.41 17.61
C VAL C 264 10.25 -34.15 16.43
N ALA C 265 9.58 -34.08 15.26
CA ALA C 265 10.10 -34.65 14.02
C ALA C 265 10.12 -33.61 12.90
N ASN C 266 10.98 -33.86 11.91
CA ASN C 266 11.08 -33.02 10.74
C ASN C 266 11.16 -33.92 9.52
N ILE C 267 10.21 -33.77 8.60
CA ILE C 267 10.28 -34.44 7.32
C ILE C 267 10.34 -33.35 6.25
N ASN C 268 11.17 -33.56 5.21
CA ASN C 268 11.26 -32.58 4.15
C ASN C 268 10.84 -33.22 2.84
N VAL C 269 10.24 -32.43 1.94
CA VAL C 269 9.87 -32.98 0.65
C VAL C 269 10.30 -32.03 -0.46
N PRO C 270 11.22 -32.48 -1.36
CA PRO C 270 11.70 -31.67 -2.47
C PRO C 270 10.56 -31.37 -3.44
N MET C 271 10.18 -30.09 -3.52
CA MET C 271 9.17 -29.70 -4.49
C MET C 271 9.83 -29.70 -5.86
N ASP C 272 11.11 -29.31 -5.87
CA ASP C 272 11.98 -29.34 -7.03
C ASP C 272 13.42 -29.16 -6.57
N ASP C 273 14.32 -28.83 -7.50
CA ASP C 273 15.74 -28.73 -7.22
C ASP C 273 16.05 -27.60 -6.25
N THR C 274 15.20 -26.56 -6.18
CA THR C 274 15.55 -25.40 -5.38
C THR C 274 14.43 -24.97 -4.43
N ASN C 275 13.48 -25.88 -4.15
CA ASN C 275 12.40 -25.54 -3.25
C ASN C 275 11.99 -26.80 -2.52
N THR C 276 11.86 -26.68 -1.20
CA THR C 276 11.41 -27.78 -0.36
C THR C 276 10.16 -27.39 0.43
N ALA C 277 9.20 -28.32 0.54
CA ALA C 277 8.17 -28.25 1.56
C ALA C 277 8.73 -28.82 2.88
N PHE C 278 8.72 -27.99 3.93
CA PHE C 278 9.35 -28.35 5.18
C PHE C 278 8.30 -28.55 6.26
N TYR C 279 8.18 -29.77 6.79
CA TYR C 279 7.20 -30.06 7.84
C TYR C 279 7.87 -30.32 9.18
N PHE C 280 7.56 -29.45 10.14
CA PHE C 280 8.17 -29.51 11.45
C PHE C 280 7.10 -29.84 12.49
N ILE C 281 7.24 -31.02 13.12
CA ILE C 281 6.12 -31.68 13.79
C ILE C 281 6.31 -31.73 15.31
N ALA C 282 5.19 -31.59 16.05
CA ALA C 282 5.13 -31.94 17.47
C ALA C 282 4.17 -33.12 17.67
N TRP C 283 4.66 -34.18 18.33
CA TRP C 283 3.84 -35.37 18.51
C TRP C 283 4.05 -36.01 19.88
N GLY C 284 3.00 -36.68 20.35
CA GLY C 284 2.99 -37.31 21.67
C GLY C 284 1.56 -37.52 22.19
N HIS C 285 1.42 -37.56 23.52
CA HIS C 285 0.12 -37.79 24.11
C HIS C 285 -0.75 -36.53 24.05
N PRO C 286 -2.01 -36.62 23.54
CA PRO C 286 -2.91 -35.47 23.52
C PRO C 286 -2.80 -34.54 24.72
N SER C 287 -2.60 -35.09 25.91
CA SER C 287 -2.71 -34.28 27.11
C SER C 287 -1.39 -33.54 27.38
N GLN C 288 -0.44 -33.62 26.45
CA GLN C 288 0.93 -33.16 26.70
C GLN C 288 1.55 -32.51 25.46
N THR C 289 0.87 -32.61 24.32
CA THR C 289 1.35 -32.17 23.02
C THR C 289 0.51 -30.96 22.60
N PRO C 290 1.13 -29.87 22.10
CA PRO C 290 0.37 -28.68 21.72
C PRO C 290 -0.51 -28.93 20.51
N GLU C 291 -1.59 -28.14 20.36
CA GLU C 291 -2.41 -28.23 19.15
C GLU C 291 -1.71 -27.41 18.06
N THR C 292 -2.21 -27.55 16.83
CA THR C 292 -1.55 -26.96 15.68
C THR C 292 -1.23 -25.48 15.89
N GLU C 293 -2.24 -24.65 16.17
CA GLU C 293 -2.06 -23.21 16.24
C GLU C 293 -1.15 -22.80 17.38
N THR C 294 -1.17 -23.56 18.49
CA THR C 294 -0.24 -23.32 19.57
C THR C 294 1.18 -23.56 19.06
N TRP C 295 1.38 -24.68 18.35
CA TRP C 295 2.66 -25.06 17.76
C TRP C 295 3.11 -23.92 16.84
N ARG C 296 2.23 -23.56 15.90
CA ARG C 296 2.57 -22.58 14.91
C ARG C 296 2.89 -21.25 15.59
N LYS C 297 2.13 -20.91 16.64
CA LYS C 297 2.33 -19.62 17.25
C LYS C 297 3.70 -19.62 17.88
N PHE C 298 4.09 -20.77 18.45
CA PHE C 298 5.31 -20.83 19.22
C PHE C 298 6.51 -20.73 18.28
N LEU C 299 6.40 -21.43 17.14
CA LEU C 299 7.47 -21.43 16.15
C LEU C 299 7.39 -20.20 15.24
N ARG C 300 6.41 -19.31 15.48
CA ARG C 300 6.06 -18.20 14.60
C ARG C 300 5.93 -18.67 13.15
N GLN C 301 4.99 -19.58 12.89
CA GLN C 301 4.82 -20.11 11.55
C GLN C 301 3.33 -20.14 11.20
N THR C 302 2.60 -19.14 11.73
CA THR C 302 1.15 -19.01 11.62
C THR C 302 0.75 -18.43 10.27
N VAL C 303 -0.14 -19.14 9.56
CA VAL C 303 -0.67 -18.65 8.30
C VAL C 303 -1.47 -17.37 8.57
N GLY C 304 -1.16 -16.34 7.79
CA GLY C 304 -1.75 -15.01 7.94
C GLY C 304 -0.91 -14.06 8.80
N VAL C 305 0.03 -14.60 9.60
CA VAL C 305 0.88 -13.71 10.37
C VAL C 305 2.32 -13.79 9.89
N ASP C 306 2.90 -15.00 9.94
CA ASP C 306 4.24 -15.30 9.47
C ASP C 306 4.25 -15.79 8.01
N LEU C 307 3.16 -16.44 7.55
CA LEU C 307 3.15 -17.03 6.22
C LEU C 307 1.96 -16.54 5.42
N ASP C 308 2.08 -16.55 4.09
CA ASP C 308 0.93 -16.26 3.24
C ASP C 308 0.04 -17.51 3.17
N GLN C 309 -1.02 -17.44 2.34
CA GLN C 309 -2.02 -18.49 2.19
C GLN C 309 -1.42 -19.78 1.65
N ASN C 310 -0.23 -19.72 1.02
CA ASN C 310 0.41 -20.90 0.44
C ASN C 310 1.50 -21.44 1.37
N TYR C 311 1.65 -20.81 2.53
CA TYR C 311 2.57 -21.31 3.54
C TYR C 311 4.00 -20.83 3.24
N ARG C 312 4.13 -19.92 2.26
CA ARG C 312 5.43 -19.34 1.94
C ARG C 312 5.73 -18.20 2.92
N PRO C 313 6.98 -18.05 3.41
CA PRO C 313 7.27 -17.15 4.53
C PRO C 313 7.30 -15.70 4.07
N LEU C 314 6.82 -14.80 4.95
CA LEU C 314 6.84 -13.37 4.71
C LEU C 314 8.22 -12.81 5.04
N ARG C 315 8.95 -13.48 5.93
CA ARG C 315 10.37 -13.21 6.14
C ARG C 315 11.14 -13.59 4.88
N ASN C 316 12.22 -12.86 4.59
CA ASN C 316 13.03 -13.14 3.40
C ASN C 316 14.30 -12.31 3.42
N GLU C 317 15.12 -12.46 2.37
CA GLU C 317 16.43 -11.81 2.32
C GLU C 317 16.25 -10.31 2.23
N ALA C 318 15.27 -9.87 1.43
CA ALA C 318 14.98 -8.44 1.29
C ALA C 318 14.69 -7.79 2.65
N ASN C 319 13.95 -8.46 3.54
CA ASN C 319 13.61 -7.82 4.80
C ASN C 319 14.50 -8.32 5.94
N LYS C 320 15.58 -9.04 5.60
CA LYS C 320 16.57 -9.58 6.54
C LYS C 320 15.93 -10.49 7.59
N PHE C 321 14.90 -11.23 7.17
CA PHE C 321 14.07 -12.09 8.00
C PHE C 321 13.58 -11.37 9.27
N TRP C 322 13.41 -10.05 9.17
CA TRP C 322 12.93 -9.19 10.26
C TRP C 322 13.97 -9.12 11.39
N GLN C 323 15.25 -9.29 11.02
CA GLN C 323 16.30 -9.24 12.02
C GLN C 323 16.23 -7.91 12.76
N ASP C 324 16.05 -7.99 14.07
CA ASP C 324 15.94 -6.81 14.89
C ASP C 324 17.29 -6.51 15.55
N ARG C 325 17.99 -5.49 15.04
CA ARG C 325 19.37 -5.22 15.43
C ARG C 325 19.43 -4.71 16.88
N ASN C 326 18.35 -4.04 17.32
CA ASN C 326 18.27 -3.53 18.67
C ASN C 326 18.09 -4.67 19.67
N ALA C 327 17.28 -5.67 19.32
CA ALA C 327 17.10 -6.82 20.20
C ALA C 327 18.41 -7.57 20.33
N MET C 328 19.25 -7.54 19.27
CA MET C 328 20.55 -8.19 19.30
C MET C 328 21.49 -7.46 20.25
N LYS C 329 21.43 -6.12 20.29
CA LYS C 329 22.16 -5.37 21.30
C LYS C 329 21.61 -5.70 22.68
N ALA C 330 20.29 -5.94 22.79
CA ALA C 330 19.69 -6.24 24.08
C ALA C 330 20.16 -7.60 24.60
N GLY C 331 20.65 -8.48 23.71
CA GLY C 331 21.25 -9.72 24.18
C GLY C 331 20.51 -10.96 23.68
N ASN C 332 19.52 -10.72 22.82
CA ASN C 332 18.94 -11.76 21.99
C ASN C 332 19.99 -12.10 20.93
N PHE C 333 20.26 -13.41 20.73
CA PHE C 333 21.36 -13.84 19.88
C PHE C 333 21.13 -13.44 18.41
N THR C 334 20.01 -13.88 17.81
CA THR C 334 19.79 -13.69 16.39
C THR C 334 18.89 -12.49 16.08
N GLY C 335 18.09 -12.04 17.04
CA GLY C 335 17.10 -11.01 16.80
C GLY C 335 16.08 -11.45 15.74
N ILE C 336 15.90 -12.77 15.59
CA ILE C 336 14.88 -13.32 14.69
C ILE C 336 13.87 -14.10 15.53
N THR C 337 12.58 -13.86 15.30
CA THR C 337 11.59 -14.44 16.19
C THR C 337 11.14 -15.78 15.64
N GLY C 338 11.17 -16.81 16.50
CA GLY C 338 10.78 -18.16 16.11
C GLY C 338 11.99 -19.00 15.71
N PHE C 339 12.26 -20.05 16.51
CA PHE C 339 13.52 -20.77 16.34
C PHE C 339 13.68 -21.34 14.92
N PRO C 340 12.65 -21.88 14.23
CA PRO C 340 12.82 -22.28 12.84
C PRO C 340 13.21 -21.13 11.91
N ASN C 341 12.74 -19.91 12.20
CA ASN C 341 12.99 -18.74 11.37
C ASN C 341 14.46 -18.36 11.42
N GLN C 342 15.11 -18.59 12.55
CA GLN C 342 16.56 -18.44 12.65
C GLN C 342 17.24 -19.43 11.71
N ASP C 343 16.74 -20.67 11.69
CA ASP C 343 17.23 -21.71 10.80
C ASP C 343 17.11 -21.21 9.35
N VAL C 344 15.91 -20.74 8.97
CA VAL C 344 15.60 -20.40 7.58
C VAL C 344 16.62 -19.41 7.00
N ALA C 345 16.99 -18.38 7.76
CA ALA C 345 17.89 -17.34 7.32
C ALA C 345 19.27 -17.92 7.01
N MET C 346 19.70 -18.85 7.84
CA MET C 346 20.97 -19.50 7.57
C MET C 346 20.84 -20.28 6.26
N TRP C 347 19.79 -21.09 6.16
CA TRP C 347 19.66 -22.02 5.05
C TRP C 347 19.55 -21.27 3.72
N LEU C 348 18.73 -20.23 3.69
CA LEU C 348 18.42 -19.55 2.46
C LEU C 348 19.66 -18.82 1.95
N THR C 349 20.44 -18.23 2.85
CA THR C 349 21.54 -17.39 2.44
C THR C 349 22.72 -18.24 1.97
N MET C 350 22.69 -19.53 2.30
CA MET C 350 23.61 -20.51 1.73
C MET C 350 23.49 -20.59 0.21
N GLY C 351 22.37 -20.10 -0.34
CA GLY C 351 22.08 -20.16 -1.76
C GLY C 351 21.10 -21.29 -2.09
N PRO C 352 20.36 -21.20 -3.22
CA PRO C 352 19.39 -22.24 -3.60
C PRO C 352 19.86 -23.69 -3.49
N ILE C 353 21.05 -24.01 -4.01
CA ILE C 353 21.65 -25.29 -3.72
C ILE C 353 23.00 -25.02 -3.07
N ALA C 354 23.16 -25.40 -1.82
CA ALA C 354 24.39 -25.10 -1.12
C ALA C 354 25.55 -25.74 -1.88
N ASP C 355 26.65 -24.99 -2.04
CA ASP C 355 27.87 -25.48 -2.65
C ASP C 355 28.73 -26.11 -1.56
N ARG C 356 28.58 -27.42 -1.37
CA ARG C 356 29.33 -28.11 -0.32
C ARG C 356 30.83 -28.17 -0.64
N THR C 357 31.15 -27.96 -1.92
CA THR C 357 32.50 -27.84 -2.46
C THR C 357 33.35 -26.88 -1.63
N HIS C 358 32.75 -25.77 -1.16
CA HIS C 358 33.47 -24.76 -0.41
C HIS C 358 33.27 -24.93 1.10
N ASP C 359 32.77 -26.07 1.55
CA ASP C 359 32.57 -26.28 2.98
C ASP C 359 33.90 -26.63 3.63
N ARG C 360 34.15 -26.11 4.84
CA ARG C 360 35.30 -26.54 5.62
C ARG C 360 34.82 -27.10 6.96
N LEU C 361 34.57 -28.41 7.03
CA LEU C 361 33.90 -29.02 8.18
C LEU C 361 34.85 -29.36 9.33
N GLY C 362 34.24 -29.73 10.46
CA GLY C 362 35.00 -30.06 11.66
C GLY C 362 34.30 -31.13 12.49
N ALA C 363 34.75 -31.32 13.74
CA ALA C 363 34.20 -32.32 14.64
C ALA C 363 32.68 -32.21 14.70
N SER C 364 32.18 -30.98 14.93
CA SER C 364 30.78 -30.77 15.23
C SER C 364 29.89 -31.17 14.06
N ASP C 365 30.49 -31.51 12.92
CA ASP C 365 29.68 -31.72 11.73
C ASP C 365 29.76 -33.19 11.32
N LEU C 366 30.00 -34.05 12.30
CA LEU C 366 30.21 -35.45 12.00
C LEU C 366 28.96 -36.10 11.40
N ALA C 367 27.79 -35.82 11.97
CA ALA C 367 26.53 -36.38 11.51
C ALA C 367 26.20 -35.92 10.09
N ILE C 368 26.53 -34.66 9.79
CA ILE C 368 26.32 -34.11 8.47
C ILE C 368 27.20 -34.85 7.47
N VAL C 369 28.49 -34.98 7.79
CA VAL C 369 29.39 -35.79 6.96
C VAL C 369 28.76 -37.16 6.71
N GLU C 370 28.24 -37.77 7.78
CA GLU C 370 27.71 -39.12 7.74
C GLU C 370 26.50 -39.18 6.79
N PHE C 371 25.75 -38.09 6.74
CA PHE C 371 24.61 -38.03 5.87
C PHE C 371 25.11 -37.99 4.43
N ARG C 372 26.10 -37.13 4.18
CA ARG C 372 26.56 -36.97 2.81
C ARG C 372 27.10 -38.31 2.30
N LYS C 373 27.83 -39.04 3.17
CA LYS C 373 28.41 -40.30 2.75
C LYS C 373 27.28 -41.30 2.51
N GLN C 374 26.38 -41.43 3.48
CA GLN C 374 25.37 -42.47 3.38
C GLN C 374 24.57 -42.26 2.10
N MET C 375 24.17 -41.02 1.85
CA MET C 375 23.21 -40.79 0.79
C MET C 375 23.87 -40.86 -0.58
N LEU C 376 25.09 -40.33 -0.71
CA LEU C 376 25.85 -40.53 -1.93
C LEU C 376 26.02 -42.01 -2.21
N ASP C 377 26.37 -42.80 -1.18
CA ASP C 377 26.55 -44.24 -1.36
C ASP C 377 25.21 -44.88 -1.74
N ALA C 378 24.13 -44.45 -1.07
CA ALA C 378 22.86 -45.11 -1.23
C ALA C 378 22.38 -44.91 -2.66
N VAL C 379 22.71 -43.74 -3.23
CA VAL C 379 22.18 -43.37 -4.52
C VAL C 379 23.04 -43.98 -5.63
N LYS C 380 24.34 -44.15 -5.35
CA LYS C 380 25.24 -44.85 -6.25
C LYS C 380 24.81 -46.32 -6.38
N ALA C 381 24.64 -46.98 -5.23
CA ALA C 381 24.16 -48.34 -5.20
C ALA C 381 22.84 -48.43 -5.97
N PHE C 382 21.89 -47.56 -5.61
CA PHE C 382 20.53 -47.65 -6.11
C PHE C 382 20.53 -47.65 -7.63
N GLU C 383 21.45 -46.84 -8.20
CA GLU C 383 21.59 -46.67 -9.64
C GLU C 383 21.96 -47.99 -10.29
N GLN C 384 22.72 -48.84 -9.59
CA GLN C 384 23.15 -50.10 -10.16
C GLN C 384 22.29 -51.28 -9.68
N GLY C 385 21.13 -50.97 -9.10
CA GLY C 385 20.12 -51.99 -8.86
C GLY C 385 20.05 -52.45 -7.40
N ALA C 386 20.81 -51.80 -6.52
CA ALA C 386 20.62 -52.01 -5.09
C ALA C 386 19.24 -51.52 -4.66
N PRO C 387 18.64 -52.10 -3.59
CA PRO C 387 17.31 -51.67 -3.14
C PRO C 387 17.44 -50.29 -2.49
N ALA C 388 16.39 -49.48 -2.64
CA ALA C 388 16.43 -48.10 -2.16
C ALA C 388 16.50 -48.12 -0.64
N ILE C 389 17.45 -47.34 -0.09
CA ILE C 389 17.70 -47.23 1.34
C ILE C 389 16.39 -47.17 2.14
N GLY C 390 16.30 -47.99 3.18
CA GLY C 390 15.18 -47.96 4.11
C GLY C 390 13.84 -48.43 3.54
N THR C 391 13.86 -49.18 2.42
CA THR C 391 12.68 -49.90 1.95
C THR C 391 12.84 -51.38 2.28
N GLY C 392 11.77 -52.16 2.06
CA GLY C 392 11.75 -53.57 2.40
C GLY C 392 12.00 -53.80 3.88
N VAL C 393 12.60 -54.95 4.24
CA VAL C 393 12.67 -55.33 5.64
C VAL C 393 13.61 -54.42 6.43
N GLU C 394 14.14 -53.38 5.76
CA GLU C 394 15.13 -52.49 6.35
C GLU C 394 14.50 -51.26 7.02
N ALA C 395 13.23 -50.98 6.67
CA ALA C 395 12.52 -49.76 7.04
C ALA C 395 12.59 -49.50 8.55
N ALA C 396 12.83 -48.24 8.92
CA ALA C 396 12.60 -47.80 10.28
C ALA C 396 11.13 -47.98 10.61
N THR C 397 10.86 -48.38 11.86
CA THR C 397 9.50 -48.47 12.40
C THR C 397 9.40 -47.57 13.62
N PRO C 398 8.20 -47.44 14.24
CA PRO C 398 8.04 -46.66 15.46
C PRO C 398 8.94 -47.06 16.63
N THR C 399 9.61 -48.23 16.53
CA THR C 399 10.49 -48.73 17.58
C THR C 399 11.73 -47.85 17.68
N VAL C 400 11.95 -47.08 16.60
CA VAL C 400 13.03 -46.13 16.50
C VAL C 400 12.54 -44.78 17.04
N CYS C 401 13.36 -44.16 17.89
CA CYS C 401 13.01 -42.89 18.49
C CYS C 401 14.27 -42.15 18.93
N SER C 402 14.17 -40.82 18.96
CA SER C 402 15.24 -40.02 19.51
C SER C 402 15.00 -39.91 21.03
N PHE C 403 16.07 -39.65 21.79
CA PHE C 403 15.92 -39.44 23.21
C PHE C 403 16.96 -38.47 23.74
N GLN C 404 16.61 -37.82 24.85
CA GLN C 404 17.57 -37.15 25.72
C GLN C 404 17.41 -37.74 27.12
N ALA C 405 18.54 -38.01 27.79
CA ALA C 405 18.56 -38.54 29.14
C ALA C 405 19.99 -38.52 29.70
N ILE C 406 20.06 -38.37 31.03
CA ILE C 406 21.29 -38.46 31.81
C ILE C 406 21.57 -39.95 32.04
N VAL C 407 22.68 -40.44 31.45
CA VAL C 407 22.96 -41.86 31.28
C VAL C 407 24.37 -42.15 31.81
N PRO C 408 24.57 -43.26 32.56
CA PRO C 408 25.88 -43.60 33.14
C PRO C 408 27.02 -43.56 32.12
N LYS C 409 28.18 -43.04 32.55
CA LYS C 409 29.31 -42.80 31.67
C LYS C 409 29.76 -44.08 30.97
N THR C 410 29.59 -45.24 31.62
CA THR C 410 29.82 -46.52 30.96
C THR C 410 28.52 -47.31 30.87
N THR C 411 27.53 -46.70 30.22
CA THR C 411 26.47 -47.43 29.50
C THR C 411 26.58 -47.04 28.03
N ASP C 412 26.51 -48.04 27.14
CA ASP C 412 26.50 -47.72 25.72
C ASP C 412 25.14 -47.14 25.38
N TRP C 413 25.16 -45.90 24.86
CA TRP C 413 23.94 -45.19 24.52
C TRP C 413 23.21 -45.97 23.43
N ARG C 414 24.00 -46.63 22.58
CA ARG C 414 23.46 -47.44 21.48
C ARG C 414 22.55 -48.52 22.02
N THR C 415 22.62 -48.80 23.32
CA THR C 415 21.93 -49.96 23.83
C THR C 415 20.81 -49.55 24.80
N TYR C 416 20.87 -48.30 25.28
CA TYR C 416 19.88 -47.72 26.19
C TYR C 416 18.46 -48.04 25.71
N ASP C 417 17.56 -48.33 26.67
CA ASP C 417 16.22 -48.85 26.38
C ASP C 417 15.20 -47.71 26.35
N ALA C 418 15.44 -46.72 25.48
CA ALA C 418 14.64 -45.50 25.47
C ALA C 418 13.42 -45.65 24.57
N HIS C 419 12.27 -45.22 25.07
CA HIS C 419 11.02 -45.15 24.33
C HIS C 419 10.60 -43.69 24.23
N TYR C 420 10.01 -43.31 23.09
CA TYR C 420 9.58 -41.94 22.84
C TYR C 420 8.65 -41.47 23.94
N VAL C 421 8.60 -40.14 24.14
CA VAL C 421 7.93 -39.53 25.28
C VAL C 421 6.41 -39.72 25.14
N TRP C 422 5.72 -39.90 26.27
CA TRP C 422 4.28 -40.12 26.23
C TRP C 422 3.63 -39.86 27.60
N LEU C 423 4.34 -40.18 28.69
CA LEU C 423 3.89 -40.04 30.07
C LEU C 423 4.98 -40.61 31.01
N MET D 1 -28.51 40.02 0.32
CA MET D 1 -27.83 39.52 1.56
C MET D 1 -28.77 38.58 2.29
N MET D 2 -28.25 37.42 2.70
CA MET D 2 -29.06 36.47 3.44
C MET D 2 -28.63 36.48 4.91
N THR D 3 -29.49 35.91 5.76
CA THR D 3 -29.21 35.80 7.17
C THR D 3 -28.75 34.38 7.45
N HIS D 4 -28.03 34.18 8.58
CA HIS D 4 -27.61 32.85 8.98
C HIS D 4 -28.87 32.00 9.12
N GLU D 5 -29.98 32.66 9.46
CA GLU D 5 -31.24 32.00 9.77
C GLU D 5 -31.92 31.52 8.49
N GLU D 6 -31.97 32.38 7.48
CA GLU D 6 -32.59 32.04 6.20
C GLU D 6 -31.81 30.90 5.55
N ASN D 7 -30.49 30.86 5.84
CA ASN D 7 -29.59 29.91 5.21
C ASN D 7 -29.79 28.54 5.86
N GLU D 8 -30.07 28.53 7.16
CA GLU D 8 -30.44 27.26 7.76
C GLU D 8 -31.73 26.79 7.10
N LEU D 9 -32.67 27.74 6.89
CA LEU D 9 -34.01 27.42 6.42
C LEU D 9 -33.93 26.79 5.03
N LEU D 10 -33.16 27.44 4.15
CA LEU D 10 -33.00 27.02 2.76
C LEU D 10 -32.32 25.67 2.66
N CYS D 11 -31.37 25.39 3.59
CA CYS D 11 -30.35 24.36 3.38
C CYS D 11 -30.68 23.04 4.08
N ARG D 12 -31.23 23.07 5.30
CA ARG D 12 -31.37 21.88 6.12
C ARG D 12 -32.56 21.03 5.71
N VAL D 13 -32.37 19.70 5.74
CA VAL D 13 -33.37 18.78 5.21
C VAL D 13 -33.76 17.72 6.24
N GLU D 14 -32.94 17.47 7.27
CA GLU D 14 -33.15 16.35 8.19
C GLU D 14 -34.31 16.61 9.16
N GLY D 15 -34.85 15.54 9.75
CA GLY D 15 -35.89 15.61 10.77
C GLY D 15 -37.13 16.38 10.32
N ASP D 16 -37.41 17.47 11.02
CA ASP D 16 -38.61 18.26 10.82
C ASP D 16 -38.35 19.45 9.90
N ALA D 17 -37.06 19.69 9.60
CA ALA D 17 -36.62 20.81 8.80
C ALA D 17 -37.64 21.07 7.71
N PRO D 18 -38.24 22.28 7.67
CA PRO D 18 -39.23 22.63 6.66
C PRO D 18 -38.87 22.17 5.26
N MET D 19 -37.68 22.56 4.77
CA MET D 19 -37.27 22.25 3.41
C MET D 19 -37.25 20.73 3.21
N GLY D 20 -36.92 20.02 4.30
CA GLY D 20 -37.11 18.59 4.40
C GLY D 20 -38.52 18.15 3.98
N ARG D 21 -39.53 18.55 4.77
CA ARG D 21 -40.92 18.17 4.53
C ARG D 21 -41.30 18.60 3.11
N LEU D 22 -40.91 19.80 2.72
CA LEU D 22 -41.27 20.27 1.40
C LEU D 22 -40.81 19.26 0.34
N MET D 23 -39.52 18.94 0.35
CA MET D 23 -38.93 18.14 -0.70
C MET D 23 -39.56 16.75 -0.77
N ARG D 24 -39.93 16.20 0.39
CA ARG D 24 -40.52 14.88 0.47
C ARG D 24 -41.93 14.87 -0.14
N ARG D 25 -42.30 15.95 -0.85
CA ARG D 25 -43.57 16.05 -1.53
C ARG D 25 -43.43 15.74 -3.02
N HIS D 26 -42.20 15.50 -3.47
CA HIS D 26 -42.00 15.04 -4.83
C HIS D 26 -41.50 13.59 -4.83
N TRP D 27 -41.67 12.94 -5.97
CA TRP D 27 -40.95 11.70 -6.19
C TRP D 27 -39.47 12.02 -6.23
N THR D 28 -38.66 11.18 -5.56
CA THR D 28 -37.23 11.39 -5.41
C THR D 28 -36.45 10.13 -5.82
N PRO D 29 -35.39 10.26 -6.66
CA PRO D 29 -34.43 9.18 -6.86
C PRO D 29 -33.80 8.75 -5.54
N ILE D 30 -33.68 7.44 -5.32
CA ILE D 30 -33.03 6.92 -4.12
C ILE D 30 -31.65 6.37 -4.49
N CYS D 31 -31.59 5.70 -5.65
CA CYS D 31 -30.36 5.11 -6.17
C CYS D 31 -30.60 4.63 -7.60
N LEU D 32 -29.56 4.10 -8.25
CA LEU D 32 -29.68 3.66 -9.63
C LEU D 32 -30.30 2.26 -9.71
N VAL D 33 -30.94 1.99 -10.85
CA VAL D 33 -31.49 0.67 -11.13
C VAL D 33 -30.35 -0.32 -11.26
N GLU D 34 -29.19 0.13 -11.79
CA GLU D 34 -28.04 -0.75 -11.90
C GLU D 34 -27.62 -1.30 -10.53
N GLU D 35 -27.75 -0.49 -9.47
CA GLU D 35 -27.26 -0.95 -8.18
C GLU D 35 -28.06 -2.17 -7.68
N VAL D 36 -29.34 -2.26 -8.05
CA VAL D 36 -30.20 -3.25 -7.39
C VAL D 36 -30.04 -4.61 -8.07
N GLY D 37 -29.79 -4.58 -9.39
CA GLY D 37 -29.37 -5.78 -10.12
C GLY D 37 -30.52 -6.74 -10.42
N GLU D 38 -30.22 -8.04 -10.40
CA GLU D 38 -31.20 -9.05 -10.74
C GLU D 38 -32.12 -9.31 -9.55
N PRO D 39 -33.32 -9.90 -9.78
CA PRO D 39 -34.23 -10.20 -8.67
C PRO D 39 -33.45 -11.03 -7.68
N ASP D 40 -33.74 -10.82 -6.39
CA ASP D 40 -33.12 -11.60 -5.32
C ASP D 40 -31.68 -11.14 -5.10
N GLY D 41 -31.34 -9.95 -5.57
CA GLY D 41 -29.97 -9.47 -5.58
C GLY D 41 -29.55 -8.93 -4.21
N THR D 42 -28.28 -8.51 -4.16
CA THR D 42 -27.68 -7.95 -2.95
C THR D 42 -28.42 -6.67 -2.55
N PRO D 43 -29.00 -6.61 -1.33
CA PRO D 43 -29.57 -5.37 -0.82
C PRO D 43 -28.58 -4.23 -0.96
N VAL D 44 -29.09 -3.00 -1.04
CA VAL D 44 -28.28 -1.82 -1.30
C VAL D 44 -28.58 -0.81 -0.19
N LYS D 45 -27.50 -0.22 0.35
CA LYS D 45 -27.56 0.90 1.27
C LYS D 45 -27.90 2.19 0.51
N ALA D 46 -28.80 3.00 1.07
CA ALA D 46 -29.06 4.33 0.52
C ALA D 46 -29.45 5.28 1.64
N ARG D 47 -29.40 6.58 1.34
CA ARG D 47 -29.73 7.60 2.32
C ARG D 47 -30.47 8.72 1.59
N ALA D 48 -31.50 9.27 2.25
CA ALA D 48 -32.32 10.36 1.74
C ALA D 48 -32.90 11.14 2.93
N PHE D 49 -32.82 12.48 2.84
CA PHE D 49 -33.33 13.42 3.84
C PHE D 49 -33.00 12.94 5.27
N GLY D 50 -31.81 12.36 5.44
CA GLY D 50 -31.32 11.99 6.76
C GLY D 50 -31.95 10.70 7.28
N GLU D 51 -32.55 9.91 6.37
CA GLU D 51 -33.01 8.56 6.68
C GLU D 51 -32.13 7.51 6.00
N ASP D 52 -31.85 6.43 6.74
CA ASP D 52 -31.09 5.28 6.24
C ASP D 52 -32.06 4.27 5.63
N LEU D 53 -31.77 3.79 4.42
CA LEU D 53 -32.72 2.96 3.70
C LEU D 53 -32.01 1.73 3.13
N VAL D 54 -32.74 0.60 3.06
CA VAL D 54 -32.39 -0.56 2.23
C VAL D 54 -33.13 -0.46 0.91
N VAL D 55 -32.46 -0.70 -0.21
CA VAL D 55 -33.15 -0.91 -1.48
C VAL D 55 -32.89 -2.35 -1.93
N PHE D 56 -33.94 -3.08 -2.34
CA PHE D 56 -33.75 -4.45 -2.78
C PHE D 56 -34.85 -4.86 -3.77
N ARG D 57 -34.46 -5.68 -4.75
CA ARG D 57 -35.41 -6.25 -5.69
C ARG D 57 -35.73 -7.67 -5.24
N ASP D 58 -37.04 -7.98 -5.11
CA ASP D 58 -37.43 -9.32 -4.67
C ASP D 58 -37.52 -10.30 -5.83
N SER D 59 -38.02 -11.50 -5.51
CA SER D 59 -38.04 -12.61 -6.45
C SER D 59 -39.03 -12.32 -7.59
N GLU D 60 -40.06 -11.53 -7.27
CA GLU D 60 -41.06 -11.15 -8.26
C GLU D 60 -40.47 -10.04 -9.13
N GLY D 61 -39.37 -9.44 -8.66
CA GLY D 61 -38.73 -8.35 -9.39
C GLY D 61 -39.28 -6.99 -8.95
N ARG D 62 -40.05 -7.00 -7.86
CA ARG D 62 -40.56 -5.79 -7.25
C ARG D 62 -39.46 -5.17 -6.39
N VAL D 63 -39.30 -3.85 -6.46
CA VAL D 63 -38.29 -3.12 -5.71
C VAL D 63 -38.90 -2.50 -4.45
N GLY D 64 -38.30 -2.81 -3.30
CA GLY D 64 -38.65 -2.18 -2.04
C GLY D 64 -37.65 -1.10 -1.61
N VAL D 65 -38.15 -0.05 -0.95
CA VAL D 65 -37.31 0.95 -0.30
C VAL D 65 -37.86 1.14 1.11
N MET D 66 -37.05 0.79 2.13
CA MET D 66 -37.54 0.76 3.51
C MET D 66 -36.46 1.29 4.43
N ASP D 67 -36.91 1.68 5.64
CA ASP D 67 -36.02 2.06 6.71
C ASP D 67 -34.98 0.94 6.78
N GLU D 68 -33.70 1.31 7.03
CA GLU D 68 -32.57 0.39 6.96
C GLU D 68 -32.60 -0.57 8.15
N TYR D 69 -33.17 -0.11 9.26
CA TYR D 69 -33.09 -0.91 10.47
C TYR D 69 -34.36 -1.72 10.66
N CYS D 70 -34.14 -2.99 10.95
CA CYS D 70 -35.12 -3.99 11.38
C CYS D 70 -36.11 -3.40 12.39
N PRO D 71 -37.42 -3.71 12.25
CA PRO D 71 -38.42 -3.19 13.18
C PRO D 71 -38.36 -3.90 14.54
N HIS D 72 -37.58 -5.00 14.61
CA HIS D 72 -37.44 -5.79 15.82
C HIS D 72 -36.48 -5.11 16.79
N ARG D 73 -35.17 -5.25 16.53
CA ARG D 73 -34.14 -4.68 17.38
C ARG D 73 -33.16 -3.79 16.61
N ARG D 74 -33.54 -3.34 15.42
CA ARG D 74 -32.84 -2.26 14.74
C ARG D 74 -31.52 -2.69 14.07
N ALA D 75 -31.26 -4.00 13.95
CA ALA D 75 -30.11 -4.49 13.20
C ALA D 75 -30.24 -4.08 11.73
N SER D 76 -29.11 -3.81 11.06
CA SER D 76 -29.18 -3.36 9.67
C SER D 76 -29.74 -4.46 8.76
N LEU D 77 -30.82 -4.13 8.05
CA LEU D 77 -31.41 -5.08 7.13
C LEU D 77 -30.55 -5.24 5.88
N VAL D 78 -29.59 -4.33 5.68
CA VAL D 78 -28.79 -4.38 4.46
C VAL D 78 -27.96 -5.67 4.43
N TYR D 79 -27.96 -6.40 5.54
CA TYR D 79 -27.18 -7.62 5.66
C TYR D 79 -28.08 -8.81 5.41
N GLY D 80 -29.39 -8.57 5.37
CA GLY D 80 -30.35 -9.66 5.36
C GLY D 80 -30.26 -10.51 4.09
N ARG D 81 -31.08 -11.57 4.04
CA ARG D 81 -31.19 -12.40 2.84
C ARG D 81 -32.38 -11.93 2.00
N ASN D 82 -32.10 -11.68 0.71
CA ASN D 82 -33.11 -11.25 -0.24
C ASN D 82 -33.48 -12.44 -1.12
N GLU D 83 -34.61 -13.08 -0.79
CA GLU D 83 -35.03 -14.32 -1.42
C GLU D 83 -36.46 -14.66 -1.00
N GLU D 84 -37.26 -15.10 -1.98
CA GLU D 84 -38.52 -15.78 -1.70
C GLU D 84 -39.56 -14.76 -1.24
N GLY D 85 -39.65 -13.67 -2.00
CA GLY D 85 -40.69 -12.67 -1.81
C GLY D 85 -40.32 -11.60 -0.78
N GLY D 86 -39.17 -11.77 -0.09
CA GLY D 86 -38.87 -10.94 1.06
C GLY D 86 -37.39 -10.77 1.41
N LEU D 87 -37.14 -9.88 2.39
CA LEU D 87 -35.82 -9.66 2.92
C LEU D 87 -35.85 -10.03 4.40
N ARG D 88 -34.90 -10.88 4.81
CA ARG D 88 -34.88 -11.44 6.15
C ARG D 88 -33.66 -10.92 6.92
N CYS D 89 -33.96 -10.32 8.08
CA CYS D 89 -32.94 -9.93 9.04
C CYS D 89 -32.19 -11.17 9.51
N LEU D 90 -30.86 -11.03 9.70
CA LEU D 90 -29.99 -12.12 10.10
C LEU D 90 -30.20 -12.50 11.56
N TYR D 91 -30.57 -11.52 12.38
CA TYR D 91 -30.55 -11.67 13.83
C TYR D 91 -31.58 -12.72 14.27
N HIS D 92 -32.87 -12.41 14.11
CA HIS D 92 -33.92 -13.32 14.57
C HIS D 92 -34.84 -13.74 13.45
N GLY D 93 -34.46 -13.44 12.21
CA GLY D 93 -35.04 -14.05 11.03
C GLY D 93 -36.44 -13.55 10.71
N TRP D 94 -36.78 -12.34 11.21
CA TRP D 94 -37.86 -11.51 10.69
C TRP D 94 -37.65 -11.23 9.20
N LYS D 95 -38.71 -11.32 8.42
CA LYS D 95 -38.65 -11.18 6.97
C LYS D 95 -39.74 -10.20 6.54
N MET D 96 -39.36 -9.16 5.79
CA MET D 96 -40.27 -8.15 5.27
C MET D 96 -40.41 -8.35 3.77
N ASP D 97 -41.61 -8.08 3.20
CA ASP D 97 -41.78 -7.91 1.76
C ASP D 97 -41.50 -6.46 1.41
N VAL D 98 -41.66 -6.07 0.15
CA VAL D 98 -41.24 -4.72 -0.19
C VAL D 98 -42.16 -3.68 0.46
N ASP D 99 -43.39 -4.09 0.83
CA ASP D 99 -44.42 -3.14 1.21
C ASP D 99 -44.29 -2.84 2.69
N GLY D 100 -43.47 -3.64 3.38
CA GLY D 100 -43.17 -3.41 4.78
C GLY D 100 -43.90 -4.41 5.67
N ASN D 101 -44.53 -5.39 5.01
CA ASN D 101 -45.32 -6.39 5.71
C ASN D 101 -44.36 -7.40 6.31
N VAL D 102 -44.42 -7.57 7.65
CA VAL D 102 -43.63 -8.58 8.33
C VAL D 102 -44.24 -9.94 8.06
N LEU D 103 -43.76 -10.58 6.97
CA LEU D 103 -44.31 -11.81 6.40
C LEU D 103 -44.26 -12.95 7.41
N GLU D 104 -43.15 -13.05 8.15
CA GLU D 104 -42.84 -14.23 8.95
C GLU D 104 -41.92 -13.79 10.08
N MET D 105 -41.99 -14.50 11.22
CA MET D 105 -41.05 -14.29 12.29
C MET D 105 -40.53 -15.65 12.75
N ALA D 106 -39.22 -15.88 12.58
CA ALA D 106 -38.60 -17.18 12.79
C ALA D 106 -38.82 -17.68 14.22
N SER D 107 -38.85 -16.75 15.19
CA SER D 107 -38.84 -17.12 16.59
C SER D 107 -40.11 -16.69 17.32
N GLU D 108 -41.30 -17.00 16.76
CA GLU D 108 -42.56 -16.53 17.32
C GLU D 108 -43.76 -17.22 16.66
N PRO D 109 -44.87 -17.49 17.41
CA PRO D 109 -46.14 -17.89 16.81
C PRO D 109 -46.99 -16.71 16.32
N ASP D 116 -50.50 -8.82 9.08
CA ASP D 116 -50.85 -7.40 9.33
C ASP D 116 -50.64 -7.08 10.82
N LYS D 117 -49.85 -7.94 11.48
CA LYS D 117 -49.56 -7.83 12.90
C LYS D 117 -48.75 -6.57 13.18
N VAL D 118 -47.58 -6.46 12.53
CA VAL D 118 -46.59 -5.41 12.72
C VAL D 118 -46.18 -4.90 11.34
N LYS D 119 -46.03 -3.57 11.20
CA LYS D 119 -45.59 -2.96 9.95
C LYS D 119 -44.20 -2.36 10.11
N HIS D 120 -43.45 -2.35 9.01
CA HIS D 120 -42.16 -1.69 8.98
C HIS D 120 -42.24 -0.51 8.02
N THR D 121 -41.62 0.59 8.40
CA THR D 121 -41.64 1.75 7.53
C THR D 121 -41.12 1.36 6.15
N ALA D 122 -41.91 1.68 5.12
CA ALA D 122 -41.57 1.30 3.76
C ALA D 122 -42.33 2.22 2.80
N TYR D 123 -41.65 2.68 1.75
CA TYR D 123 -42.20 3.73 0.90
C TYR D 123 -42.63 3.16 -0.45
N PRO D 124 -43.61 3.79 -1.12
CA PRO D 124 -43.97 3.43 -2.49
C PRO D 124 -42.74 3.66 -3.37
N THR D 125 -42.58 2.85 -4.42
CA THR D 125 -41.43 2.97 -5.32
C THR D 125 -41.85 2.91 -6.78
N GLN D 126 -40.92 3.28 -7.66
CA GLN D 126 -41.17 3.43 -9.08
C GLN D 126 -39.82 3.42 -9.81
N GLU D 127 -39.69 2.57 -10.83
CA GLU D 127 -38.49 2.55 -11.66
C GLU D 127 -38.73 3.40 -12.89
N TRP D 128 -37.81 4.34 -13.18
CA TRP D 128 -37.94 5.19 -14.34
C TRP D 128 -36.59 5.73 -14.78
N ALA D 129 -36.25 5.52 -16.05
CA ALA D 129 -35.06 6.12 -16.65
C ALA D 129 -33.85 5.89 -15.73
N GLY D 130 -33.60 4.62 -15.43
CA GLY D 130 -32.34 4.21 -14.83
C GLY D 130 -32.30 4.42 -13.30
N MET D 131 -33.39 4.94 -12.74
CA MET D 131 -33.41 5.26 -11.31
C MET D 131 -34.57 4.57 -10.63
N VAL D 132 -34.35 4.21 -9.36
CA VAL D 132 -35.40 3.81 -8.44
C VAL D 132 -35.90 5.06 -7.71
N TRP D 133 -37.16 5.45 -7.96
CA TRP D 133 -37.75 6.54 -7.20
C TRP D 133 -38.56 5.97 -6.04
N ALA D 134 -38.70 6.78 -4.98
CA ALA D 134 -39.64 6.52 -3.90
C ALA D 134 -40.41 7.80 -3.53
N TYR D 135 -41.41 7.63 -2.64
CA TYR D 135 -42.18 8.75 -2.14
C TYR D 135 -42.18 8.71 -0.62
N MET D 136 -41.68 9.78 -0.02
CA MET D 136 -41.27 9.78 1.36
C MET D 136 -42.15 10.78 2.13
N GLY D 137 -43.05 11.48 1.42
CA GLY D 137 -44.01 12.36 2.07
C GLY D 137 -45.10 11.58 2.82
N PRO D 138 -46.09 12.23 3.45
CA PRO D 138 -47.19 11.49 4.08
C PRO D 138 -47.94 10.71 3.01
N LYS D 139 -48.25 9.44 3.28
CA LYS D 139 -48.70 8.55 2.21
C LYS D 139 -49.84 9.18 1.42
N GLU D 140 -50.79 9.80 2.12
CA GLU D 140 -52.02 10.26 1.52
C GLU D 140 -51.78 11.45 0.58
N THR D 141 -50.51 11.85 0.40
CA THR D 141 -50.20 13.04 -0.39
C THR D 141 -49.64 12.66 -1.75
N MET D 142 -49.29 11.38 -1.86
CA MET D 142 -48.58 10.85 -3.00
C MET D 142 -49.36 11.12 -4.28
N PRO D 143 -48.77 11.83 -5.27
CA PRO D 143 -49.39 11.97 -6.60
C PRO D 143 -49.15 10.71 -7.41
N GLU D 144 -49.69 10.71 -8.63
CA GLU D 144 -49.32 9.66 -9.56
C GLU D 144 -48.07 10.09 -10.31
N PHE D 145 -47.20 9.11 -10.58
CA PHE D 145 -45.92 9.37 -11.21
C PHE D 145 -46.07 9.87 -12.65
N LEU D 146 -46.08 11.20 -12.85
CA LEU D 146 -45.85 11.79 -14.17
C LEU D 146 -44.41 11.51 -14.62
N PRO D 147 -44.08 11.59 -15.93
CA PRO D 147 -42.69 11.53 -16.35
C PRO D 147 -41.97 12.84 -16.06
N PRO D 148 -40.69 12.77 -15.61
CA PRO D 148 -39.82 13.95 -15.47
C PRO D 148 -39.58 14.56 -16.85
N ALA D 149 -39.05 15.79 -16.87
CA ALA D 149 -39.01 16.61 -18.08
C ALA D 149 -37.88 16.20 -19.01
N TRP D 150 -37.15 15.16 -18.59
CA TRP D 150 -35.90 14.73 -19.21
C TRP D 150 -35.93 13.22 -19.47
N ALA D 151 -37.13 12.65 -19.38
CA ALA D 151 -37.41 11.30 -19.82
C ALA D 151 -38.78 11.25 -20.49
N PRO D 152 -38.95 11.81 -21.72
CA PRO D 152 -40.18 11.69 -22.49
C PRO D 152 -40.90 10.35 -22.32
N THR D 153 -40.35 9.28 -22.91
CA THR D 153 -40.90 7.94 -22.73
C THR D 153 -39.78 6.91 -22.54
N ALA D 154 -40.14 5.64 -22.78
CA ALA D 154 -39.27 4.50 -22.54
C ALA D 154 -38.27 4.31 -23.66
N ASP D 155 -38.49 4.95 -24.81
CA ASP D 155 -37.62 4.78 -25.97
C ASP D 155 -36.50 5.84 -25.94
N THR D 156 -36.36 6.51 -24.79
CA THR D 156 -35.36 7.54 -24.55
C THR D 156 -34.15 6.93 -23.83
N ARG D 157 -32.96 7.13 -24.41
CA ARG D 157 -31.71 6.67 -23.79
C ARG D 157 -31.33 7.63 -22.66
N VAL D 158 -31.17 7.06 -21.47
CA VAL D 158 -30.89 7.87 -20.29
C VAL D 158 -29.64 7.32 -19.60
N SER D 159 -28.53 8.04 -19.78
CA SER D 159 -27.26 7.67 -19.19
C SER D 159 -26.99 8.51 -17.95
N ILE D 160 -26.66 7.87 -16.83
CA ILE D 160 -26.53 8.59 -15.57
C ILE D 160 -25.13 8.46 -14.98
N ALA D 161 -24.51 9.61 -14.67
CA ALA D 161 -23.39 9.63 -13.75
C ALA D 161 -23.90 9.93 -12.34
N LYS D 162 -23.69 9.00 -11.42
CA LYS D 162 -23.93 9.25 -10.01
C LYS D 162 -22.60 9.52 -9.31
N VAL D 163 -22.61 10.54 -8.45
CA VAL D 163 -21.57 10.80 -7.47
C VAL D 163 -22.21 11.18 -6.13
N LEU D 164 -21.67 10.64 -5.03
CA LEU D 164 -22.09 11.09 -3.71
C LEU D 164 -21.11 12.18 -3.25
N LEU D 165 -21.60 13.42 -3.13
CA LEU D 165 -20.71 14.52 -2.76
C LEU D 165 -20.93 14.88 -1.29
N PRO D 166 -19.83 15.08 -0.50
CA PRO D 166 -19.94 15.54 0.88
C PRO D 166 -20.12 17.06 0.95
N CYS D 167 -21.24 17.55 0.46
CA CYS D 167 -21.70 18.84 0.92
C CYS D 167 -23.21 18.98 0.72
N ASN D 168 -23.72 20.14 1.12
CA ASN D 168 -25.15 20.41 1.14
C ASN D 168 -25.60 20.62 -0.29
N TRP D 169 -26.88 20.31 -0.56
CA TRP D 169 -27.37 20.23 -1.92
C TRP D 169 -27.40 21.57 -2.64
N ALA D 170 -27.75 22.64 -1.90
CA ALA D 170 -28.11 23.89 -2.52
C ALA D 170 -26.96 24.48 -3.34
N GLN D 171 -25.74 24.31 -2.84
CA GLN D 171 -24.60 24.88 -3.54
C GLN D 171 -24.36 24.12 -4.85
N ILE D 172 -24.66 22.82 -4.84
CA ILE D 172 -24.48 21.98 -6.02
C ILE D 172 -25.45 22.43 -7.10
N LEU D 173 -26.71 22.66 -6.72
CA LEU D 173 -27.68 23.11 -7.70
C LEU D 173 -27.27 24.48 -8.22
N GLU D 174 -27.05 25.42 -7.29
CA GLU D 174 -26.68 26.77 -7.65
C GLU D 174 -25.61 26.72 -8.74
N GLY D 175 -24.76 25.70 -8.72
CA GLY D 175 -23.69 25.59 -9.70
C GLY D 175 -24.19 25.12 -11.07
N ALA D 176 -25.37 24.50 -11.11
CA ALA D 176 -26.01 24.11 -12.35
C ALA D 176 -26.70 25.31 -13.00
N ILE D 177 -27.09 26.29 -12.19
CA ILE D 177 -27.85 27.41 -12.72
C ILE D 177 -26.97 28.66 -12.70
N ASP D 178 -25.81 28.59 -13.36
CA ASP D 178 -24.75 29.58 -13.22
C ASP D 178 -23.97 29.66 -14.53
N SER D 179 -24.64 30.11 -15.60
CA SER D 179 -24.12 30.05 -16.96
C SER D 179 -22.70 30.60 -17.06
N ALA D 180 -22.38 31.58 -16.21
CA ALA D 180 -21.11 32.28 -16.23
C ALA D 180 -19.93 31.31 -16.07
N HIS D 181 -20.07 30.37 -15.11
CA HIS D 181 -18.93 29.58 -14.67
C HIS D 181 -18.22 28.88 -15.83
N SER D 182 -19.00 28.33 -16.78
CA SER D 182 -18.44 27.52 -17.85
C SER D 182 -17.43 28.31 -18.69
N SER D 183 -17.47 29.64 -18.59
CA SER D 183 -16.56 30.49 -19.33
C SER D 183 -15.22 30.65 -18.58
N SER D 184 -15.26 30.43 -17.26
CA SER D 184 -14.03 30.34 -16.48
C SER D 184 -13.67 28.89 -16.18
N LEU D 185 -14.42 28.27 -15.25
CA LEU D 185 -14.06 26.97 -14.73
C LEU D 185 -13.90 25.95 -15.86
N HIS D 186 -14.88 25.89 -16.75
CA HIS D 186 -14.88 24.88 -17.80
C HIS D 186 -14.31 25.49 -19.09
N SER D 187 -13.49 26.53 -18.98
CA SER D 187 -12.96 27.19 -20.17
C SER D 187 -12.08 26.25 -21.00
N SER D 188 -11.57 25.17 -20.40
CA SER D 188 -10.72 24.28 -21.17
C SER D 188 -11.47 23.06 -21.72
N ASP D 189 -12.76 22.95 -21.40
CA ASP D 189 -13.56 21.77 -21.72
C ASP D 189 -14.76 22.15 -22.58
N MET D 190 -15.09 23.44 -22.62
CA MET D 190 -16.19 23.95 -23.40
C MET D 190 -15.65 25.14 -24.21
N VAL D 191 -15.01 24.78 -25.35
CA VAL D 191 -13.99 25.58 -26.02
C VAL D 191 -14.60 26.34 -27.19
N PRO D 192 -14.31 27.67 -27.35
CA PRO D 192 -14.87 28.50 -28.42
C PRO D 192 -15.22 27.79 -29.75
N TRP D 205 -16.28 19.42 -26.58
CA TRP D 205 -17.38 20.43 -26.55
C TRP D 205 -16.90 21.78 -27.08
N LEU D 206 -17.80 22.50 -27.79
CA LEU D 206 -17.47 23.67 -28.60
C LEU D 206 -18.62 24.68 -28.59
N ARG D 207 -18.29 25.98 -28.41
CA ARG D 207 -19.27 27.06 -28.32
C ARG D 207 -19.01 28.15 -29.39
N PRO D 208 -20.08 28.71 -30.00
CA PRO D 208 -19.95 29.87 -30.89
C PRO D 208 -20.02 31.20 -30.13
N SER D 209 -19.07 31.41 -29.20
CA SER D 209 -18.90 32.67 -28.49
C SER D 209 -17.63 32.62 -27.66
N THR D 210 -16.98 33.78 -27.52
CA THR D 210 -15.85 34.00 -26.61
C THR D 210 -16.28 34.88 -25.42
N ASP D 211 -17.59 35.19 -25.33
CA ASP D 211 -18.13 36.06 -24.31
C ASP D 211 -18.29 35.32 -22.98
N LYS D 212 -17.46 35.72 -22.01
CA LYS D 212 -17.38 35.10 -20.69
C LYS D 212 -18.40 35.72 -19.72
N ALA D 213 -18.97 36.88 -20.11
CA ALA D 213 -19.87 37.65 -19.26
C ALA D 213 -21.27 37.72 -19.89
N PRO D 214 -22.14 36.71 -19.66
CA PRO D 214 -23.46 36.68 -20.28
C PRO D 214 -24.45 37.60 -19.58
N ARG D 215 -25.24 38.33 -20.37
CA ARG D 215 -26.37 39.09 -19.87
C ARG D 215 -27.47 38.11 -19.46
N MET D 216 -27.96 38.25 -18.22
CA MET D 216 -28.87 37.30 -17.59
C MET D 216 -30.29 37.86 -17.51
N GLN D 217 -31.30 37.02 -17.78
CA GLN D 217 -32.70 37.41 -17.75
C GLN D 217 -33.50 36.23 -17.24
N VAL D 218 -34.56 36.49 -16.45
CA VAL D 218 -35.27 35.43 -15.73
C VAL D 218 -36.77 35.52 -15.93
N GLN D 219 -37.44 34.36 -15.89
CA GLN D 219 -38.89 34.27 -15.99
C GLN D 219 -39.40 33.23 -15.00
N ARG D 220 -39.98 33.69 -13.88
CA ARG D 220 -40.46 32.81 -12.81
C ARG D 220 -41.62 31.98 -13.35
N THR D 221 -41.80 30.75 -12.84
CA THR D 221 -42.93 29.94 -13.29
C THR D 221 -43.63 29.23 -12.13
N GLY D 222 -44.55 28.33 -12.46
CA GLY D 222 -45.32 27.61 -11.46
C GLY D 222 -44.51 26.50 -10.79
N TYR D 223 -43.42 26.07 -11.44
CA TYR D 223 -42.68 24.87 -11.05
C TYR D 223 -41.25 25.22 -10.67
N GLY D 224 -40.90 26.52 -10.74
CA GLY D 224 -39.52 26.98 -10.70
C GLY D 224 -39.32 28.17 -11.62
N PHE D 225 -38.31 28.11 -12.52
CA PHE D 225 -38.09 29.23 -13.41
C PHE D 225 -37.17 28.88 -14.57
N ARG D 226 -37.16 29.76 -15.57
CA ARG D 226 -36.21 29.69 -16.66
C ARG D 226 -35.37 30.95 -16.59
N TYR D 227 -34.11 30.84 -17.03
CA TYR D 227 -33.28 32.01 -17.24
C TYR D 227 -32.71 31.95 -18.66
N ALA D 228 -32.12 33.07 -19.12
CA ALA D 228 -31.37 33.08 -20.37
C ALA D 228 -30.02 33.76 -20.19
N ALA D 229 -29.03 33.27 -20.93
CA ALA D 229 -27.66 33.76 -20.90
C ALA D 229 -27.26 34.21 -22.30
N LEU D 230 -27.35 35.53 -22.54
CA LEU D 230 -27.26 36.11 -23.86
C LEU D 230 -25.84 36.61 -24.11
N ARG D 231 -25.08 35.83 -24.88
CA ARG D 231 -23.69 36.13 -25.17
C ARG D 231 -23.57 36.66 -26.59
N ARG D 232 -22.44 37.32 -26.87
CA ARG D 232 -22.14 37.82 -28.19
C ARG D 232 -21.57 36.67 -29.02
N PRO D 233 -22.25 36.26 -30.13
CA PRO D 233 -21.79 35.15 -30.96
C PRO D 233 -20.58 35.55 -31.81
N LEU D 234 -19.86 34.55 -32.35
CA LEU D 234 -18.61 34.79 -33.05
C LEU D 234 -18.78 35.73 -34.25
N SER D 235 -20.03 35.89 -34.72
CA SER D 235 -20.36 36.85 -35.76
C SER D 235 -21.86 37.16 -35.75
N ASN D 236 -22.22 38.39 -36.16
CA ASN D 236 -23.57 38.87 -36.40
C ASN D 236 -24.13 39.66 -35.21
N ALA D 237 -23.28 39.94 -34.21
CA ALA D 237 -23.72 40.39 -32.89
C ALA D 237 -24.31 41.81 -32.94
N ALA D 238 -24.46 42.34 -34.16
CA ALA D 238 -25.15 43.61 -34.42
C ALA D 238 -26.65 43.43 -34.19
N GLU D 239 -27.20 42.31 -34.65
CA GLU D 239 -28.63 42.06 -34.54
C GLU D 239 -28.88 40.62 -34.07
N ASN D 240 -27.91 40.03 -33.34
CA ASN D 240 -27.96 38.62 -32.96
C ASN D 240 -27.31 38.36 -31.59
N ASP D 241 -28.05 37.62 -30.74
CA ASP D 241 -27.58 37.10 -29.46
C ASP D 241 -27.39 35.59 -29.57
N TYR D 242 -26.37 35.05 -28.91
CA TYR D 242 -26.32 33.61 -28.68
C TYR D 242 -26.97 33.29 -27.32
N VAL D 243 -28.17 32.69 -27.37
CA VAL D 243 -29.00 32.55 -26.20
C VAL D 243 -28.88 31.13 -25.65
N ARG D 244 -28.40 31.02 -24.40
CA ARG D 244 -28.44 29.79 -23.64
C ARG D 244 -29.53 29.88 -22.55
N SER D 245 -30.41 28.88 -22.51
CA SER D 245 -31.51 28.93 -21.55
C SER D 245 -31.48 27.69 -20.67
N THR D 246 -31.61 27.89 -19.34
CA THR D 246 -31.63 26.80 -18.39
C THR D 246 -32.92 26.85 -17.57
N VAL D 247 -33.41 25.67 -17.18
CA VAL D 247 -34.66 25.58 -16.46
C VAL D 247 -34.33 25.06 -15.09
N PHE D 248 -34.81 25.75 -14.07
CA PHE D 248 -34.75 25.24 -12.72
C PHE D 248 -36.10 24.60 -12.41
N VAL D 249 -36.11 23.30 -12.08
CA VAL D 249 -37.35 22.66 -11.69
C VAL D 249 -37.27 22.37 -10.20
N ALA D 250 -37.88 23.23 -9.37
CA ALA D 250 -37.93 23.05 -7.93
C ALA D 250 -38.30 21.59 -7.60
N PRO D 251 -37.74 21.02 -6.52
CA PRO D 251 -36.85 21.73 -5.60
C PRO D 251 -35.38 21.84 -5.99
N ALA D 252 -34.87 20.86 -6.75
CA ALA D 252 -33.43 20.70 -6.84
C ALA D 252 -32.97 20.12 -8.19
N THR D 253 -33.65 20.48 -9.28
CA THR D 253 -33.36 19.93 -10.60
C THR D 253 -33.07 21.05 -11.59
N ALA D 254 -32.13 20.82 -12.51
CA ALA D 254 -31.78 21.78 -13.53
C ALA D 254 -31.67 21.13 -14.91
N LEU D 255 -32.40 21.67 -15.89
CA LEU D 255 -32.28 21.26 -17.27
C LEU D 255 -31.23 22.13 -17.94
N ILE D 256 -30.07 21.54 -18.20
CA ILE D 256 -28.90 22.21 -18.73
C ILE D 256 -29.17 22.44 -20.22
N PRO D 257 -28.68 23.55 -20.84
CA PRO D 257 -28.79 23.72 -22.27
C PRO D 257 -28.22 22.45 -22.91
N PRO D 258 -28.86 21.88 -23.95
CA PRO D 258 -28.28 20.74 -24.66
C PRO D 258 -27.13 21.17 -25.55
N ASN D 259 -26.48 20.18 -26.17
CA ASN D 259 -25.75 20.37 -27.40
C ASN D 259 -26.71 19.96 -28.51
N ASN D 260 -26.18 19.74 -29.73
CA ASN D 260 -27.01 19.47 -30.89
C ASN D 260 -27.04 17.97 -31.22
N LEU D 261 -26.82 17.11 -30.22
CA LEU D 261 -27.11 15.69 -30.38
C LEU D 261 -27.97 15.20 -29.21
N TYR D 262 -27.56 15.51 -27.97
CA TYR D 262 -28.32 15.07 -26.81
C TYR D 262 -28.55 16.24 -25.84
N ASN D 263 -29.38 15.94 -24.83
CA ASN D 263 -29.72 16.88 -23.78
C ASN D 263 -29.01 16.48 -22.49
N VAL D 264 -28.93 17.46 -21.57
CA VAL D 264 -28.27 17.33 -20.29
C VAL D 264 -29.23 17.77 -19.18
N ALA D 265 -29.23 16.99 -18.09
CA ALA D 265 -30.05 17.29 -16.93
C ALA D 265 -29.28 16.93 -15.67
N ASN D 266 -29.54 17.67 -14.58
CA ASN D 266 -28.96 17.44 -13.27
C ASN D 266 -30.09 17.44 -12.25
N ILE D 267 -30.17 16.36 -11.46
CA ILE D 267 -31.02 16.32 -10.29
C ILE D 267 -30.20 15.89 -9.06
N ASN D 268 -30.51 16.49 -7.91
CA ASN D 268 -29.73 16.39 -6.70
C ASN D 268 -30.66 15.99 -5.57
N VAL D 269 -30.40 14.82 -4.98
CA VAL D 269 -31.16 14.38 -3.82
C VAL D 269 -30.30 14.60 -2.58
N PRO D 270 -30.79 15.38 -1.60
CA PRO D 270 -30.06 15.58 -0.34
C PRO D 270 -30.09 14.27 0.41
N MET D 271 -28.91 13.77 0.77
CA MET D 271 -28.82 12.58 1.59
C MET D 271 -29.08 12.96 3.04
N ASP D 272 -28.59 14.15 3.40
CA ASP D 272 -28.70 14.76 4.71
C ASP D 272 -28.23 16.21 4.56
N ASP D 273 -27.93 16.87 5.69
CA ASP D 273 -27.69 18.30 5.68
C ASP D 273 -26.36 18.61 4.99
N THR D 274 -25.47 17.62 4.89
CA THR D 274 -24.12 17.85 4.39
C THR D 274 -23.68 16.77 3.39
N ASN D 275 -24.66 16.05 2.80
CA ASN D 275 -24.38 15.04 1.78
C ASN D 275 -25.44 15.06 0.69
N THR D 276 -25.01 14.87 -0.55
CA THR D 276 -25.94 14.91 -1.66
C THR D 276 -25.59 13.84 -2.69
N ALA D 277 -26.62 13.12 -3.15
CA ALA D 277 -26.53 12.27 -4.30
C ALA D 277 -26.72 13.14 -5.56
N PHE D 278 -25.62 13.31 -6.30
CA PHE D 278 -25.57 14.11 -7.50
C PHE D 278 -25.73 13.20 -8.71
N TYR D 279 -26.83 13.37 -9.45
CA TYR D 279 -27.08 12.62 -10.67
C TYR D 279 -26.91 13.55 -11.86
N PHE D 280 -25.98 13.23 -12.76
CA PHE D 280 -25.78 13.99 -13.99
C PHE D 280 -26.17 13.14 -15.20
N ILE D 281 -27.24 13.56 -15.90
CA ILE D 281 -27.82 12.71 -16.92
C ILE D 281 -27.48 13.25 -18.31
N ALA D 282 -27.26 12.32 -19.25
CA ALA D 282 -27.31 12.58 -20.68
C ALA D 282 -28.49 11.83 -21.29
N TRP D 283 -29.33 12.54 -22.05
CA TRP D 283 -30.55 11.92 -22.55
C TRP D 283 -30.89 12.40 -23.96
N GLY D 284 -31.80 11.66 -24.60
CA GLY D 284 -32.11 11.86 -26.01
C GLY D 284 -32.33 10.54 -26.76
N HIS D 285 -32.08 10.58 -28.08
CA HIS D 285 -32.35 9.47 -28.98
C HIS D 285 -31.15 8.53 -29.01
N PRO D 286 -31.36 7.19 -28.85
CA PRO D 286 -30.26 6.26 -28.57
C PRO D 286 -29.18 6.29 -29.63
N SER D 287 -29.57 6.61 -30.86
CA SER D 287 -28.61 6.66 -31.95
C SER D 287 -27.64 7.84 -31.76
N GLN D 288 -27.98 8.78 -30.87
CA GLN D 288 -27.37 10.10 -30.85
C GLN D 288 -26.88 10.48 -29.45
N THR D 289 -27.33 9.71 -28.45
CA THR D 289 -26.99 9.89 -27.06
C THR D 289 -25.95 8.85 -26.66
N PRO D 290 -24.89 9.25 -25.91
CA PRO D 290 -23.83 8.32 -25.48
C PRO D 290 -24.35 7.34 -24.43
N GLU D 291 -23.68 6.18 -24.33
CA GLU D 291 -24.06 5.13 -23.37
C GLU D 291 -23.45 5.43 -22.01
N THR D 292 -24.00 4.78 -20.97
CA THR D 292 -23.61 5.01 -19.58
C THR D 292 -22.11 5.16 -19.44
N GLU D 293 -21.38 4.06 -19.71
CA GLU D 293 -19.95 4.03 -19.44
C GLU D 293 -19.20 5.08 -20.25
N THR D 294 -19.74 5.46 -21.43
CA THR D 294 -19.10 6.44 -22.29
C THR D 294 -19.19 7.82 -21.65
N TRP D 295 -20.38 8.13 -21.14
CA TRP D 295 -20.68 9.34 -20.39
C TRP D 295 -19.73 9.40 -19.18
N ARG D 296 -19.72 8.31 -18.42
CA ARG D 296 -18.92 8.31 -17.21
C ARG D 296 -17.47 8.62 -17.56
N LYS D 297 -16.95 7.97 -18.61
CA LYS D 297 -15.55 8.17 -18.92
C LYS D 297 -15.33 9.65 -19.25
N PHE D 298 -16.31 10.25 -19.92
CA PHE D 298 -16.09 11.61 -20.36
C PHE D 298 -16.08 12.54 -19.15
N LEU D 299 -17.04 12.34 -18.23
CA LEU D 299 -17.18 13.19 -17.06
C LEU D 299 -16.13 12.83 -16.00
N ARG D 300 -15.34 11.77 -16.27
CA ARG D 300 -14.44 11.11 -15.34
C ARG D 300 -15.19 10.70 -14.07
N GLN D 301 -16.23 9.88 -14.20
CA GLN D 301 -16.96 9.44 -13.04
C GLN D 301 -17.09 7.92 -13.07
N THR D 302 -16.04 7.25 -13.57
CA THR D 302 -16.11 5.80 -13.73
C THR D 302 -15.87 5.15 -12.37
N VAL D 303 -16.82 4.28 -11.99
CA VAL D 303 -16.73 3.56 -10.74
C VAL D 303 -15.54 2.61 -10.83
N GLY D 304 -14.65 2.73 -9.85
CA GLY D 304 -13.46 1.90 -9.81
C GLY D 304 -12.24 2.61 -10.40
N VAL D 305 -12.48 3.73 -11.11
CA VAL D 305 -11.41 4.59 -11.57
C VAL D 305 -11.44 5.93 -10.83
N ASP D 306 -12.59 6.60 -10.88
CA ASP D 306 -12.72 7.91 -10.26
C ASP D 306 -13.47 7.82 -8.94
N LEU D 307 -14.41 6.88 -8.83
CA LEU D 307 -15.19 6.73 -7.62
C LEU D 307 -14.94 5.35 -7.04
N ASP D 308 -15.20 5.18 -5.74
CA ASP D 308 -15.17 3.89 -5.07
C ASP D 308 -16.49 3.18 -5.36
N GLN D 309 -16.64 1.96 -4.83
CA GLN D 309 -17.77 1.13 -5.21
C GLN D 309 -19.12 1.72 -4.75
N ASN D 310 -19.12 2.79 -3.93
CA ASN D 310 -20.39 3.39 -3.51
C ASN D 310 -20.57 4.75 -4.18
N TYR D 311 -19.70 5.04 -5.14
CA TYR D 311 -19.86 6.21 -5.99
C TYR D 311 -19.33 7.48 -5.31
N ARG D 312 -18.47 7.33 -4.30
CA ARG D 312 -17.87 8.51 -3.69
C ARG D 312 -16.56 8.79 -4.42
N PRO D 313 -16.20 10.07 -4.64
CA PRO D 313 -15.06 10.37 -5.50
C PRO D 313 -13.77 9.95 -4.80
N LEU D 314 -12.71 9.67 -5.57
CA LEU D 314 -11.43 9.40 -4.94
C LEU D 314 -10.66 10.70 -4.83
N ARG D 315 -11.13 11.69 -5.60
CA ARG D 315 -10.63 13.05 -5.54
C ARG D 315 -11.19 13.76 -4.30
N ASN D 316 -10.33 14.52 -3.61
CA ASN D 316 -10.72 15.17 -2.37
C ASN D 316 -9.71 16.25 -2.02
N GLU D 317 -10.00 16.98 -0.93
CA GLU D 317 -9.20 18.12 -0.51
C GLU D 317 -7.75 17.70 -0.25
N ALA D 318 -7.57 16.59 0.47
CA ALA D 318 -6.24 16.07 0.78
C ALA D 318 -5.41 15.87 -0.50
N ASN D 319 -6.00 15.28 -1.55
CA ASN D 319 -5.27 15.06 -2.80
C ASN D 319 -5.41 16.24 -3.77
N LYS D 320 -6.15 17.30 -3.37
CA LYS D 320 -6.33 18.50 -4.18
C LYS D 320 -7.02 18.18 -5.50
N PHE D 321 -7.99 17.26 -5.44
CA PHE D 321 -8.75 16.78 -6.60
C PHE D 321 -7.84 16.49 -7.78
N TRP D 322 -6.61 16.04 -7.47
CA TRP D 322 -5.62 15.63 -8.46
C TRP D 322 -5.20 16.80 -9.35
N GLN D 323 -5.38 18.04 -8.87
CA GLN D 323 -5.03 19.20 -9.69
C GLN D 323 -3.58 19.09 -10.17
N ASP D 324 -3.36 19.20 -11.47
CA ASP D 324 -2.03 19.09 -12.05
C ASP D 324 -1.46 20.48 -12.32
N ARG D 325 -0.50 20.89 -11.48
CA ARG D 325 0.07 22.23 -11.54
C ARG D 325 0.85 22.46 -12.84
N ASN D 326 1.38 21.38 -13.42
CA ASN D 326 2.05 21.52 -14.69
C ASN D 326 1.03 21.69 -15.82
N ALA D 327 0.00 20.84 -15.84
CA ALA D 327 -1.06 20.98 -16.83
C ALA D 327 -1.43 22.44 -16.92
N MET D 328 -1.44 23.10 -15.75
CA MET D 328 -1.97 24.45 -15.66
C MET D 328 -0.99 25.45 -16.24
N LYS D 329 0.32 25.21 -16.04
CA LYS D 329 1.35 26.06 -16.62
C LYS D 329 1.41 25.79 -18.14
N ALA D 330 0.91 24.62 -18.56
CA ALA D 330 0.88 24.22 -19.95
C ALA D 330 -0.33 24.83 -20.64
N GLY D 331 -1.30 25.29 -19.85
CA GLY D 331 -2.36 26.12 -20.40
C GLY D 331 -3.76 25.54 -20.22
N ASN D 332 -3.86 24.33 -19.64
CA ASN D 332 -5.14 23.84 -19.13
C ASN D 332 -5.56 24.72 -17.96
N PHE D 333 -6.87 24.96 -17.79
CA PHE D 333 -7.26 26.10 -16.96
C PHE D 333 -7.29 25.68 -15.48
N THR D 334 -8.04 24.62 -15.17
CA THR D 334 -8.16 24.12 -13.81
C THR D 334 -7.12 23.05 -13.51
N GLY D 335 -6.68 22.30 -14.52
CA GLY D 335 -5.76 21.19 -14.32
C GLY D 335 -6.39 20.06 -13.52
N ILE D 336 -7.73 20.03 -13.52
CA ILE D 336 -8.46 18.91 -12.96
C ILE D 336 -9.17 18.24 -14.14
N THR D 337 -9.03 16.92 -14.28
CA THR D 337 -9.65 16.24 -15.41
C THR D 337 -11.11 15.94 -15.09
N GLY D 338 -11.99 16.28 -16.04
CA GLY D 338 -13.39 15.90 -16.04
C GLY D 338 -14.20 17.08 -15.50
N PHE D 339 -15.07 17.66 -16.34
CA PHE D 339 -15.65 18.95 -16.02
C PHE D 339 -16.37 18.92 -14.66
N PRO D 340 -17.19 17.91 -14.31
CA PRO D 340 -17.88 17.95 -13.01
C PRO D 340 -16.93 17.95 -11.80
N ASN D 341 -15.75 17.35 -11.95
CA ASN D 341 -14.77 17.25 -10.86
C ASN D 341 -14.23 18.65 -10.61
N GLN D 342 -14.16 19.43 -11.69
CA GLN D 342 -13.76 20.81 -11.63
C GLN D 342 -14.79 21.62 -10.85
N ASP D 343 -16.07 21.29 -11.07
CA ASP D 343 -17.18 21.82 -10.28
C ASP D 343 -17.00 21.39 -8.83
N VAL D 344 -16.81 20.08 -8.61
CA VAL D 344 -16.72 19.46 -7.29
C VAL D 344 -15.68 20.21 -6.44
N ALA D 345 -14.52 20.50 -7.04
CA ALA D 345 -13.47 21.24 -6.35
C ALA D 345 -14.02 22.51 -5.71
N MET D 346 -14.90 23.23 -6.43
CA MET D 346 -15.42 24.52 -5.98
C MET D 346 -16.53 24.32 -4.95
N TRP D 347 -17.41 23.35 -5.19
CA TRP D 347 -18.53 23.09 -4.28
C TRP D 347 -18.04 22.75 -2.87
N LEU D 348 -17.02 21.89 -2.81
CA LEU D 348 -16.60 21.28 -1.56
C LEU D 348 -15.70 22.22 -0.77
N THR D 349 -15.06 23.18 -1.46
CA THR D 349 -14.16 24.07 -0.74
C THR D 349 -14.94 25.15 0.02
N MET D 350 -16.08 25.58 -0.53
CA MET D 350 -16.98 26.52 0.14
C MET D 350 -17.40 25.93 1.48
N GLY D 351 -17.07 24.65 1.69
CA GLY D 351 -17.37 23.98 2.94
C GLY D 351 -18.70 23.24 2.88
N PRO D 352 -19.03 22.46 3.94
CA PRO D 352 -20.08 21.46 3.86
C PRO D 352 -21.49 22.05 3.87
N ILE D 353 -21.62 23.30 4.33
CA ILE D 353 -22.76 24.14 3.96
C ILE D 353 -22.20 25.53 3.63
N ALA D 354 -22.35 25.96 2.39
CA ALA D 354 -21.83 27.26 2.02
C ALA D 354 -22.49 28.35 2.87
N ASP D 355 -21.66 29.28 3.35
CA ASP D 355 -22.10 30.42 4.15
C ASP D 355 -22.51 31.56 3.22
N ARG D 356 -23.79 31.55 2.80
CA ARG D 356 -24.34 32.52 1.88
C ARG D 356 -24.49 33.88 2.56
N THR D 357 -24.16 33.95 3.84
CA THR D 357 -24.13 35.18 4.61
C THR D 357 -23.01 36.07 4.07
N HIS D 358 -21.92 35.48 3.58
CA HIS D 358 -20.69 36.22 3.28
C HIS D 358 -20.41 36.34 1.78
N ASP D 359 -21.44 36.13 0.94
CA ASP D 359 -21.29 36.06 -0.51
C ASP D 359 -21.35 37.47 -1.10
N ARG D 360 -20.48 37.77 -2.06
CA ARG D 360 -20.53 39.07 -2.71
C ARG D 360 -20.98 38.89 -4.15
N LEU D 361 -22.31 38.92 -4.38
CA LEU D 361 -22.88 38.51 -5.65
C LEU D 361 -22.92 39.69 -6.62
N GLY D 362 -22.93 39.36 -7.92
CA GLY D 362 -22.94 40.34 -9.00
C GLY D 362 -23.87 39.94 -10.15
N ALA D 363 -23.64 40.54 -11.31
CA ALA D 363 -24.56 40.50 -12.44
C ALA D 363 -24.79 39.06 -12.90
N SER D 364 -23.73 38.24 -12.89
CA SER D 364 -23.80 36.90 -13.46
C SER D 364 -24.50 35.93 -12.50
N ASP D 365 -24.94 36.44 -11.34
CA ASP D 365 -25.44 35.58 -10.28
C ASP D 365 -26.96 35.68 -10.17
N LEU D 366 -27.61 36.17 -11.23
CA LEU D 366 -29.02 36.53 -11.20
C LEU D 366 -29.88 35.28 -11.06
N ALA D 367 -29.46 34.21 -11.74
CA ALA D 367 -30.17 32.96 -11.69
C ALA D 367 -30.15 32.43 -10.27
N ILE D 368 -28.93 32.40 -9.68
CA ILE D 368 -28.73 31.93 -8.32
C ILE D 368 -29.59 32.76 -7.39
N VAL D 369 -29.60 34.09 -7.58
CA VAL D 369 -30.43 34.96 -6.76
C VAL D 369 -31.92 34.60 -6.86
N GLU D 370 -32.45 34.34 -8.07
CA GLU D 370 -33.86 33.99 -8.21
C GLU D 370 -34.20 32.68 -7.50
N PHE D 371 -33.29 31.70 -7.63
CA PHE D 371 -33.40 30.45 -6.90
C PHE D 371 -33.43 30.70 -5.39
N ARG D 372 -32.48 31.53 -4.90
CA ARG D 372 -32.43 31.85 -3.49
C ARG D 372 -33.78 32.37 -3.00
N LYS D 373 -34.37 33.30 -3.77
CA LYS D 373 -35.61 33.96 -3.40
C LYS D 373 -36.77 32.99 -3.50
N GLN D 374 -36.85 32.25 -4.61
CA GLN D 374 -38.04 31.46 -4.88
C GLN D 374 -38.17 30.36 -3.85
N MET D 375 -37.04 29.72 -3.52
CA MET D 375 -37.06 28.53 -2.69
C MET D 375 -37.28 28.94 -1.24
N LEU D 376 -36.83 30.15 -0.90
CA LEU D 376 -37.19 30.69 0.41
C LEU D 376 -38.69 30.98 0.50
N ASP D 377 -39.26 31.66 -0.51
CA ASP D 377 -40.69 31.90 -0.53
C ASP D 377 -41.44 30.57 -0.43
N ALA D 378 -40.96 29.55 -1.15
CA ALA D 378 -41.64 28.28 -1.24
C ALA D 378 -41.67 27.61 0.13
N VAL D 379 -40.56 27.70 0.85
CA VAL D 379 -40.43 26.96 2.08
C VAL D 379 -41.13 27.74 3.19
N LYS D 380 -41.17 29.06 3.03
CA LYS D 380 -41.90 29.91 3.95
C LYS D 380 -43.39 29.72 3.68
N ALA D 381 -43.79 29.96 2.42
CA ALA D 381 -45.14 29.66 1.97
C ALA D 381 -45.55 28.29 2.50
N PHE D 382 -44.74 27.26 2.21
CA PHE D 382 -45.11 25.89 2.54
C PHE D 382 -45.25 25.72 4.05
N GLU D 383 -44.42 26.43 4.81
CA GLU D 383 -44.43 26.32 6.26
C GLU D 383 -45.77 26.83 6.81
N GLN D 384 -46.37 27.81 6.11
CA GLN D 384 -47.62 28.45 6.52
C GLN D 384 -48.84 27.69 5.98
N GLY D 385 -48.58 26.51 5.39
CA GLY D 385 -49.64 25.59 5.02
C GLY D 385 -49.95 25.60 3.52
N ALA D 386 -49.13 26.30 2.72
CA ALA D 386 -49.30 26.32 1.27
C ALA D 386 -48.93 24.94 0.69
N PRO D 387 -49.49 24.52 -0.47
CA PRO D 387 -49.02 23.30 -1.12
C PRO D 387 -47.61 23.56 -1.63
N ALA D 388 -46.76 22.52 -1.55
CA ALA D 388 -45.35 22.60 -1.91
C ALA D 388 -45.22 23.03 -3.36
N ILE D 389 -44.20 23.85 -3.64
CA ILE D 389 -43.91 24.34 -4.99
C ILE D 389 -43.80 23.20 -6.00
N GLY D 390 -44.47 23.36 -7.15
CA GLY D 390 -44.29 22.48 -8.29
C GLY D 390 -45.09 21.19 -8.21
N THR D 391 -45.86 21.00 -7.13
CA THR D 391 -46.79 19.89 -7.04
C THR D 391 -48.12 20.31 -7.66
N GLY D 392 -48.99 19.33 -7.94
CA GLY D 392 -50.35 19.59 -8.39
C GLY D 392 -50.44 19.92 -9.87
N VAL D 393 -51.35 20.85 -10.21
CA VAL D 393 -51.59 21.30 -11.58
C VAL D 393 -50.32 21.96 -12.14
N GLU D 394 -49.30 22.13 -11.28
CA GLU D 394 -48.26 23.13 -11.43
C GLU D 394 -46.97 22.53 -12.02
N ALA D 395 -46.75 21.23 -11.85
CA ALA D 395 -45.50 20.57 -12.24
C ALA D 395 -45.18 20.81 -13.71
N ALA D 396 -43.89 20.75 -14.07
CA ALA D 396 -43.47 20.75 -15.47
C ALA D 396 -43.59 19.34 -16.03
N THR D 397 -43.35 19.19 -17.35
CA THR D 397 -43.24 17.90 -18.04
C THR D 397 -42.48 18.10 -19.36
N PRO D 398 -42.28 17.03 -20.18
CA PRO D 398 -41.56 17.15 -21.46
C PRO D 398 -41.47 18.50 -22.16
N THR D 399 -42.59 19.25 -22.32
CA THR D 399 -42.62 20.44 -23.19
C THR D 399 -41.90 21.65 -22.58
N VAL D 400 -41.68 21.65 -21.26
CA VAL D 400 -40.80 22.63 -20.65
C VAL D 400 -39.37 22.15 -20.81
N CYS D 401 -38.47 23.02 -21.29
CA CYS D 401 -37.13 22.54 -21.58
C CYS D 401 -36.12 23.68 -21.75
N SER D 402 -34.84 23.28 -21.77
CA SER D 402 -33.72 24.16 -22.06
C SER D 402 -33.45 24.17 -23.56
N PHE D 403 -32.63 25.12 -24.01
CA PHE D 403 -32.24 25.20 -25.42
C PHE D 403 -30.98 26.05 -25.58
N GLN D 404 -30.39 26.01 -26.80
CA GLN D 404 -29.35 26.94 -27.21
C GLN D 404 -29.41 27.18 -28.73
N ALA D 405 -29.48 28.46 -29.13
CA ALA D 405 -29.55 28.84 -30.53
C ALA D 405 -29.09 30.29 -30.72
N ILE D 406 -28.62 30.59 -31.94
CA ILE D 406 -28.42 31.95 -32.39
C ILE D 406 -29.81 32.53 -32.68
N VAL D 407 -30.13 33.66 -32.00
CA VAL D 407 -31.46 34.24 -31.94
C VAL D 407 -31.38 35.75 -32.23
N PRO D 408 -32.21 36.29 -33.16
CA PRO D 408 -32.19 37.72 -33.47
C PRO D 408 -32.67 38.55 -32.27
N LYS D 409 -32.10 39.74 -32.11
CA LYS D 409 -32.31 40.58 -30.95
C LYS D 409 -33.72 41.17 -30.91
N THR D 410 -34.42 41.08 -32.05
CA THR D 410 -35.79 41.55 -32.14
C THR D 410 -36.73 40.52 -31.50
N THR D 411 -36.29 39.26 -31.40
CA THR D 411 -37.10 38.22 -30.78
C THR D 411 -36.79 38.14 -29.28
N ASP D 412 -37.87 38.05 -28.49
CA ASP D 412 -37.83 37.72 -27.08
C ASP D 412 -37.50 36.23 -26.96
N TRP D 413 -36.53 35.89 -26.10
CA TRP D 413 -36.18 34.49 -25.82
C TRP D 413 -37.31 33.79 -25.06
N ARG D 414 -38.02 34.53 -24.18
CA ARG D 414 -39.14 33.99 -23.43
C ARG D 414 -40.09 33.32 -24.40
N THR D 415 -39.99 33.76 -25.66
CA THR D 415 -40.99 33.48 -26.68
C THR D 415 -40.50 32.38 -27.62
N TYR D 416 -39.23 32.02 -27.50
CA TYR D 416 -38.62 30.99 -28.35
C TYR D 416 -39.30 29.65 -28.10
N ASP D 417 -39.71 28.99 -29.20
CA ASP D 417 -40.40 27.71 -29.15
C ASP D 417 -39.41 26.57 -29.38
N ALA D 418 -38.81 26.07 -28.30
CA ALA D 418 -37.83 24.99 -28.40
C ALA D 418 -38.31 23.74 -27.66
N HIS D 419 -38.23 22.60 -28.35
CA HIS D 419 -38.42 21.29 -27.77
C HIS D 419 -37.02 20.65 -27.63
N TYR D 420 -36.96 19.51 -26.96
CA TYR D 420 -35.70 18.83 -26.68
C TYR D 420 -35.09 18.26 -27.97
N VAL D 421 -33.78 18.44 -28.17
CA VAL D 421 -33.07 17.98 -29.35
C VAL D 421 -33.29 16.48 -29.53
N TRP D 422 -33.41 16.02 -30.79
CA TRP D 422 -33.81 14.64 -31.08
C TRP D 422 -33.35 14.24 -32.48
N LEU D 423 -34.16 14.59 -33.49
CA LEU D 423 -33.83 14.43 -34.91
C LEU D 423 -34.79 15.30 -35.74
N MET E 1 -41.66 -1.18 27.03
CA MET E 1 -41.31 0.18 26.54
C MET E 1 -40.47 0.91 27.59
N MET E 2 -39.24 1.29 27.20
CA MET E 2 -38.33 2.08 28.03
C MET E 2 -38.32 3.52 27.52
N THR E 3 -37.69 4.42 28.30
CA THR E 3 -37.59 5.82 27.91
C THR E 3 -36.12 6.22 27.75
N HIS E 4 -35.89 7.25 26.91
CA HIS E 4 -34.58 7.82 26.69
C HIS E 4 -33.81 7.94 28.01
N GLU E 5 -34.50 8.36 29.09
CA GLU E 5 -33.89 8.69 30.38
C GLU E 5 -33.47 7.41 31.11
N GLU E 6 -34.27 6.35 30.89
CA GLU E 6 -34.03 5.04 31.45
C GLU E 6 -32.83 4.42 30.73
N ASN E 7 -32.73 4.73 29.42
CA ASN E 7 -31.72 4.08 28.62
C ASN E 7 -30.35 4.61 29.00
N GLU E 8 -30.30 5.92 29.25
CA GLU E 8 -29.06 6.59 29.65
C GLU E 8 -28.61 6.01 30.99
N LEU E 9 -29.57 5.64 31.84
CA LEU E 9 -29.20 5.28 33.19
C LEU E 9 -28.49 3.92 33.15
N LEU E 10 -29.04 3.04 32.32
CA LEU E 10 -28.59 1.66 32.19
C LEU E 10 -27.19 1.61 31.57
N CYS E 11 -26.96 2.47 30.57
CA CYS E 11 -25.90 2.31 29.60
C CYS E 11 -24.66 3.12 29.96
N ARG E 12 -24.83 4.39 30.32
CA ARG E 12 -23.69 5.28 30.56
C ARG E 12 -22.88 4.79 31.75
N VAL E 13 -21.55 4.92 31.69
CA VAL E 13 -20.72 4.33 32.72
C VAL E 13 -19.60 5.28 33.12
N GLU E 14 -19.39 6.31 32.30
CA GLU E 14 -18.26 7.20 32.50
C GLU E 14 -18.55 8.13 33.67
N GLY E 15 -17.50 8.44 34.44
CA GLY E 15 -17.52 9.53 35.40
C GLY E 15 -18.45 9.25 36.58
N ASP E 16 -19.61 9.93 36.59
CA ASP E 16 -20.51 9.86 37.72
C ASP E 16 -21.68 8.92 37.43
N ALA E 17 -21.85 8.55 36.16
CA ALA E 17 -22.93 7.68 35.70
C ALA E 17 -23.17 6.59 36.73
N PRO E 18 -24.39 6.52 37.30
CA PRO E 18 -24.67 5.56 38.36
C PRO E 18 -24.16 4.16 38.01
N MET E 19 -24.53 3.65 36.83
CA MET E 19 -24.18 2.29 36.46
C MET E 19 -22.68 2.07 36.59
N GLY E 20 -21.89 3.10 36.22
CA GLY E 20 -20.45 3.03 36.41
C GLY E 20 -20.05 2.76 37.86
N ARG E 21 -20.50 3.63 38.77
CA ARG E 21 -20.14 3.51 40.17
C ARG E 21 -20.58 2.14 40.69
N LEU E 22 -21.78 1.68 40.30
CA LEU E 22 -22.20 0.33 40.62
C LEU E 22 -21.08 -0.64 40.22
N MET E 23 -20.83 -0.72 38.91
CA MET E 23 -20.00 -1.77 38.33
C MET E 23 -18.61 -1.77 38.95
N ARG E 24 -18.19 -0.62 39.49
CA ARG E 24 -16.84 -0.51 40.01
C ARG E 24 -16.78 -1.11 41.40
N ARG E 25 -17.89 -1.72 41.84
CA ARG E 25 -17.92 -2.39 43.13
C ARG E 25 -17.52 -3.85 42.97
N HIS E 26 -17.50 -4.31 41.72
CA HIS E 26 -17.02 -5.63 41.35
C HIS E 26 -15.57 -5.52 40.89
N TRP E 27 -14.78 -6.54 41.24
CA TRP E 27 -13.48 -6.75 40.64
C TRP E 27 -13.67 -6.84 39.12
N THR E 28 -12.93 -6.03 38.35
CA THR E 28 -13.07 -5.95 36.89
C THR E 28 -11.82 -6.46 36.16
N PRO E 29 -11.97 -7.25 35.08
CA PRO E 29 -10.88 -7.47 34.12
C PRO E 29 -10.41 -6.22 33.37
N ILE E 30 -9.08 -6.04 33.29
CA ILE E 30 -8.46 -4.87 32.69
C ILE E 30 -7.85 -5.21 31.34
N CYS E 31 -7.07 -6.29 31.30
CA CYS E 31 -6.46 -6.73 30.04
C CYS E 31 -6.12 -8.22 30.16
N LEU E 32 -5.40 -8.75 29.16
CA LEU E 32 -5.05 -10.16 29.21
C LEU E 32 -3.70 -10.29 29.90
N VAL E 33 -3.45 -11.44 30.53
CA VAL E 33 -2.17 -11.64 31.17
C VAL E 33 -1.08 -11.70 30.11
N GLU E 34 -1.41 -12.20 28.90
CA GLU E 34 -0.48 -12.31 27.78
C GLU E 34 -0.03 -10.93 27.27
N GLU E 35 -0.72 -9.87 27.70
CA GLU E 35 -0.31 -8.55 27.27
C GLU E 35 0.87 -8.01 28.09
N VAL E 36 1.01 -8.37 29.37
CA VAL E 36 2.00 -7.65 30.15
C VAL E 36 3.36 -8.35 30.16
N GLY E 37 3.41 -9.57 29.61
CA GLY E 37 4.65 -10.28 29.33
C GLY E 37 5.47 -10.53 30.60
N GLU E 38 6.79 -10.55 30.44
CA GLU E 38 7.69 -10.87 31.54
C GLU E 38 7.92 -9.64 32.41
N PRO E 39 8.51 -9.81 33.62
CA PRO E 39 8.91 -8.68 34.44
C PRO E 39 9.70 -7.71 33.57
N ASP E 40 9.55 -6.41 33.84
CA ASP E 40 10.23 -5.30 33.14
C ASP E 40 9.70 -5.13 31.73
N GLY E 41 8.59 -5.82 31.43
CA GLY E 41 8.05 -5.91 30.08
C GLY E 41 7.39 -4.62 29.60
N THR E 42 6.95 -4.63 28.36
CA THR E 42 6.40 -3.46 27.72
C THR E 42 5.11 -3.00 28.39
N PRO E 43 5.02 -1.73 28.84
CA PRO E 43 3.77 -1.14 29.31
C PRO E 43 2.64 -1.30 28.28
N VAL E 44 1.42 -1.19 28.78
CA VAL E 44 0.24 -1.56 28.02
C VAL E 44 -0.88 -0.59 28.36
N LYS E 45 -1.58 -0.14 27.34
CA LYS E 45 -2.71 0.77 27.49
C LYS E 45 -3.96 -0.07 27.65
N ALA E 46 -4.79 0.25 28.65
CA ALA E 46 -6.11 -0.34 28.75
C ALA E 46 -7.12 0.77 29.01
N ARG E 47 -8.41 0.44 28.94
CA ARG E 47 -9.43 1.45 29.19
C ARG E 47 -10.67 0.80 29.83
N ALA E 48 -11.10 1.38 30.96
CA ALA E 48 -12.24 0.93 31.75
C ALA E 48 -13.05 2.13 32.24
N PHE E 49 -14.38 2.03 32.12
CA PHE E 49 -15.27 3.04 32.66
C PHE E 49 -14.73 4.45 32.38
N GLY E 50 -14.21 4.69 31.16
CA GLY E 50 -13.89 6.04 30.67
C GLY E 50 -12.58 6.59 31.25
N GLU E 51 -11.80 5.69 31.84
CA GLU E 51 -10.53 6.01 32.46
C GLU E 51 -9.41 5.25 31.74
N ASP E 52 -8.41 6.01 31.25
CA ASP E 52 -7.26 5.49 30.52
C ASP E 52 -6.21 4.99 31.50
N LEU E 53 -5.79 3.73 31.32
CA LEU E 53 -4.94 3.05 32.28
C LEU E 53 -3.64 2.55 31.64
N VAL E 54 -2.52 2.71 32.39
CA VAL E 54 -1.32 1.92 32.16
C VAL E 54 -1.42 0.61 32.94
N VAL E 55 -0.85 -0.46 32.38
CA VAL E 55 -0.66 -1.72 33.09
C VAL E 55 0.75 -2.21 32.76
N PHE E 56 1.42 -2.86 33.72
CA PHE E 56 2.77 -3.35 33.45
C PHE E 56 3.22 -4.24 34.60
N ARG E 57 4.15 -5.17 34.29
CA ARG E 57 4.67 -6.08 35.28
C ARG E 57 6.07 -5.62 35.72
N ASP E 58 6.27 -5.43 37.03
CA ASP E 58 7.52 -4.86 37.54
C ASP E 58 8.60 -5.93 37.70
N SER E 59 9.82 -5.46 38.05
CA SER E 59 10.98 -6.31 38.19
C SER E 59 10.68 -7.52 39.06
N GLU E 60 9.76 -7.36 40.02
CA GLU E 60 9.47 -8.42 40.98
C GLU E 60 8.27 -9.25 40.51
N GLY E 61 7.73 -8.93 39.33
CA GLY E 61 6.64 -9.72 38.79
C GLY E 61 5.27 -9.30 39.30
N ARG E 62 5.20 -8.20 40.07
CA ARG E 62 3.91 -7.63 40.48
C ARG E 62 3.36 -6.79 39.33
N VAL E 63 2.04 -6.87 39.10
CA VAL E 63 1.40 -6.19 37.99
C VAL E 63 0.62 -5.00 38.54
N GLY E 64 0.96 -3.77 38.13
CA GLY E 64 0.18 -2.63 38.58
C GLY E 64 -0.86 -2.20 37.56
N VAL E 65 -1.93 -1.53 38.01
CA VAL E 65 -2.85 -0.88 37.08
C VAL E 65 -3.05 0.56 37.54
N MET E 66 -2.65 1.54 36.71
CA MET E 66 -2.65 2.93 37.16
C MET E 66 -3.20 3.85 36.07
N ASP E 67 -3.57 5.06 36.51
CA ASP E 67 -3.89 6.13 35.59
C ASP E 67 -2.75 6.17 34.60
N GLU E 68 -3.10 6.24 33.31
CA GLU E 68 -2.18 6.35 32.18
C GLU E 68 -1.32 7.62 32.27
N TYR E 69 -1.86 8.71 32.81
CA TYR E 69 -1.16 9.98 32.71
C TYR E 69 -0.34 10.29 33.97
N CYS E 70 0.88 10.77 33.75
CA CYS E 70 1.87 11.03 34.78
C CYS E 70 1.34 12.08 35.75
N PRO E 71 1.46 11.86 37.08
CA PRO E 71 1.05 12.85 38.08
C PRO E 71 1.76 14.20 37.99
N HIS E 72 2.89 14.23 37.26
CA HIS E 72 3.63 15.47 37.07
C HIS E 72 2.86 16.40 36.13
N ARG E 73 2.97 16.14 34.81
CA ARG E 73 2.42 17.03 33.79
C ARG E 73 1.62 16.27 32.72
N ARG E 74 1.13 15.08 33.10
CA ARG E 74 0.07 14.37 32.39
C ARG E 74 0.55 13.67 31.12
N ALA E 75 1.87 13.59 30.89
CA ALA E 75 2.38 12.80 29.78
C ALA E 75 2.06 11.32 30.01
N SER E 76 2.02 10.52 28.93
CA SER E 76 1.52 9.16 29.04
C SER E 76 2.62 8.23 29.49
N LEU E 77 2.35 7.47 30.54
CA LEU E 77 3.37 6.63 31.15
C LEU E 77 3.55 5.38 30.31
N VAL E 78 2.64 5.17 29.34
CA VAL E 78 2.73 4.02 28.46
C VAL E 78 4.05 4.06 27.69
N TYR E 79 4.63 5.26 27.51
CA TYR E 79 5.93 5.39 26.87
C TYR E 79 7.09 5.17 27.86
N GLY E 80 6.80 4.78 29.11
CA GLY E 80 7.80 4.92 30.15
C GLY E 80 8.77 3.75 30.19
N ARG E 81 9.83 3.86 30.99
CA ARG E 81 10.73 2.75 31.20
C ARG E 81 10.26 1.89 32.40
N ASN E 82 9.98 0.62 32.11
CA ASN E 82 9.57 -0.33 33.12
C ASN E 82 10.80 -1.09 33.60
N GLU E 83 11.48 -0.58 34.64
CA GLU E 83 12.68 -1.21 35.16
C GLU E 83 12.93 -0.86 36.62
N GLU E 84 13.64 -1.76 37.29
CA GLU E 84 14.17 -1.60 38.64
C GLU E 84 13.01 -1.34 39.61
N GLY E 85 12.00 -2.21 39.55
CA GLY E 85 10.85 -2.15 40.42
C GLY E 85 10.02 -0.87 40.25
N GLY E 86 10.01 -0.31 39.04
CA GLY E 86 9.27 0.92 38.81
C GLY E 86 8.83 1.11 37.36
N LEU E 87 8.11 2.21 37.12
CA LEU E 87 7.76 2.67 35.80
C LEU E 87 8.09 4.17 35.75
N ARG E 88 9.06 4.55 34.93
CA ARG E 88 9.57 5.91 34.97
C ARG E 88 9.12 6.66 33.72
N CYS E 89 8.41 7.76 33.93
CA CYS E 89 8.00 8.68 32.88
C CYS E 89 9.24 9.22 32.12
N LEU E 90 9.10 9.51 30.82
CA LEU E 90 10.27 9.88 30.02
C LEU E 90 10.52 11.37 30.12
N TYR E 91 9.50 12.12 30.53
CA TYR E 91 9.60 13.57 30.46
C TYR E 91 10.54 14.11 31.54
N HIS E 92 10.31 13.76 32.81
CA HIS E 92 11.12 14.33 33.90
C HIS E 92 11.70 13.26 34.81
N GLY E 93 11.49 12.00 34.46
CA GLY E 93 12.07 10.88 35.20
C GLY E 93 11.34 10.53 36.50
N TRP E 94 10.07 10.95 36.66
CA TRP E 94 9.32 10.51 37.84
C TRP E 94 9.09 9.00 37.76
N LYS E 95 9.30 8.29 38.88
CA LYS E 95 9.17 6.84 38.86
C LYS E 95 8.07 6.39 39.81
N MET E 96 7.09 5.65 39.28
CA MET E 96 6.03 5.14 40.13
C MET E 96 6.19 3.64 40.32
N ASP E 97 6.03 3.17 41.56
CA ASP E 97 5.89 1.74 41.80
C ASP E 97 4.47 1.28 41.42
N VAL E 98 4.20 -0.02 41.55
CA VAL E 98 2.93 -0.56 41.09
C VAL E 98 1.80 -0.09 41.99
N ASP E 99 2.12 0.51 43.15
CA ASP E 99 1.09 0.97 44.08
C ASP E 99 0.94 2.48 43.94
N GLY E 100 1.79 3.09 43.10
CA GLY E 100 1.57 4.47 42.69
C GLY E 100 2.24 5.48 43.60
N ASN E 101 3.10 4.97 44.50
CA ASN E 101 4.07 5.81 45.19
C ASN E 101 5.04 6.33 44.13
N VAL E 102 5.55 7.54 44.37
CA VAL E 102 6.61 8.09 43.56
C VAL E 102 7.94 7.74 44.24
N LEU E 103 8.64 6.74 43.69
CA LEU E 103 9.90 6.26 44.26
C LEU E 103 11.00 7.30 44.07
N GLU E 104 10.81 8.22 43.13
CA GLU E 104 11.94 9.05 42.74
C GLU E 104 11.45 10.13 41.78
N MET E 105 12.20 11.24 41.78
CA MET E 105 12.00 12.31 40.82
C MET E 105 13.39 12.74 40.35
N ALA E 106 13.79 12.31 39.15
CA ALA E 106 15.16 12.56 38.72
C ALA E 106 15.54 14.04 38.88
N SER E 107 14.55 14.95 38.76
CA SER E 107 14.79 16.36 38.47
C SER E 107 14.50 17.27 39.67
N GLU E 108 13.90 16.71 40.73
CA GLU E 108 13.47 17.52 41.85
C GLU E 108 14.33 17.16 43.06
N PRO E 109 14.99 18.15 43.70
CA PRO E 109 15.92 17.88 44.81
C PRO E 109 15.24 17.03 45.88
N ALA E 110 15.36 15.70 45.72
CA ALA E 110 14.60 14.73 46.50
C ALA E 110 14.94 14.83 47.98
N ALA E 111 15.93 15.67 48.31
CA ALA E 111 16.21 16.08 49.68
C ALA E 111 15.15 17.10 50.12
N SER E 112 13.89 16.80 49.76
CA SER E 112 12.73 17.64 50.04
C SER E 112 11.44 16.83 49.89
N GLY E 113 10.44 17.19 50.70
CA GLY E 113 9.17 16.46 50.74
C GLY E 113 8.26 16.77 49.56
N MET E 114 8.53 16.12 48.43
CA MET E 114 7.55 15.95 47.35
C MET E 114 7.50 14.47 46.96
N VAL E 115 8.60 13.76 47.26
CA VAL E 115 8.77 12.34 46.97
C VAL E 115 7.79 11.54 47.82
N ASP E 116 7.71 11.91 49.10
CA ASP E 116 6.97 11.18 50.14
C ASP E 116 5.48 11.48 50.02
N LYS E 117 5.14 12.71 49.63
CA LYS E 117 3.79 13.26 49.67
C LYS E 117 2.91 12.62 48.61
N VAL E 118 3.42 12.54 47.37
CA VAL E 118 2.61 12.42 46.16
C VAL E 118 2.34 10.94 45.86
N LYS E 119 1.05 10.56 45.90
CA LYS E 119 0.62 9.23 45.46
C LYS E 119 -0.05 9.37 44.10
N HIS E 120 0.01 8.30 43.31
CA HIS E 120 -0.52 8.40 41.96
C HIS E 120 -1.72 7.48 41.87
N THR E 121 -2.80 7.98 41.25
CA THR E 121 -4.03 7.21 41.24
C THR E 121 -3.72 5.79 40.71
N ALA E 122 -3.81 4.78 41.58
CA ALA E 122 -3.44 3.38 41.31
C ALA E 122 -4.45 2.43 41.95
N TYR E 123 -4.47 1.17 41.51
CA TYR E 123 -5.58 0.31 41.88
C TYR E 123 -5.09 -1.06 42.31
N PRO E 124 -5.76 -1.71 43.26
CA PRO E 124 -5.43 -3.09 43.62
C PRO E 124 -5.64 -4.02 42.42
N THR E 125 -4.75 -5.00 42.29
CA THR E 125 -4.82 -5.87 41.13
C THR E 125 -4.62 -7.31 41.54
N GLN E 126 -5.25 -8.19 40.77
CA GLN E 126 -5.23 -9.62 40.98
C GLN E 126 -5.05 -10.30 39.61
N GLU E 127 -4.22 -11.34 39.57
CA GLU E 127 -4.08 -12.13 38.36
C GLU E 127 -4.77 -13.46 38.58
N TRP E 128 -5.80 -13.71 37.78
CA TRP E 128 -6.57 -14.92 37.87
C TRP E 128 -7.07 -15.26 36.47
N ALA E 129 -6.79 -16.48 36.04
CA ALA E 129 -7.54 -17.07 34.94
C ALA E 129 -7.22 -16.41 33.60
N GLY E 130 -6.00 -15.86 33.47
CA GLY E 130 -5.55 -15.30 32.20
C GLY E 130 -5.79 -13.79 32.09
N MET E 131 -6.55 -13.24 33.04
CA MET E 131 -6.82 -11.83 33.04
C MET E 131 -6.10 -11.15 34.19
N VAL E 132 -5.78 -9.87 33.99
CA VAL E 132 -5.47 -8.94 35.07
C VAL E 132 -6.78 -8.33 35.53
N TRP E 133 -7.13 -8.55 36.82
CA TRP E 133 -8.29 -7.95 37.47
C TRP E 133 -7.85 -6.72 38.26
N ALA E 134 -8.69 -5.68 38.28
CA ALA E 134 -8.46 -4.51 39.15
C ALA E 134 -9.76 -4.13 39.87
N TYR E 135 -9.58 -3.57 41.08
CA TYR E 135 -10.69 -3.01 41.84
C TYR E 135 -10.62 -1.49 41.79
N MET E 136 -11.64 -0.90 41.13
CA MET E 136 -11.64 0.47 40.68
C MET E 136 -12.78 1.26 41.33
N GLY E 137 -13.43 0.68 42.34
CA GLY E 137 -14.37 1.41 43.17
C GLY E 137 -13.65 2.01 44.37
N PRO E 138 -14.37 2.58 45.37
CA PRO E 138 -13.72 3.20 46.52
C PRO E 138 -12.90 2.22 47.35
N LYS E 139 -11.78 2.70 47.91
CA LYS E 139 -10.74 1.86 48.51
C LYS E 139 -11.35 0.80 49.42
N GLU E 140 -12.10 1.23 50.46
CA GLU E 140 -12.49 0.33 51.54
C GLU E 140 -13.57 -0.64 51.09
N THR E 141 -14.31 -0.28 50.04
CA THR E 141 -15.42 -1.12 49.59
C THR E 141 -14.88 -2.39 48.93
N MET E 142 -13.56 -2.64 49.05
CA MET E 142 -12.89 -3.64 48.25
C MET E 142 -13.04 -5.03 48.86
N PRO E 143 -13.73 -5.97 48.16
CA PRO E 143 -13.96 -7.31 48.70
C PRO E 143 -12.72 -8.18 48.54
N GLU E 144 -12.65 -9.28 49.29
CA GLU E 144 -11.69 -10.33 49.03
C GLU E 144 -11.93 -10.83 47.60
N PHE E 145 -10.83 -11.22 46.94
CA PHE E 145 -10.93 -11.76 45.59
C PHE E 145 -11.46 -13.19 45.65
N LEU E 146 -12.77 -13.37 45.45
CA LEU E 146 -13.34 -14.71 45.47
C LEU E 146 -13.40 -15.23 44.04
N PRO E 147 -12.55 -16.21 43.67
CA PRO E 147 -12.68 -16.92 42.39
C PRO E 147 -14.11 -17.02 41.86
N PRO E 148 -14.35 -16.56 40.60
CA PRO E 148 -15.69 -16.48 40.00
C PRO E 148 -16.34 -17.81 39.64
N ALA E 149 -17.34 -17.76 38.74
CA ALA E 149 -18.19 -18.91 38.45
C ALA E 149 -17.47 -19.90 37.55
N TRP E 150 -16.58 -19.39 36.69
CA TRP E 150 -16.07 -20.09 35.52
C TRP E 150 -14.57 -20.42 35.62
N ALA E 151 -14.10 -20.54 36.87
CA ALA E 151 -12.74 -20.97 37.15
C ALA E 151 -12.70 -21.40 38.61
N PRO E 152 -13.07 -22.66 38.93
CA PRO E 152 -13.06 -23.13 40.33
C PRO E 152 -11.75 -22.77 41.02
N THR E 153 -10.67 -23.47 40.64
CA THR E 153 -9.30 -23.02 40.85
C THR E 153 -8.54 -23.16 39.54
N ALA E 154 -7.23 -23.36 39.64
CA ALA E 154 -6.35 -23.16 38.50
C ALA E 154 -5.71 -24.47 38.05
N ASP E 155 -6.43 -25.60 38.20
CA ASP E 155 -6.10 -26.83 37.49
C ASP E 155 -6.98 -26.93 36.23
N THR E 156 -7.77 -25.87 36.01
CA THR E 156 -8.66 -25.69 34.88
C THR E 156 -7.90 -24.98 33.76
N ARG E 157 -8.14 -25.40 32.51
CA ARG E 157 -7.72 -24.61 31.37
C ARG E 157 -8.72 -23.47 31.17
N VAL E 158 -8.21 -22.23 31.03
CA VAL E 158 -9.01 -21.10 30.58
C VAL E 158 -8.43 -20.55 29.27
N SER E 159 -9.27 -20.49 28.23
CA SER E 159 -8.84 -19.98 26.93
C SER E 159 -9.65 -18.73 26.56
N ILE E 160 -8.96 -17.60 26.38
CA ILE E 160 -9.64 -16.34 26.22
C ILE E 160 -9.52 -15.81 24.77
N ALA E 161 -10.64 -15.34 24.23
CA ALA E 161 -10.57 -14.48 23.07
C ALA E 161 -10.99 -13.05 23.47
N LYS E 162 -10.10 -12.07 23.28
CA LYS E 162 -10.47 -10.68 23.55
C LYS E 162 -10.80 -9.96 22.24
N VAL E 163 -11.82 -9.10 22.28
CA VAL E 163 -12.13 -8.19 21.20
C VAL E 163 -12.53 -6.85 21.80
N LEU E 164 -11.96 -5.78 21.27
CA LEU E 164 -12.39 -4.43 21.60
C LEU E 164 -13.44 -4.00 20.57
N LEU E 165 -14.67 -3.77 21.02
CA LEU E 165 -15.81 -3.50 20.16
C LEU E 165 -16.22 -2.04 20.27
N PRO E 166 -16.52 -1.35 19.16
CA PRO E 166 -16.90 0.07 19.21
C PRO E 166 -18.42 0.24 19.37
N CYS E 167 -18.96 -0.34 20.44
CA CYS E 167 -20.32 -0.06 20.86
C CYS E 167 -20.48 -0.39 22.35
N ASN E 168 -21.60 0.08 22.90
CA ASN E 168 -21.94 0.09 24.32
C ASN E 168 -22.14 -1.33 24.82
N TRP E 169 -21.84 -1.53 26.10
CA TRP E 169 -21.74 -2.84 26.76
C TRP E 169 -23.08 -3.56 26.76
N ALA E 170 -24.16 -2.79 26.96
CA ALA E 170 -25.41 -3.42 27.31
C ALA E 170 -25.98 -4.19 26.11
N GLN E 171 -25.71 -3.76 24.88
CA GLN E 171 -26.22 -4.51 23.72
C GLN E 171 -25.44 -5.79 23.53
N ILE E 172 -24.14 -5.75 23.84
CA ILE E 172 -23.26 -6.91 23.70
C ILE E 172 -23.72 -7.99 24.66
N LEU E 173 -24.02 -7.60 25.91
CA LEU E 173 -24.47 -8.60 26.86
C LEU E 173 -25.82 -9.20 26.42
N GLU E 174 -26.79 -8.34 26.12
CA GLU E 174 -28.12 -8.77 25.70
C GLU E 174 -28.00 -9.93 24.70
N GLY E 175 -27.09 -9.75 23.74
CA GLY E 175 -26.86 -10.72 22.68
C GLY E 175 -26.34 -12.06 23.20
N ALA E 176 -25.70 -12.06 24.37
CA ALA E 176 -25.23 -13.30 24.96
C ALA E 176 -26.43 -14.08 25.52
N ILE E 177 -27.36 -13.33 26.13
CA ILE E 177 -28.51 -13.91 26.82
C ILE E 177 -29.70 -13.91 25.86
N ASP E 178 -29.45 -14.22 24.58
CA ASP E 178 -30.56 -14.16 23.65
C ASP E 178 -30.69 -15.51 22.97
N SER E 179 -31.65 -16.31 23.45
CA SER E 179 -31.73 -17.70 23.07
C SER E 179 -32.12 -17.86 21.61
N ALA E 180 -32.94 -16.94 21.10
CA ALA E 180 -33.58 -17.16 19.82
C ALA E 180 -32.60 -16.95 18.66
N HIS E 181 -31.64 -16.04 18.85
CA HIS E 181 -30.79 -15.56 17.78
C HIS E 181 -29.96 -16.70 17.18
N SER E 182 -29.77 -17.76 17.98
CA SER E 182 -28.88 -18.86 17.64
C SER E 182 -29.47 -19.69 16.51
N SER E 183 -30.80 -19.61 16.41
CA SER E 183 -31.61 -20.40 15.50
C SER E 183 -31.74 -19.70 14.15
N SER E 184 -31.41 -18.41 14.10
CA SER E 184 -31.36 -17.69 12.83
C SER E 184 -29.92 -17.30 12.49
N LEU E 185 -29.36 -16.29 13.18
CA LEU E 185 -28.04 -15.73 12.93
C LEU E 185 -26.94 -16.80 12.87
N HIS E 186 -26.97 -17.76 13.81
CA HIS E 186 -25.86 -18.71 13.89
C HIS E 186 -26.23 -20.04 13.22
N SER E 187 -27.21 -20.03 12.30
CA SER E 187 -27.87 -21.26 11.88
C SER E 187 -27.09 -22.06 10.83
N SER E 188 -25.91 -21.60 10.42
CA SER E 188 -25.02 -22.42 9.62
C SER E 188 -23.86 -22.96 10.47
N ASP E 189 -23.86 -22.60 11.75
CA ASP E 189 -22.72 -22.86 12.62
C ASP E 189 -23.14 -23.80 13.76
N MET E 190 -24.25 -23.47 14.44
CA MET E 190 -24.66 -24.12 15.68
C MET E 190 -25.15 -25.56 15.43
N PRO E 208 -29.61 -31.15 19.95
CA PRO E 208 -30.57 -32.11 19.41
C PRO E 208 -31.95 -31.48 19.20
N SER E 209 -31.99 -30.44 18.36
CA SER E 209 -33.22 -29.73 18.01
C SER E 209 -32.94 -28.75 16.87
N THR E 210 -33.69 -28.90 15.77
CA THR E 210 -33.77 -27.86 14.75
C THR E 210 -35.10 -27.12 14.93
N ASP E 211 -35.13 -26.33 16.02
CA ASP E 211 -36.30 -25.59 16.47
C ASP E 211 -35.92 -24.12 16.58
N LYS E 212 -36.55 -23.27 15.76
CA LYS E 212 -36.14 -21.88 15.56
C LYS E 212 -36.80 -20.96 16.60
N ALA E 213 -37.86 -21.43 17.29
CA ALA E 213 -38.67 -20.58 18.15
C ALA E 213 -38.81 -21.19 19.55
N PRO E 214 -38.19 -20.59 20.60
CA PRO E 214 -38.35 -21.07 21.97
C PRO E 214 -39.38 -20.33 22.82
N ARG E 215 -39.88 -21.01 23.86
CA ARG E 215 -40.73 -20.43 24.89
C ARG E 215 -39.88 -20.15 26.12
N MET E 216 -39.95 -18.89 26.60
CA MET E 216 -38.92 -18.35 27.48
C MET E 216 -39.45 -18.22 28.91
N GLN E 217 -38.62 -18.66 29.87
CA GLN E 217 -38.96 -18.69 31.28
C GLN E 217 -37.73 -18.31 32.11
N VAL E 218 -37.93 -17.41 33.10
CA VAL E 218 -36.85 -16.74 33.81
C VAL E 218 -37.10 -16.80 35.31
N GLN E 219 -36.05 -17.12 36.10
CA GLN E 219 -36.17 -17.13 37.55
C GLN E 219 -35.04 -16.33 38.20
N ARG E 220 -35.38 -15.13 38.72
CA ARG E 220 -34.44 -14.15 39.25
C ARG E 220 -33.78 -14.67 40.53
N THR E 221 -32.50 -14.31 40.74
CA THR E 221 -31.71 -14.63 41.93
C THR E 221 -31.02 -13.35 42.45
N GLY E 222 -30.01 -13.52 43.30
CA GLY E 222 -29.30 -12.41 43.93
C GLY E 222 -28.03 -11.99 43.20
N TYR E 223 -27.45 -12.92 42.42
CA TYR E 223 -26.26 -12.65 41.63
C TYR E 223 -26.63 -12.07 40.27
N GLY E 224 -27.91 -12.26 39.87
CA GLY E 224 -28.42 -12.00 38.54
C GLY E 224 -29.71 -12.79 38.32
N PHE E 225 -29.77 -13.60 37.26
CA PHE E 225 -30.89 -14.52 37.03
C PHE E 225 -30.42 -15.73 36.24
N ARG E 226 -31.31 -16.72 36.09
CA ARG E 226 -31.11 -17.83 35.18
C ARG E 226 -32.37 -17.99 34.34
N TYR E 227 -32.22 -18.48 33.10
CA TYR E 227 -33.37 -18.69 32.24
C TYR E 227 -33.17 -19.96 31.41
N ALA E 228 -34.27 -20.71 31.24
CA ALA E 228 -34.31 -21.89 30.39
C ALA E 228 -35.10 -21.58 29.11
N ALA E 229 -34.58 -22.05 27.97
CA ALA E 229 -35.27 -21.93 26.68
C ALA E 229 -35.72 -23.31 26.21
N LEU E 230 -36.99 -23.43 25.82
CA LEU E 230 -37.66 -24.71 25.66
C LEU E 230 -37.99 -25.00 24.20
N ARG E 231 -37.25 -25.95 23.60
CA ARG E 231 -37.36 -26.33 22.20
C ARG E 231 -37.78 -27.79 22.08
N ARG E 232 -38.37 -28.14 20.93
CA ARG E 232 -38.82 -29.49 20.65
C ARG E 232 -37.71 -30.25 19.94
N PRO E 233 -37.18 -31.36 20.51
CA PRO E 233 -36.27 -32.27 19.81
C PRO E 233 -36.92 -32.98 18.63
N LEU E 234 -36.09 -33.62 17.76
CA LEU E 234 -36.48 -34.17 16.47
C LEU E 234 -37.94 -34.60 16.49
N SER E 235 -38.23 -35.67 17.25
CA SER E 235 -39.55 -35.93 17.80
C SER E 235 -39.38 -36.49 19.21
N ASN E 236 -40.51 -36.66 19.92
CA ASN E 236 -40.54 -37.03 21.32
C ASN E 236 -40.90 -35.81 22.17
N ALA E 237 -41.38 -34.76 21.50
CA ALA E 237 -41.76 -33.51 22.15
C ALA E 237 -43.11 -33.65 22.86
N ALA E 238 -43.66 -34.88 22.84
CA ALA E 238 -44.80 -35.24 23.67
C ALA E 238 -44.37 -35.20 25.14
N GLU E 239 -43.21 -35.82 25.42
CA GLU E 239 -42.72 -36.02 26.77
C GLU E 239 -41.53 -35.08 27.04
N ASN E 240 -40.91 -34.58 25.96
CA ASN E 240 -39.59 -33.96 26.01
C ASN E 240 -39.66 -32.44 25.84
N ASP E 241 -38.76 -31.77 26.58
CA ASP E 241 -38.33 -30.40 26.33
C ASP E 241 -36.81 -30.39 26.23
N TYR E 242 -36.27 -29.74 25.18
CA TYR E 242 -34.84 -29.53 25.06
C TYR E 242 -34.47 -28.17 25.66
N VAL E 243 -33.84 -28.20 26.85
CA VAL E 243 -33.63 -27.02 27.67
C VAL E 243 -32.19 -26.51 27.51
N ARG E 244 -32.07 -25.18 27.33
CA ARG E 244 -30.80 -24.47 27.27
C ARG E 244 -30.81 -23.33 28.28
N SER E 245 -30.00 -23.47 29.34
CA SER E 245 -30.04 -22.56 30.47
C SER E 245 -28.80 -21.66 30.48
N THR E 246 -29.01 -20.40 30.06
CA THR E 246 -28.00 -19.36 30.16
C THR E 246 -28.19 -18.63 31.49
N VAL E 247 -27.15 -18.55 32.31
CA VAL E 247 -27.21 -17.76 33.53
C VAL E 247 -26.74 -16.34 33.18
N PHE E 248 -27.39 -15.34 33.79
CA PHE E 248 -26.86 -13.98 33.88
C PHE E 248 -26.22 -13.77 35.24
N VAL E 249 -24.91 -13.49 35.24
CA VAL E 249 -24.20 -13.04 36.42
C VAL E 249 -23.99 -11.54 36.27
N ALA E 250 -24.68 -10.74 37.11
CA ALA E 250 -24.65 -9.30 36.98
C ALA E 250 -23.29 -8.79 37.41
N PRO E 251 -22.86 -7.56 37.02
CA PRO E 251 -23.58 -6.75 36.01
C PRO E 251 -23.40 -7.11 34.54
N ALA E 252 -22.34 -7.86 34.19
CA ALA E 252 -21.99 -7.88 32.76
C ALA E 252 -21.56 -9.26 32.25
N THR E 253 -21.70 -10.33 33.05
CA THR E 253 -21.27 -11.64 32.62
C THR E 253 -22.46 -12.50 32.20
N ALA E 254 -22.19 -13.46 31.30
CA ALA E 254 -23.12 -14.49 30.85
C ALA E 254 -22.44 -15.85 30.83
N LEU E 255 -23.13 -16.86 31.34
CA LEU E 255 -22.61 -18.22 31.30
C LEU E 255 -23.37 -18.97 30.23
N ILE E 256 -22.73 -19.15 29.08
CA ILE E 256 -23.33 -19.72 27.88
C ILE E 256 -23.55 -21.22 28.14
N PRO E 257 -24.72 -21.79 27.76
CA PRO E 257 -24.96 -23.23 27.83
C PRO E 257 -23.77 -23.99 27.27
N PRO E 258 -23.14 -24.91 28.05
CA PRO E 258 -21.92 -25.57 27.62
C PRO E 258 -22.17 -26.47 26.42
N ASN E 259 -21.12 -27.18 25.98
CA ASN E 259 -21.23 -28.28 25.04
C ASN E 259 -20.74 -29.54 25.75
N ASN E 260 -20.64 -30.62 24.98
CA ASN E 260 -20.27 -31.94 25.48
C ASN E 260 -18.85 -31.96 26.06
N LEU E 261 -18.08 -30.88 25.90
CA LEU E 261 -16.65 -30.97 26.17
C LEU E 261 -16.23 -29.98 27.26
N TYR E 262 -16.68 -28.72 27.15
CA TYR E 262 -16.15 -27.64 27.96
C TYR E 262 -17.18 -26.52 28.10
N ASN E 263 -16.86 -25.56 28.97
CA ASN E 263 -17.80 -24.52 29.34
C ASN E 263 -17.44 -23.22 28.62
N VAL E 264 -18.44 -22.34 28.48
CA VAL E 264 -18.29 -21.12 27.70
C VAL E 264 -18.95 -19.97 28.45
N ALA E 265 -18.18 -18.91 28.75
CA ALA E 265 -18.69 -17.70 29.39
C ALA E 265 -18.22 -16.45 28.63
N ASN E 266 -19.08 -15.44 28.56
CA ASN E 266 -18.71 -14.13 28.01
C ASN E 266 -18.78 -13.14 29.15
N ILE E 267 -17.71 -12.35 29.33
CA ILE E 267 -17.77 -11.25 30.27
C ILE E 267 -17.41 -9.96 29.54
N ASN E 268 -18.20 -8.91 29.74
CA ASN E 268 -17.98 -7.67 29.03
C ASN E 268 -17.57 -6.60 30.04
N VAL E 269 -16.65 -5.73 29.62
CA VAL E 269 -16.19 -4.65 30.45
C VAL E 269 -16.35 -3.37 29.63
N PRO E 270 -17.11 -2.39 30.15
CA PRO E 270 -17.28 -1.11 29.45
C PRO E 270 -15.96 -0.31 29.51
N MET E 271 -15.39 -0.01 28.35
CA MET E 271 -14.22 0.88 28.31
C MET E 271 -14.72 2.31 28.48
N ASP E 272 -15.92 2.54 27.98
CA ASP E 272 -16.60 3.82 28.16
C ASP E 272 -18.02 3.68 27.63
N ASP E 273 -18.64 4.84 27.38
CA ASP E 273 -20.02 4.88 26.95
C ASP E 273 -20.21 4.06 25.67
N THR E 274 -19.24 4.11 24.73
CA THR E 274 -19.52 3.59 23.39
C THR E 274 -18.52 2.53 22.93
N ASN E 275 -17.78 1.92 23.86
CA ASN E 275 -16.79 0.91 23.53
C ASN E 275 -16.73 -0.13 24.65
N THR E 276 -16.39 -1.38 24.28
CA THR E 276 -16.45 -2.46 25.25
C THR E 276 -15.37 -3.50 24.97
N ALA E 277 -14.75 -4.01 26.04
CA ALA E 277 -13.87 -5.16 25.97
C ALA E 277 -14.69 -6.44 26.12
N PHE E 278 -14.85 -7.16 25.01
CA PHE E 278 -15.60 -8.40 25.03
C PHE E 278 -14.63 -9.57 25.22
N TYR E 279 -14.72 -10.25 26.38
CA TYR E 279 -13.98 -11.49 26.59
C TYR E 279 -14.90 -12.70 26.43
N PHE E 280 -14.50 -13.61 25.55
CA PHE E 280 -15.27 -14.81 25.29
C PHE E 280 -14.42 -16.00 25.71
N ILE E 281 -14.88 -16.73 26.73
CA ILE E 281 -14.02 -17.72 27.32
C ILE E 281 -14.53 -19.13 27.03
N ALA E 282 -13.60 -20.03 26.71
CA ALA E 282 -13.80 -21.47 26.85
C ALA E 282 -13.05 -21.96 28.08
N TRP E 283 -13.65 -22.89 28.83
CA TRP E 283 -12.96 -23.36 30.02
C TRP E 283 -13.38 -24.78 30.42
N GLY E 284 -12.43 -25.51 31.02
CA GLY E 284 -12.68 -26.83 31.57
C GLY E 284 -11.41 -27.65 31.81
N HIS E 285 -11.53 -28.96 31.60
CA HIS E 285 -10.43 -29.90 31.76
C HIS E 285 -9.45 -29.67 30.63
N PRO E 286 -8.15 -29.47 30.95
CA PRO E 286 -7.08 -29.50 29.94
C PRO E 286 -7.27 -30.50 28.81
N SER E 287 -7.65 -31.74 29.14
CA SER E 287 -7.80 -32.78 28.13
C SER E 287 -8.87 -32.44 27.09
N GLN E 288 -9.78 -31.49 27.39
CA GLN E 288 -11.02 -31.34 26.63
C GLN E 288 -11.28 -29.91 26.14
N THR E 289 -10.60 -28.93 26.73
CA THR E 289 -10.79 -27.52 26.40
C THR E 289 -9.70 -27.04 25.44
N PRO E 290 -10.05 -26.40 24.31
CA PRO E 290 -9.04 -25.97 23.33
C PRO E 290 -8.11 -24.92 23.93
N GLU E 291 -6.85 -24.93 23.48
CA GLU E 291 -5.86 -23.91 23.81
C GLU E 291 -6.22 -22.60 23.11
N THR E 292 -5.68 -21.49 23.65
CA THR E 292 -6.04 -20.13 23.26
C THR E 292 -6.12 -19.98 21.73
N GLU E 293 -5.06 -20.39 21.03
CA GLU E 293 -4.98 -20.16 19.60
C GLU E 293 -5.95 -21.08 18.84
N THR E 294 -6.27 -22.24 19.41
CA THR E 294 -7.30 -23.03 18.77
C THR E 294 -8.63 -22.28 18.84
N TRP E 295 -8.98 -21.87 20.07
CA TRP E 295 -10.21 -21.16 20.36
C TRP E 295 -10.33 -19.97 19.41
N ARG E 296 -9.27 -19.16 19.38
CA ARG E 296 -9.33 -17.92 18.63
C ARG E 296 -9.57 -18.21 17.15
N LYS E 297 -8.95 -19.27 16.62
CA LYS E 297 -9.03 -19.51 15.19
C LYS E 297 -10.44 -19.99 14.91
N PHE E 298 -10.94 -20.81 15.83
CA PHE E 298 -12.30 -21.30 15.73
C PHE E 298 -13.30 -20.14 15.79
N LEU E 299 -12.96 -19.06 16.50
CA LEU E 299 -13.92 -17.98 16.64
C LEU E 299 -13.65 -16.90 15.61
N ARG E 300 -12.56 -17.07 14.84
CA ARG E 300 -12.06 -16.09 13.88
C ARG E 300 -11.78 -14.78 14.60
N GLN E 301 -10.95 -14.85 15.65
CA GLN E 301 -10.58 -13.70 16.46
C GLN E 301 -9.08 -13.69 16.71
N THR E 302 -8.29 -14.14 15.71
CA THR E 302 -6.84 -14.27 15.82
C THR E 302 -6.14 -12.93 15.59
N VAL E 303 -5.34 -12.48 16.56
CA VAL E 303 -4.47 -11.33 16.40
C VAL E 303 -3.60 -11.54 15.17
N GLY E 304 -3.54 -10.53 14.29
CA GLY E 304 -2.81 -10.68 13.05
C GLY E 304 -3.68 -11.13 11.88
N VAL E 305 -4.81 -11.78 12.16
CA VAL E 305 -5.65 -12.22 11.07
C VAL E 305 -7.01 -11.54 11.12
N ASP E 306 -7.72 -11.67 12.23
CA ASP E 306 -9.06 -11.08 12.35
C ASP E 306 -9.04 -9.79 13.15
N LEU E 307 -7.96 -9.57 13.91
CA LEU E 307 -7.84 -8.45 14.83
C LEU E 307 -6.48 -7.79 14.60
N ASP E 308 -6.40 -6.50 14.87
CA ASP E 308 -5.13 -5.80 14.73
C ASP E 308 -4.38 -6.03 16.01
N GLN E 309 -3.21 -5.42 16.17
CA GLN E 309 -2.37 -5.79 17.31
C GLN E 309 -2.99 -5.32 18.63
N ASN E 310 -4.17 -4.67 18.58
CA ASN E 310 -4.81 -4.10 19.76
C ASN E 310 -6.14 -4.82 20.05
N TYR E 311 -6.33 -5.98 19.40
CA TYR E 311 -7.54 -6.76 19.53
C TYR E 311 -8.78 -5.98 19.07
N ARG E 312 -8.60 -4.97 18.19
CA ARG E 312 -9.77 -4.40 17.52
C ARG E 312 -10.02 -5.20 16.25
N PRO E 313 -11.29 -5.29 15.76
CA PRO E 313 -11.62 -6.08 14.56
C PRO E 313 -11.35 -5.43 13.21
N LEU E 314 -10.78 -6.21 12.30
CA LEU E 314 -10.55 -5.73 10.94
C LEU E 314 -11.84 -5.77 10.15
N ARG E 315 -12.76 -6.68 10.51
CA ARG E 315 -14.12 -6.63 10.01
C ARG E 315 -14.77 -5.32 10.48
N ASN E 316 -15.54 -4.65 9.64
CA ASN E 316 -16.10 -3.36 10.05
C ASN E 316 -17.21 -2.92 9.10
N GLU E 317 -17.87 -1.81 9.44
CA GLU E 317 -19.04 -1.35 8.69
C GLU E 317 -18.67 -1.06 7.22
N ALA E 318 -17.46 -0.51 7.00
CA ALA E 318 -16.96 -0.13 5.67
C ALA E 318 -16.82 -1.33 4.75
N ASN E 319 -16.47 -2.50 5.30
CA ASN E 319 -16.31 -3.71 4.49
C ASN E 319 -17.41 -4.73 4.82
N LYS E 320 -18.43 -4.30 5.56
CA LYS E 320 -19.63 -5.09 5.76
C LYS E 320 -19.30 -6.40 6.47
N PHE E 321 -18.34 -6.33 7.41
CA PHE E 321 -17.91 -7.44 8.25
C PHE E 321 -17.47 -8.63 7.39
N TRP E 322 -16.98 -8.32 6.19
CA TRP E 322 -16.45 -9.27 5.23
C TRP E 322 -17.54 -10.15 4.63
N GLN E 323 -18.79 -9.71 4.69
CA GLN E 323 -19.87 -10.58 4.25
C GLN E 323 -19.66 -11.04 2.80
N ASP E 324 -19.90 -12.34 2.55
CA ASP E 324 -19.79 -12.91 1.21
C ASP E 324 -21.19 -13.26 0.69
N ARG E 325 -21.66 -12.49 -0.30
CA ARG E 325 -23.00 -12.72 -0.83
C ARG E 325 -23.06 -14.07 -1.55
N ASN E 326 -21.93 -14.53 -2.08
CA ASN E 326 -21.95 -15.79 -2.78
C ASN E 326 -22.12 -16.93 -1.78
N ALA E 327 -21.39 -16.89 -0.65
CA ALA E 327 -21.59 -17.92 0.37
C ALA E 327 -23.05 -17.94 0.80
N MET E 328 -23.67 -16.76 0.80
CA MET E 328 -25.07 -16.66 1.20
C MET E 328 -25.96 -17.35 0.18
N LYS E 329 -25.71 -17.11 -1.11
CA LYS E 329 -26.51 -17.72 -2.17
C LYS E 329 -26.27 -19.23 -2.23
N ALA E 330 -25.05 -19.65 -1.87
CA ALA E 330 -24.64 -21.04 -1.92
C ALA E 330 -24.94 -21.74 -0.59
N GLY E 331 -25.92 -21.22 0.16
CA GLY E 331 -26.45 -21.94 1.32
C GLY E 331 -26.15 -21.28 2.66
N ASN E 332 -24.98 -20.62 2.79
CA ASN E 332 -24.51 -20.11 4.08
C ASN E 332 -25.32 -18.89 4.53
N PHE E 333 -25.79 -18.93 5.79
CA PHE E 333 -26.88 -18.07 6.23
C PHE E 333 -26.48 -16.58 6.20
N THR E 334 -25.33 -16.24 6.80
CA THR E 334 -24.93 -14.86 7.01
C THR E 334 -23.83 -14.47 6.02
N GLY E 335 -23.03 -15.45 5.59
CA GLY E 335 -21.85 -15.17 4.79
C GLY E 335 -20.76 -14.50 5.62
N ILE E 336 -20.85 -14.65 6.95
CA ILE E 336 -19.85 -14.07 7.84
C ILE E 336 -19.16 -15.18 8.61
N THR E 337 -17.82 -15.20 8.55
CA THR E 337 -17.03 -16.25 9.17
C THR E 337 -16.77 -15.98 10.66
N GLY E 338 -16.92 -17.04 11.46
CA GLY E 338 -16.74 -16.95 12.89
C GLY E 338 -17.99 -16.37 13.54
N PHE E 339 -18.57 -17.16 14.46
CA PHE E 339 -19.92 -16.87 14.93
C PHE E 339 -19.98 -15.51 15.64
N PRO E 340 -19.06 -15.17 16.57
CA PRO E 340 -19.09 -13.87 17.25
C PRO E 340 -19.10 -12.69 16.29
N ASN E 341 -18.46 -12.87 15.12
CA ASN E 341 -18.39 -11.83 14.12
C ASN E 341 -19.79 -11.65 13.52
N GLN E 342 -20.63 -12.66 13.66
CA GLN E 342 -22.00 -12.55 13.17
C GLN E 342 -22.80 -11.73 14.17
N ASP E 343 -22.55 -11.98 15.46
CA ASP E 343 -23.06 -11.14 16.53
C ASP E 343 -22.58 -9.69 16.32
N VAL E 344 -21.27 -9.50 16.12
CA VAL E 344 -20.63 -8.19 16.01
C VAL E 344 -21.28 -7.34 14.91
N ALA E 345 -21.62 -7.97 13.78
CA ALA E 345 -22.24 -7.27 12.66
C ALA E 345 -23.61 -6.72 13.07
N MET E 346 -24.37 -7.56 13.80
CA MET E 346 -25.69 -7.19 14.31
C MET E 346 -25.55 -6.11 15.39
N TRP E 347 -24.65 -6.33 16.36
CA TRP E 347 -24.45 -5.39 17.46
C TRP E 347 -24.03 -4.02 16.96
N LEU E 348 -23.05 -3.97 16.07
CA LEU E 348 -22.53 -2.66 15.70
C LEU E 348 -23.56 -1.90 14.87
N THR E 349 -24.46 -2.59 14.17
CA THR E 349 -25.40 -1.91 13.28
C THR E 349 -26.57 -1.29 14.06
N MET E 350 -26.89 -1.82 15.24
CA MET E 350 -27.86 -1.13 16.07
C MET E 350 -27.37 0.27 16.44
N GLY E 351 -26.05 0.50 16.35
CA GLY E 351 -25.48 1.81 16.65
C GLY E 351 -24.64 1.84 17.93
N PRO E 352 -23.88 2.93 18.17
CA PRO E 352 -22.92 2.98 19.28
C PRO E 352 -23.56 2.76 20.65
N ILE E 353 -24.73 3.36 20.87
CA ILE E 353 -25.61 2.95 21.96
C ILE E 353 -26.97 2.68 21.32
N ALA E 354 -27.45 1.45 21.47
CA ALA E 354 -28.69 1.04 20.81
C ALA E 354 -29.88 1.82 21.38
N ASP E 355 -30.77 2.28 20.50
CA ASP E 355 -31.92 3.07 20.91
C ASP E 355 -33.05 2.14 21.30
N ARG E 356 -33.01 1.67 22.56
CA ARG E 356 -33.95 0.69 23.08
C ARG E 356 -35.39 1.21 23.05
N THR E 357 -35.56 2.52 22.92
CA THR E 357 -36.87 3.15 22.96
C THR E 357 -37.76 2.56 21.86
N HIS E 358 -37.13 2.10 20.77
CA HIS E 358 -37.84 1.85 19.52
C HIS E 358 -37.90 0.35 19.24
N ASP E 359 -37.62 -0.47 20.28
CA ASP E 359 -37.55 -1.91 20.16
C ASP E 359 -38.95 -2.48 20.09
N ARG E 360 -39.12 -3.60 19.40
CA ARG E 360 -40.42 -4.26 19.32
C ARG E 360 -40.28 -5.69 19.80
N LEU E 361 -40.39 -5.89 21.12
CA LEU E 361 -40.01 -7.15 21.73
C LEU E 361 -41.20 -8.11 21.79
N GLY E 362 -40.91 -9.41 21.89
CA GLY E 362 -41.94 -10.44 21.87
C GLY E 362 -41.58 -11.63 22.76
N ALA E 363 -42.29 -12.74 22.56
CA ALA E 363 -42.17 -13.90 23.43
C ALA E 363 -40.72 -14.36 23.55
N SER E 364 -39.95 -14.20 22.47
CA SER E 364 -38.60 -14.73 22.38
C SER E 364 -37.58 -13.88 23.16
N ASP E 365 -37.99 -12.72 23.69
CA ASP E 365 -37.03 -11.78 24.26
C ASP E 365 -37.20 -11.63 25.77
N LEU E 366 -37.98 -12.53 26.40
CA LEU E 366 -38.24 -12.44 27.83
C LEU E 366 -36.95 -12.18 28.61
N ALA E 367 -35.86 -12.86 28.20
CA ALA E 367 -34.57 -12.80 28.85
C ALA E 367 -34.01 -11.37 28.86
N ILE E 368 -34.07 -10.71 27.70
CA ILE E 368 -33.56 -9.35 27.57
C ILE E 368 -34.37 -8.42 28.45
N VAL E 369 -35.69 -8.68 28.56
CA VAL E 369 -36.57 -7.83 29.36
C VAL E 369 -36.26 -8.02 30.85
N GLU E 370 -36.03 -9.28 31.25
CA GLU E 370 -35.65 -9.54 32.62
C GLU E 370 -34.36 -8.78 32.97
N PHE E 371 -33.39 -8.76 32.04
CA PHE E 371 -32.13 -8.09 32.29
C PHE E 371 -32.34 -6.58 32.41
N ARG E 372 -33.20 -6.03 31.54
CA ARG E 372 -33.49 -4.61 31.55
C ARG E 372 -34.02 -4.22 32.92
N LYS E 373 -35.01 -4.98 33.39
CA LYS E 373 -35.67 -4.73 34.67
C LYS E 373 -34.63 -4.87 35.79
N GLN E 374 -33.94 -6.00 35.80
CA GLN E 374 -33.08 -6.31 36.93
C GLN E 374 -32.07 -5.19 37.17
N MET E 375 -31.46 -4.67 36.08
CA MET E 375 -30.35 -3.74 36.20
C MET E 375 -30.84 -2.33 36.55
N LEU E 376 -31.98 -1.95 35.97
CA LEU E 376 -32.49 -0.62 36.24
C LEU E 376 -32.86 -0.50 37.71
N ASP E 377 -33.39 -1.59 38.28
CA ASP E 377 -33.76 -1.64 39.68
C ASP E 377 -32.51 -1.53 40.54
N ALA E 378 -31.51 -2.35 40.19
CA ALA E 378 -30.27 -2.50 40.95
C ALA E 378 -29.53 -1.17 41.03
N VAL E 379 -29.58 -0.39 39.96
CA VAL E 379 -28.80 0.84 39.90
C VAL E 379 -29.54 1.88 40.72
N LYS E 380 -30.86 1.93 40.51
CA LYS E 380 -31.75 2.74 41.32
C LYS E 380 -31.50 2.42 42.80
N ALA E 381 -31.62 1.13 43.16
CA ALA E 381 -31.35 0.65 44.51
C ALA E 381 -30.00 1.14 45.03
N PHE E 382 -28.93 0.82 44.29
CA PHE E 382 -27.58 1.14 44.71
C PHE E 382 -27.41 2.65 44.81
N GLU E 383 -28.11 3.40 43.94
CA GLU E 383 -27.98 4.84 43.91
C GLU E 383 -28.71 5.43 45.12
N GLN E 384 -29.62 4.64 45.72
CA GLN E 384 -30.28 5.04 46.95
C GLN E 384 -29.56 4.42 48.15
N GLY E 385 -28.45 3.70 47.89
CA GLY E 385 -27.52 3.32 48.95
C GLY E 385 -27.60 1.85 49.36
N ALA E 386 -28.29 1.01 48.57
CA ALA E 386 -28.26 -0.43 48.79
C ALA E 386 -26.89 -0.98 48.42
N PRO E 387 -26.49 -2.19 48.90
CA PRO E 387 -25.28 -2.84 48.42
C PRO E 387 -25.48 -3.17 46.95
N ALA E 388 -24.39 -3.12 46.16
CA ALA E 388 -24.43 -3.25 44.71
C ALA E 388 -24.73 -4.69 44.29
N ILE E 389 -25.63 -4.86 43.31
CA ILE E 389 -26.09 -6.18 42.91
C ILE E 389 -24.91 -7.14 42.70
N GLY E 390 -24.98 -8.32 43.34
CA GLY E 390 -23.96 -9.35 43.20
C GLY E 390 -22.89 -9.32 44.29
N THR E 391 -22.86 -8.29 45.13
CA THR E 391 -21.87 -8.22 46.21
C THR E 391 -22.49 -8.70 47.53
N GLY E 392 -23.31 -9.76 47.48
CA GLY E 392 -24.02 -10.31 48.63
C GLY E 392 -23.23 -11.39 49.36
N VAL E 393 -23.70 -11.80 50.56
CA VAL E 393 -22.94 -12.67 51.44
C VAL E 393 -22.82 -14.07 50.84
N ALA E 396 -21.78 -15.45 40.64
CA ALA E 396 -22.32 -16.73 41.16
C ALA E 396 -21.23 -17.44 41.97
N THR E 397 -20.91 -18.69 41.56
CA THR E 397 -19.98 -19.57 42.25
C THR E 397 -19.57 -20.71 41.31
N PRO E 398 -18.48 -21.47 41.58
CA PRO E 398 -18.02 -22.52 40.66
C PRO E 398 -18.81 -23.82 40.49
N THR E 399 -20.03 -23.91 41.05
CA THR E 399 -20.98 -24.97 40.72
C THR E 399 -22.44 -24.48 40.87
N VAL E 400 -22.70 -23.25 40.42
CA VAL E 400 -24.03 -22.77 40.07
C VAL E 400 -23.91 -22.08 38.72
N CYS E 401 -23.73 -22.89 37.66
CA CYS E 401 -23.45 -22.39 36.32
C CYS E 401 -24.54 -22.80 35.33
N SER E 402 -24.17 -22.93 34.04
CA SER E 402 -25.10 -23.14 32.93
C SER E 402 -25.33 -24.63 32.70
N PHE E 403 -26.44 -24.97 32.03
CA PHE E 403 -26.74 -26.35 31.68
C PHE E 403 -27.50 -26.46 30.36
N GLN E 404 -27.52 -27.68 29.80
CA GLN E 404 -28.41 -28.04 28.70
C GLN E 404 -28.59 -29.56 28.67
N ALA E 405 -29.87 -29.99 28.65
CA ALA E 405 -30.28 -31.38 28.68
C ALA E 405 -31.72 -31.51 28.17
N ILE E 406 -32.05 -32.67 27.61
CA ILE E 406 -33.42 -32.98 27.23
C ILE E 406 -34.17 -33.46 28.49
N VAL E 407 -34.75 -32.51 29.22
CA VAL E 407 -35.34 -32.72 30.55
C VAL E 407 -36.84 -32.97 30.42
N PRO E 408 -37.42 -33.96 31.16
CA PRO E 408 -38.83 -34.34 31.00
C PRO E 408 -39.81 -33.20 31.23
N LYS E 409 -41.06 -33.38 30.77
CA LYS E 409 -42.02 -32.31 30.54
C LYS E 409 -42.13 -31.36 31.74
N THR E 410 -42.96 -31.72 32.73
CA THR E 410 -43.09 -30.94 33.94
C THR E 410 -43.35 -31.88 35.13
N TYR E 420 -20.95 -28.61 36.42
CA TYR E 420 -20.53 -28.19 35.05
C TYR E 420 -19.88 -29.36 34.31
N VAL E 421 -19.30 -29.06 33.14
CA VAL E 421 -18.67 -30.08 32.30
C VAL E 421 -17.19 -30.18 32.66
N TRP E 422 -16.66 -31.41 32.67
CA TRP E 422 -15.25 -31.71 32.93
C TRP E 422 -14.86 -33.04 32.29
N LEU E 423 -14.37 -34.02 33.09
CA LEU E 423 -14.16 -35.40 32.66
C LEU E 423 -15.09 -36.31 33.49
N MET F 1 -0.68 -35.39 -35.16
CA MET F 1 0.21 -35.55 -33.97
C MET F 1 1.54 -34.84 -34.23
N MET F 2 2.06 -34.14 -33.22
CA MET F 2 3.00 -33.05 -33.43
C MET F 2 4.24 -33.23 -32.56
N THR F 3 5.34 -32.61 -32.99
CA THR F 3 6.62 -32.74 -32.31
C THR F 3 7.14 -31.37 -31.89
N HIS F 4 8.24 -31.38 -31.15
CA HIS F 4 8.86 -30.15 -30.66
C HIS F 4 9.20 -29.20 -31.81
N GLU F 5 9.87 -29.72 -32.85
CA GLU F 5 10.36 -28.90 -33.96
C GLU F 5 9.21 -28.29 -34.76
N GLU F 6 8.07 -29.01 -34.80
CA GLU F 6 6.84 -28.51 -35.39
C GLU F 6 6.29 -27.35 -34.57
N ASN F 7 6.37 -27.49 -33.24
CA ASN F 7 5.86 -26.51 -32.29
C ASN F 7 6.65 -25.21 -32.37
N GLU F 8 7.98 -25.30 -32.51
CA GLU F 8 8.83 -24.11 -32.62
C GLU F 8 8.60 -23.42 -33.96
N LEU F 9 8.24 -24.20 -34.99
CA LEU F 9 8.03 -23.67 -36.32
C LEU F 9 6.74 -22.84 -36.32
N LEU F 10 5.74 -23.37 -35.59
CA LEU F 10 4.41 -22.82 -35.51
C LEU F 10 4.41 -21.55 -34.68
N CYS F 11 5.24 -21.52 -33.62
CA CYS F 11 5.02 -20.63 -32.48
C CYS F 11 6.01 -19.46 -32.45
N ARG F 12 7.29 -19.73 -32.73
CA ARG F 12 8.32 -18.73 -32.51
C ARG F 12 8.25 -17.67 -33.62
N VAL F 13 8.42 -16.40 -33.24
CA VAL F 13 8.24 -15.31 -34.19
C VAL F 13 9.41 -14.33 -34.17
N GLU F 14 10.38 -14.51 -33.25
CA GLU F 14 11.38 -13.49 -33.01
C GLU F 14 12.45 -13.50 -34.11
N GLY F 15 12.66 -12.33 -34.74
CA GLY F 15 13.70 -12.06 -35.73
C GLY F 15 13.95 -13.20 -36.71
N ASP F 16 14.73 -14.17 -36.23
CA ASP F 16 15.13 -15.41 -36.90
C ASP F 16 13.93 -16.04 -37.62
N ALA F 17 12.89 -16.34 -36.83
CA ALA F 17 11.91 -17.38 -37.10
C ALA F 17 11.22 -17.22 -38.45
N PRO F 18 10.84 -18.35 -39.10
CA PRO F 18 10.08 -18.32 -40.35
C PRO F 18 8.67 -17.78 -40.13
N MET F 19 7.99 -18.29 -39.10
CA MET F 19 6.62 -17.89 -38.86
C MET F 19 6.57 -16.36 -38.78
N GLY F 20 7.64 -15.76 -38.24
CA GLY F 20 7.74 -14.32 -38.13
C GLY F 20 7.64 -13.64 -39.50
N ARG F 21 8.53 -14.03 -40.41
CA ARG F 21 8.61 -13.30 -41.68
C ARG F 21 7.37 -13.59 -42.51
N LEU F 22 6.76 -14.77 -42.34
CA LEU F 22 5.46 -15.07 -42.93
C LEU F 22 4.45 -14.04 -42.42
N MET F 23 4.54 -13.69 -41.14
CA MET F 23 3.55 -12.82 -40.57
C MET F 23 3.85 -11.38 -40.96
N ARG F 24 5.14 -11.07 -41.19
CA ARG F 24 5.51 -9.72 -41.55
C ARG F 24 5.18 -9.44 -43.02
N ARG F 25 4.49 -10.40 -43.67
CA ARG F 25 4.08 -10.21 -45.05
C ARG F 25 2.72 -9.53 -45.08
N HIS F 26 2.01 -9.57 -43.94
CA HIS F 26 0.76 -8.83 -43.80
C HIS F 26 0.98 -7.56 -42.98
N TRP F 27 0.14 -6.54 -43.25
CA TRP F 27 -0.12 -5.45 -42.33
C TRP F 27 -0.52 -6.00 -40.96
N THR F 28 0.03 -5.39 -39.89
CA THR F 28 -0.19 -5.83 -38.52
C THR F 28 -0.59 -4.65 -37.64
N PRO F 29 -1.60 -4.86 -36.75
CA PRO F 29 -1.92 -3.87 -35.72
C PRO F 29 -0.79 -3.73 -34.72
N ILE F 30 -0.55 -2.49 -34.29
CA ILE F 30 0.58 -2.16 -33.44
C ILE F 30 0.11 -1.59 -32.11
N CYS F 31 -1.03 -0.89 -32.14
CA CYS F 31 -1.60 -0.27 -30.96
C CYS F 31 -2.87 0.47 -31.37
N LEU F 32 -3.73 0.75 -30.39
CA LEU F 32 -5.00 1.42 -30.63
C LEU F 32 -4.75 2.86 -31.07
N VAL F 33 -5.70 3.41 -31.84
CA VAL F 33 -5.58 4.79 -32.28
C VAL F 33 -5.68 5.70 -31.05
N GLU F 34 -6.44 5.26 -30.05
CA GLU F 34 -6.68 6.03 -28.84
C GLU F 34 -5.37 6.31 -28.10
N GLU F 35 -4.44 5.36 -28.16
CA GLU F 35 -3.24 5.41 -27.35
C GLU F 35 -2.39 6.60 -27.76
N VAL F 36 -2.44 6.96 -29.05
CA VAL F 36 -1.43 7.85 -29.64
C VAL F 36 -1.80 9.30 -29.38
N GLY F 37 -3.08 9.52 -29.01
CA GLY F 37 -3.58 10.79 -28.53
C GLY F 37 -3.62 11.89 -29.60
N GLU F 38 -3.35 13.12 -29.15
CA GLU F 38 -3.40 14.26 -30.04
C GLU F 38 -2.14 14.30 -30.90
N PRO F 39 -2.11 15.16 -31.94
CA PRO F 39 -0.84 15.59 -32.52
C PRO F 39 0.07 16.10 -31.40
N ASP F 40 1.37 15.75 -31.44
CA ASP F 40 2.34 16.19 -30.45
C ASP F 40 2.18 15.43 -29.13
N GLY F 41 1.34 14.38 -29.16
CA GLY F 41 0.91 13.67 -27.96
C GLY F 41 2.02 12.78 -27.39
N THR F 42 1.77 12.33 -26.15
CA THR F 42 2.71 11.45 -25.48
C THR F 42 3.10 10.29 -26.40
N PRO F 43 4.41 9.97 -26.52
CA PRO F 43 4.84 8.81 -27.30
C PRO F 43 4.40 7.56 -26.55
N VAL F 44 4.23 6.47 -27.30
CA VAL F 44 3.72 5.24 -26.71
C VAL F 44 4.70 4.14 -27.05
N LYS F 45 4.84 3.20 -26.10
CA LYS F 45 5.66 2.00 -26.27
C LYS F 45 4.77 0.90 -26.85
N ALA F 46 5.28 0.23 -27.87
CA ALA F 46 4.67 -0.99 -28.36
C ALA F 46 5.78 -1.96 -28.71
N ARG F 47 5.38 -3.22 -28.92
CA ARG F 47 6.33 -4.27 -29.26
C ARG F 47 5.64 -5.29 -30.16
N ALA F 48 6.29 -5.57 -31.29
CA ALA F 48 5.85 -6.59 -32.23
C ALA F 48 7.03 -7.41 -32.70
N PHE F 49 6.80 -8.73 -32.84
CA PHE F 49 7.77 -9.67 -33.37
C PHE F 49 9.13 -9.43 -32.75
N GLY F 50 9.14 -9.07 -31.47
CA GLY F 50 10.38 -8.98 -30.72
C GLY F 50 11.12 -7.67 -30.95
N GLU F 51 10.49 -6.75 -31.69
CA GLU F 51 11.05 -5.43 -31.90
C GLU F 51 10.33 -4.42 -31.04
N ASP F 52 11.11 -3.65 -30.28
CA ASP F 52 10.57 -2.54 -29.52
C ASP F 52 10.33 -1.35 -30.46
N LEU F 53 9.13 -0.78 -30.39
CA LEU F 53 8.76 0.29 -31.30
C LEU F 53 8.28 1.50 -30.50
N VAL F 54 8.60 2.72 -31.00
CA VAL F 54 7.92 3.93 -30.56
C VAL F 54 6.73 4.22 -31.47
N VAL F 55 5.62 4.69 -30.90
CA VAL F 55 4.52 5.21 -31.69
C VAL F 55 4.21 6.65 -31.27
N PHE F 56 4.24 7.59 -32.21
CA PHE F 56 3.90 8.97 -31.90
C PHE F 56 3.13 9.60 -33.06
N ARG F 57 2.24 10.55 -32.74
CA ARG F 57 1.58 11.33 -33.77
C ARG F 57 2.27 12.68 -33.87
N ASP F 58 2.76 13.04 -35.06
CA ASP F 58 3.53 14.25 -35.25
C ASP F 58 2.60 15.48 -35.27
N SER F 59 3.17 16.65 -35.61
CA SER F 59 2.47 17.92 -35.54
C SER F 59 1.34 18.00 -36.57
N GLU F 60 1.39 17.15 -37.61
CA GLU F 60 0.47 17.22 -38.75
C GLU F 60 -0.65 16.19 -38.58
N GLY F 61 -0.49 15.30 -37.62
CA GLY F 61 -1.46 14.24 -37.40
C GLY F 61 -1.02 12.96 -38.09
N ARG F 62 0.20 12.98 -38.63
CA ARG F 62 0.78 11.80 -39.24
C ARG F 62 1.37 10.90 -38.14
N VAL F 63 1.12 9.59 -38.20
CA VAL F 63 1.47 8.64 -37.16
C VAL F 63 2.66 7.76 -37.57
N GLY F 64 3.79 7.90 -36.85
CA GLY F 64 4.97 7.10 -37.13
C GLY F 64 5.08 5.87 -36.22
N VAL F 65 5.56 4.76 -36.80
CA VAL F 65 6.02 3.63 -36.00
C VAL F 65 7.50 3.43 -36.33
N MET F 66 8.32 3.40 -35.28
CA MET F 66 9.77 3.37 -35.43
C MET F 66 10.34 2.37 -34.45
N ASP F 67 11.65 2.13 -34.55
CA ASP F 67 12.36 1.38 -33.52
C ASP F 67 12.43 2.26 -32.28
N GLU F 68 12.42 1.64 -31.10
CA GLU F 68 12.32 2.35 -29.83
C GLU F 68 13.64 3.03 -29.49
N TYR F 69 14.72 2.52 -30.04
CA TYR F 69 16.04 2.92 -29.59
C TYR F 69 16.64 3.94 -30.55
N CYS F 70 16.96 5.12 -30.01
CA CYS F 70 17.60 6.19 -30.76
C CYS F 70 18.70 5.63 -31.64
N PRO F 71 18.78 6.05 -32.92
CA PRO F 71 19.84 5.60 -33.83
C PRO F 71 21.24 6.13 -33.49
N HIS F 72 21.33 7.08 -32.54
CA HIS F 72 22.59 7.61 -32.05
C HIS F 72 23.27 6.58 -31.16
N ARG F 73 22.94 6.60 -29.86
CA ARG F 73 23.63 5.76 -28.89
C ARG F 73 22.67 4.88 -28.08
N ARG F 74 21.48 4.63 -28.66
CA ARG F 74 20.50 3.59 -28.27
C ARG F 74 19.61 3.96 -27.07
N ALA F 75 19.47 5.25 -26.70
CA ALA F 75 18.51 5.65 -25.67
C ALA F 75 17.08 5.35 -26.11
N SER F 76 16.12 5.34 -25.17
CA SER F 76 14.75 5.02 -25.56
C SER F 76 14.00 6.26 -26.02
N LEU F 77 13.54 6.23 -27.28
CA LEU F 77 12.93 7.40 -27.90
C LEU F 77 11.55 7.65 -27.29
N VAL F 78 11.07 6.68 -26.49
CA VAL F 78 9.76 6.79 -25.86
C VAL F 78 9.77 7.97 -24.90
N TYR F 79 10.95 8.31 -24.37
CA TYR F 79 11.06 9.38 -23.39
C TYR F 79 11.15 10.73 -24.09
N GLY F 80 11.30 10.71 -25.43
CA GLY F 80 11.66 11.88 -26.23
C GLY F 80 10.57 12.95 -26.27
N ARG F 81 10.88 14.08 -26.92
CA ARG F 81 9.95 15.19 -27.03
C ARG F 81 9.24 15.05 -28.38
N ASN F 82 7.91 15.11 -28.33
CA ASN F 82 7.13 14.96 -29.55
C ASN F 82 6.56 16.31 -29.94
N GLU F 83 7.33 17.04 -30.77
CA GLU F 83 6.94 18.39 -31.14
C GLU F 83 7.57 18.76 -32.49
N GLU F 84 6.89 19.66 -33.21
CA GLU F 84 7.47 20.40 -34.33
C GLU F 84 7.84 19.44 -35.45
N GLY F 85 6.88 18.58 -35.80
CA GLY F 85 7.00 17.56 -36.83
C GLY F 85 8.19 16.61 -36.60
N GLY F 86 8.28 16.04 -35.40
CA GLY F 86 9.32 15.07 -35.11
C GLY F 86 9.32 14.56 -33.67
N LEU F 87 10.37 13.80 -33.35
CA LEU F 87 10.51 13.18 -32.05
C LEU F 87 11.98 13.22 -31.65
N ARG F 88 12.28 14.04 -30.65
CA ARG F 88 13.67 14.37 -30.34
C ARG F 88 14.12 13.59 -29.11
N CYS F 89 15.09 12.70 -29.29
CA CYS F 89 15.75 11.99 -28.19
C CYS F 89 16.27 13.00 -27.14
N LEU F 90 16.09 12.67 -25.86
CA LEU F 90 16.46 13.58 -24.77
C LEU F 90 17.97 13.68 -24.60
N TYR F 91 18.73 12.67 -25.04
CA TYR F 91 20.14 12.57 -24.70
C TYR F 91 20.94 13.66 -25.43
N HIS F 92 20.94 13.63 -26.77
CA HIS F 92 21.80 14.54 -27.54
C HIS F 92 20.99 15.40 -28.52
N GLY F 93 19.66 15.25 -28.51
CA GLY F 93 18.77 16.13 -29.24
C GLY F 93 18.66 15.77 -30.72
N TRP F 94 19.05 14.55 -31.11
CA TRP F 94 18.72 14.07 -32.44
C TRP F 94 17.20 13.99 -32.54
N LYS F 95 16.65 14.41 -33.67
CA LYS F 95 15.21 14.50 -33.87
C LYS F 95 14.83 13.77 -35.17
N MET F 96 13.90 12.80 -35.07
CA MET F 96 13.48 12.01 -36.22
C MET F 96 12.04 12.38 -36.60
N ASP F 97 11.72 12.37 -37.90
CA ASP F 97 10.35 12.46 -38.41
C ASP F 97 9.76 11.06 -38.55
N VAL F 98 8.48 10.95 -38.93
CA VAL F 98 7.80 9.67 -38.85
C VAL F 98 8.42 8.62 -39.78
N ASP F 99 9.28 9.06 -40.71
CA ASP F 99 9.84 8.18 -41.72
C ASP F 99 11.31 7.90 -41.42
N GLY F 100 11.69 8.07 -40.15
CA GLY F 100 13.04 7.79 -39.68
C GLY F 100 14.12 8.69 -40.28
N ASN F 101 13.71 9.80 -40.90
CA ASN F 101 14.68 10.79 -41.34
C ASN F 101 15.11 11.59 -40.12
N VAL F 102 16.43 11.74 -39.96
CA VAL F 102 16.99 12.51 -38.87
C VAL F 102 16.91 13.99 -39.26
N LEU F 103 15.97 14.74 -38.68
CA LEU F 103 15.77 16.13 -39.05
C LEU F 103 16.93 17.01 -38.57
N GLU F 104 17.56 16.61 -37.46
CA GLU F 104 18.45 17.51 -36.76
C GLU F 104 19.37 16.68 -35.87
N MET F 105 20.54 17.25 -35.56
CA MET F 105 21.42 16.67 -34.57
C MET F 105 21.98 17.82 -33.73
N ALA F 106 21.25 18.17 -32.68
CA ALA F 106 21.40 19.45 -32.00
C ALA F 106 22.80 19.62 -31.44
N SER F 107 23.60 18.56 -31.46
CA SER F 107 24.92 18.62 -30.87
C SER F 107 25.99 18.27 -31.91
N GLU F 108 25.61 18.35 -33.19
CA GLU F 108 26.51 18.09 -34.30
C GLU F 108 26.48 19.28 -35.25
N PRO F 109 27.63 19.84 -35.69
CA PRO F 109 27.62 20.93 -36.66
C PRO F 109 26.94 20.43 -37.94
N ALA F 110 25.99 21.22 -38.46
CA ALA F 110 25.29 20.87 -39.69
C ALA F 110 26.25 21.00 -40.87
N ALA F 111 27.49 21.38 -40.55
CA ALA F 111 28.64 21.33 -41.45
C ALA F 111 29.03 19.89 -41.73
N SER F 112 28.64 19.00 -40.81
CA SER F 112 28.73 17.56 -40.97
C SER F 112 27.46 17.05 -41.66
N GLY F 113 27.65 16.32 -42.77
CA GLY F 113 26.56 15.83 -43.60
C GLY F 113 26.01 14.51 -43.08
N MET F 114 26.24 14.24 -41.80
CA MET F 114 25.67 13.14 -41.04
C MET F 114 24.16 13.36 -40.94
N VAL F 115 23.77 14.63 -40.75
CA VAL F 115 22.38 15.03 -40.65
C VAL F 115 21.61 14.41 -41.81
N ASP F 116 22.03 14.71 -43.06
CA ASP F 116 21.34 14.31 -44.27
C ASP F 116 21.41 12.79 -44.50
N LYS F 117 22.36 12.12 -43.84
CA LYS F 117 22.78 10.79 -44.29
C LYS F 117 22.72 9.75 -43.17
N VAL F 118 21.83 9.94 -42.19
CA VAL F 118 21.47 8.87 -41.27
C VAL F 118 19.97 8.59 -41.37
N LYS F 119 19.63 7.30 -41.50
CA LYS F 119 18.24 6.89 -41.58
C LYS F 119 17.91 5.98 -40.40
N HIS F 120 16.73 6.19 -39.82
CA HIS F 120 16.33 5.40 -38.68
C HIS F 120 15.26 4.40 -39.13
N THR F 121 15.30 3.20 -38.54
CA THR F 121 14.29 2.19 -38.85
C THR F 121 12.90 2.75 -38.57
N ALA F 122 12.07 2.73 -39.61
CA ALA F 122 10.70 3.16 -39.48
C ALA F 122 9.86 2.35 -40.47
N TYR F 123 8.57 2.18 -40.17
CA TYR F 123 7.70 1.35 -40.99
C TYR F 123 6.56 2.16 -41.61
N PRO F 124 6.03 1.72 -42.75
CA PRO F 124 4.84 2.37 -43.31
C PRO F 124 3.68 2.08 -42.35
N THR F 125 2.80 3.07 -42.18
CA THR F 125 1.75 2.96 -41.19
C THR F 125 0.42 3.36 -41.81
N GLN F 126 -0.67 2.94 -41.18
CA GLN F 126 -2.02 3.17 -41.66
C GLN F 126 -2.95 3.26 -40.45
N GLU F 127 -3.82 4.28 -40.43
CA GLU F 127 -4.83 4.33 -39.38
C GLU F 127 -6.15 3.78 -39.89
N TRP F 128 -6.59 2.63 -39.36
CA TRP F 128 -7.87 2.07 -39.79
C TRP F 128 -8.57 1.30 -38.67
N ALA F 129 -9.90 1.44 -38.64
CA ALA F 129 -10.79 0.67 -37.77
C ALA F 129 -10.32 0.74 -36.32
N GLY F 130 -9.84 1.93 -35.93
CA GLY F 130 -9.48 2.25 -34.56
C GLY F 130 -8.05 1.86 -34.19
N MET F 131 -7.27 1.36 -35.17
CA MET F 131 -5.95 0.85 -34.88
C MET F 131 -4.93 1.46 -35.82
N VAL F 132 -3.71 1.55 -35.32
CA VAL F 132 -2.52 1.88 -36.11
C VAL F 132 -2.00 0.57 -36.70
N TRP F 133 -1.67 0.56 -38.00
CA TRP F 133 -1.05 -0.61 -38.58
C TRP F 133 0.30 -0.25 -39.17
N ALA F 134 1.21 -1.23 -39.11
CA ALA F 134 2.51 -1.13 -39.74
C ALA F 134 2.78 -2.36 -40.63
N TYR F 135 3.51 -2.10 -41.73
CA TYR F 135 4.07 -3.16 -42.55
C TYR F 135 5.52 -3.37 -42.15
N MET F 136 5.87 -4.60 -41.78
CA MET F 136 7.18 -4.83 -41.20
C MET F 136 7.99 -5.80 -42.06
N GLY F 137 7.48 -6.09 -43.25
CA GLY F 137 8.22 -6.91 -44.19
C GLY F 137 9.28 -6.10 -44.94
N PRO F 138 9.97 -6.70 -45.93
CA PRO F 138 10.85 -5.96 -46.83
C PRO F 138 9.99 -4.95 -47.59
N LYS F 139 10.55 -3.75 -47.83
CA LYS F 139 9.78 -2.66 -48.40
C LYS F 139 9.00 -3.14 -49.62
N GLU F 140 9.69 -3.81 -50.54
CA GLU F 140 9.17 -4.04 -51.88
C GLU F 140 8.08 -5.12 -51.90
N THR F 141 7.85 -5.80 -50.77
CA THR F 141 6.76 -6.77 -50.70
C THR F 141 5.49 -6.10 -50.18
N MET F 142 5.60 -4.83 -49.77
CA MET F 142 4.46 -4.18 -49.14
C MET F 142 3.27 -4.16 -50.10
N PRO F 143 2.09 -4.72 -49.71
CA PRO F 143 0.89 -4.59 -50.52
C PRO F 143 0.20 -3.26 -50.24
N GLU F 144 -0.87 -3.00 -50.99
CA GLU F 144 -1.79 -1.91 -50.74
C GLU F 144 -2.60 -2.29 -49.50
N PHE F 145 -3.00 -1.28 -48.73
CA PHE F 145 -3.83 -1.53 -47.57
C PHE F 145 -5.29 -1.67 -48.00
N LEU F 146 -5.69 -2.90 -48.34
CA LEU F 146 -7.09 -3.16 -48.66
C LEU F 146 -7.85 -3.17 -47.34
N PRO F 147 -8.96 -2.40 -47.22
CA PRO F 147 -9.94 -2.65 -46.17
C PRO F 147 -10.12 -4.13 -45.85
N PRO F 148 -9.99 -4.53 -44.54
CA PRO F 148 -10.00 -5.93 -44.14
C PRO F 148 -11.39 -6.58 -44.05
N ALA F 149 -11.52 -7.56 -43.14
CA ALA F 149 -12.62 -8.50 -43.12
C ALA F 149 -13.75 -8.03 -42.22
N TRP F 150 -13.42 -7.20 -41.22
CA TRP F 150 -14.27 -6.92 -40.08
C TRP F 150 -14.44 -5.41 -39.84
N ALA F 151 -13.99 -4.60 -40.80
CA ALA F 151 -14.27 -3.18 -40.80
C ALA F 151 -14.59 -2.78 -42.23
N PRO F 152 -15.81 -3.09 -42.72
CA PRO F 152 -16.12 -3.02 -44.15
C PRO F 152 -15.78 -1.66 -44.75
N THR F 153 -16.38 -0.60 -44.18
CA THR F 153 -16.20 0.77 -44.64
C THR F 153 -15.98 1.70 -43.43
N ALA F 154 -16.07 3.02 -43.67
CA ALA F 154 -15.65 4.03 -42.71
C ALA F 154 -16.75 4.36 -41.71
N ASP F 155 -18.00 4.05 -42.06
CA ASP F 155 -19.15 4.38 -41.23
C ASP F 155 -19.53 3.20 -40.34
N THR F 156 -18.59 2.26 -40.14
CA THR F 156 -18.79 1.14 -39.24
C THR F 156 -18.22 1.46 -37.87
N ARG F 157 -19.06 1.31 -36.82
CA ARG F 157 -18.55 1.38 -35.46
C ARG F 157 -17.68 0.15 -35.20
N VAL F 158 -16.44 0.38 -34.76
CA VAL F 158 -15.53 -0.67 -34.36
C VAL F 158 -15.10 -0.39 -32.92
N SER F 159 -15.44 -1.32 -32.00
CA SER F 159 -15.21 -1.16 -30.57
C SER F 159 -14.19 -2.19 -30.08
N ILE F 160 -13.05 -1.70 -29.59
CA ILE F 160 -11.93 -2.59 -29.42
C ILE F 160 -11.60 -2.71 -27.93
N ALA F 161 -11.46 -3.96 -27.50
CA ALA F 161 -10.84 -4.25 -26.23
C ALA F 161 -9.44 -4.77 -26.51
N LYS F 162 -8.40 -4.04 -26.05
CA LYS F 162 -7.02 -4.52 -26.10
C LYS F 162 -6.63 -5.19 -24.78
N VAL F 163 -5.78 -6.22 -24.85
CA VAL F 163 -5.29 -6.96 -23.69
C VAL F 163 -3.94 -7.57 -24.01
N LEU F 164 -2.90 -7.21 -23.24
CA LEU F 164 -1.56 -7.76 -23.42
C LEU F 164 -1.43 -9.01 -22.54
N LEU F 165 -1.25 -10.18 -23.15
CA LEU F 165 -1.23 -11.45 -22.43
C LEU F 165 0.15 -12.09 -22.52
N PRO F 166 0.66 -12.69 -21.41
CA PRO F 166 2.02 -13.19 -21.38
C PRO F 166 1.99 -14.66 -21.75
N CYS F 167 1.55 -14.94 -22.99
CA CYS F 167 1.77 -16.21 -23.67
C CYS F 167 1.79 -16.06 -25.19
N ASN F 168 2.36 -17.08 -25.85
CA ASN F 168 2.49 -17.20 -27.30
C ASN F 168 1.11 -17.17 -27.96
N TRP F 169 1.09 -16.67 -29.20
CA TRP F 169 -0.13 -16.26 -29.90
C TRP F 169 -0.97 -17.46 -30.32
N ALA F 170 -0.30 -18.52 -30.80
CA ALA F 170 -1.02 -19.63 -31.39
C ALA F 170 -2.10 -20.17 -30.43
N GLN F 171 -1.76 -20.39 -29.16
CA GLN F 171 -2.70 -21.03 -28.26
C GLN F 171 -3.87 -20.10 -27.97
N ILE F 172 -3.68 -18.81 -28.22
CA ILE F 172 -4.74 -17.83 -28.04
C ILE F 172 -5.72 -17.91 -29.22
N LEU F 173 -5.19 -18.00 -30.44
CA LEU F 173 -6.00 -18.06 -31.64
C LEU F 173 -6.81 -19.35 -31.65
N GLU F 174 -6.13 -20.46 -31.33
CA GLU F 174 -6.76 -21.74 -31.06
C GLU F 174 -8.00 -21.56 -30.17
N GLY F 175 -7.93 -20.64 -29.21
CA GLY F 175 -9.04 -20.37 -28.31
C GLY F 175 -10.25 -19.79 -29.05
N ALA F 176 -9.99 -19.14 -30.18
CA ALA F 176 -11.02 -18.41 -30.89
C ALA F 176 -11.61 -19.24 -32.04
N ILE F 177 -11.06 -20.42 -32.33
CA ILE F 177 -11.64 -21.28 -33.36
C ILE F 177 -12.06 -22.61 -32.73
N ASP F 178 -12.76 -22.54 -31.59
CA ASP F 178 -12.90 -23.75 -30.79
C ASP F 178 -14.32 -23.83 -30.27
N SER F 179 -15.28 -24.01 -31.19
CA SER F 179 -16.68 -23.76 -30.87
C SER F 179 -17.18 -24.60 -29.69
N ALA F 180 -16.43 -25.66 -29.33
CA ALA F 180 -16.82 -26.61 -28.30
C ALA F 180 -16.72 -26.01 -26.89
N HIS F 181 -15.75 -25.12 -26.66
CA HIS F 181 -15.40 -24.69 -25.32
C HIS F 181 -16.52 -23.89 -24.63
N SER F 182 -17.35 -23.22 -25.43
CA SER F 182 -18.29 -22.25 -24.91
C SER F 182 -19.41 -22.93 -24.12
N SER F 183 -19.56 -24.24 -24.32
CA SER F 183 -20.64 -24.97 -23.67
C SER F 183 -20.16 -25.53 -22.33
N SER F 184 -18.84 -25.42 -22.10
CA SER F 184 -18.29 -25.67 -20.78
C SER F 184 -17.84 -24.35 -20.12
N LEU F 185 -16.85 -23.69 -20.70
CA LEU F 185 -16.25 -22.51 -20.08
C LEU F 185 -17.24 -21.34 -20.03
N HIS F 186 -17.84 -20.99 -21.16
CA HIS F 186 -18.71 -19.83 -21.15
C HIS F 186 -20.16 -20.27 -20.93
N SER F 187 -20.35 -21.30 -20.09
CA SER F 187 -21.65 -21.95 -19.93
C SER F 187 -22.59 -21.17 -19.01
N SER F 188 -22.03 -20.34 -18.12
CA SER F 188 -22.82 -19.46 -17.26
C SER F 188 -22.99 -18.08 -17.90
N ASP F 189 -22.32 -17.86 -19.04
CA ASP F 189 -22.24 -16.56 -19.66
C ASP F 189 -23.05 -16.52 -20.96
N MET F 190 -23.15 -17.66 -21.65
CA MET F 190 -23.96 -17.75 -22.85
C MET F 190 -25.16 -18.65 -22.57
N VAL F 191 -25.85 -18.34 -21.46
CA VAL F 191 -27.04 -19.02 -20.97
C VAL F 191 -27.98 -19.34 -22.14
N PRO F 192 -28.26 -20.64 -22.42
CA PRO F 192 -29.07 -21.02 -23.58
C PRO F 192 -30.58 -21.03 -23.29
N TRP F 205 -26.13 -12.70 -23.23
CA TRP F 205 -25.97 -13.40 -24.53
C TRP F 205 -26.78 -14.70 -24.55
N LEU F 206 -27.46 -14.93 -25.70
CA LEU F 206 -28.34 -16.07 -25.92
C LEU F 206 -27.74 -16.99 -26.99
N ARG F 207 -27.89 -18.30 -26.78
CA ARG F 207 -27.71 -19.31 -27.80
C ARG F 207 -28.97 -20.17 -27.85
N PRO F 208 -29.49 -20.52 -29.06
CA PRO F 208 -30.58 -21.50 -29.18
C PRO F 208 -30.12 -22.95 -29.31
N SER F 209 -29.45 -23.46 -28.26
CA SER F 209 -28.96 -24.84 -28.15
C SER F 209 -28.48 -25.13 -26.73
N THR F 210 -28.86 -26.32 -26.22
CA THR F 210 -28.34 -26.85 -24.97
C THR F 210 -27.26 -27.89 -25.27
N ASP F 211 -26.74 -27.84 -26.50
CA ASP F 211 -25.94 -28.88 -27.14
C ASP F 211 -24.47 -28.55 -27.04
N LYS F 212 -23.70 -29.48 -26.43
CA LYS F 212 -22.28 -29.31 -26.16
C LYS F 212 -21.43 -29.88 -27.30
N ALA F 213 -21.78 -31.10 -27.76
CA ALA F 213 -20.94 -31.86 -28.68
C ALA F 213 -21.30 -31.56 -30.13
N PRO F 214 -20.66 -30.55 -30.78
CA PRO F 214 -21.06 -30.10 -32.11
C PRO F 214 -20.24 -30.74 -33.23
N ARG F 215 -20.93 -31.38 -34.18
CA ARG F 215 -20.30 -32.05 -35.31
C ARG F 215 -19.60 -31.01 -36.18
N MET F 216 -18.28 -31.13 -36.33
CA MET F 216 -17.46 -30.12 -36.98
C MET F 216 -17.36 -30.38 -38.49
N GLN F 217 -17.03 -29.34 -39.27
CA GLN F 217 -16.85 -29.44 -40.71
C GLN F 217 -15.95 -28.31 -41.22
N VAL F 218 -14.91 -28.65 -41.99
CA VAL F 218 -13.98 -27.63 -42.45
C VAL F 218 -14.20 -27.36 -43.94
N GLN F 219 -13.42 -26.41 -44.46
CA GLN F 219 -13.28 -26.10 -45.89
C GLN F 219 -12.14 -25.10 -46.06
N ARG F 220 -11.01 -25.61 -46.60
CA ARG F 220 -9.87 -24.77 -46.97
C ARG F 220 -10.34 -23.60 -47.84
N THR F 221 -9.59 -22.50 -47.78
CA THR F 221 -9.67 -21.42 -48.76
C THR F 221 -8.24 -20.96 -49.10
N GLY F 222 -8.10 -19.75 -49.65
CA GLY F 222 -6.79 -19.25 -50.03
C GLY F 222 -6.21 -18.33 -48.96
N TYR F 223 -7.09 -17.81 -48.10
CA TYR F 223 -6.74 -16.84 -47.07
C TYR F 223 -6.70 -17.52 -45.70
N GLY F 224 -7.30 -18.73 -45.62
CA GLY F 224 -7.43 -19.50 -44.40
C GLY F 224 -8.39 -20.68 -44.57
N PHE F 225 -9.36 -20.81 -43.65
CA PHE F 225 -10.44 -21.77 -43.80
C PHE F 225 -11.71 -21.24 -43.13
N ARG F 226 -12.87 -21.61 -43.69
CA ARG F 226 -14.13 -21.45 -42.98
C ARG F 226 -14.46 -22.81 -42.40
N TYR F 227 -14.96 -22.82 -41.16
CA TYR F 227 -15.44 -24.02 -40.50
C TYR F 227 -16.83 -23.77 -39.90
N ALA F 228 -17.60 -24.84 -39.68
CA ALA F 228 -18.90 -24.74 -39.05
C ALA F 228 -19.08 -25.83 -37.99
N ALA F 229 -20.01 -25.57 -37.07
CA ALA F 229 -20.30 -26.42 -35.93
C ALA F 229 -21.80 -26.68 -35.91
N LEU F 230 -22.18 -27.90 -36.30
CA LEU F 230 -23.58 -28.26 -36.41
C LEU F 230 -24.09 -28.79 -35.07
N ARG F 231 -25.13 -28.12 -34.54
CA ARG F 231 -25.69 -28.36 -33.22
C ARG F 231 -27.16 -28.71 -33.36
N ARG F 232 -27.64 -29.59 -32.46
CA ARG F 232 -29.06 -29.89 -32.38
C ARG F 232 -29.80 -28.67 -31.85
N PRO F 233 -30.81 -28.15 -32.58
CA PRO F 233 -31.67 -27.10 -32.04
C PRO F 233 -32.61 -27.66 -30.95
N LEU F 234 -33.05 -26.76 -30.05
CA LEU F 234 -34.11 -27.03 -29.09
C LEU F 234 -35.44 -27.13 -29.84
N SER F 235 -35.37 -27.00 -31.17
CA SER F 235 -36.53 -26.90 -32.03
C SER F 235 -36.24 -27.52 -33.40
N ASN F 236 -36.91 -28.65 -33.69
CA ASN F 236 -36.83 -29.37 -34.95
C ASN F 236 -35.49 -30.10 -35.08
N ALA F 237 -35.15 -30.89 -34.06
CA ALA F 237 -33.95 -31.71 -34.06
C ALA F 237 -34.01 -32.69 -35.23
N ALA F 238 -35.24 -32.94 -35.71
CA ALA F 238 -35.55 -33.94 -36.71
C ALA F 238 -34.85 -33.64 -38.04
N GLU F 239 -34.93 -32.39 -38.53
CA GLU F 239 -34.50 -32.09 -39.89
C GLU F 239 -33.86 -30.70 -39.98
N ASN F 240 -33.47 -30.13 -38.82
CA ASN F 240 -32.85 -28.81 -38.82
C ASN F 240 -31.50 -28.81 -38.11
N ASP F 241 -30.54 -28.10 -38.74
CA ASP F 241 -29.20 -27.87 -38.20
C ASP F 241 -29.11 -26.43 -37.71
N TYR F 242 -28.32 -26.21 -36.65
CA TYR F 242 -27.97 -24.87 -36.19
C TYR F 242 -26.48 -24.65 -36.43
N VAL F 243 -26.19 -23.89 -37.51
CA VAL F 243 -24.84 -23.66 -38.00
C VAL F 243 -24.21 -22.53 -37.17
N ARG F 244 -22.95 -22.74 -36.76
CA ARG F 244 -22.14 -21.69 -36.15
C ARG F 244 -20.80 -21.61 -36.86
N SER F 245 -20.68 -20.63 -37.76
CA SER F 245 -19.56 -20.58 -38.69
C SER F 245 -18.48 -19.62 -38.17
N THR F 246 -17.25 -20.13 -38.00
CA THR F 246 -16.09 -19.30 -37.76
C THR F 246 -15.25 -19.18 -39.03
N VAL F 247 -14.60 -18.05 -39.21
CA VAL F 247 -13.59 -17.94 -40.26
C VAL F 247 -12.25 -17.81 -39.54
N PHE F 248 -11.26 -18.59 -40.00
CA PHE F 248 -9.88 -18.33 -39.64
C PHE F 248 -9.22 -17.56 -40.78
N VAL F 249 -8.83 -16.32 -40.52
CA VAL F 249 -8.09 -15.60 -41.53
C VAL F 249 -6.63 -15.65 -41.13
N ALA F 250 -5.83 -16.45 -41.82
CA ALA F 250 -4.41 -16.48 -41.51
C ALA F 250 -3.79 -15.10 -41.68
N PRO F 251 -2.72 -14.74 -40.93
CA PRO F 251 -2.12 -15.63 -39.93
C PRO F 251 -2.85 -15.85 -38.61
N ALA F 252 -3.47 -14.79 -38.03
CA ALA F 252 -3.82 -14.86 -36.62
C ALA F 252 -5.12 -14.13 -36.30
N THR F 253 -6.13 -14.33 -37.14
CA THR F 253 -7.39 -13.62 -37.04
C THR F 253 -8.52 -14.64 -37.02
N ALA F 254 -9.61 -14.27 -36.34
CA ALA F 254 -10.75 -15.16 -36.26
C ALA F 254 -12.03 -14.32 -36.28
N LEU F 255 -12.89 -14.63 -37.27
CA LEU F 255 -14.22 -14.06 -37.32
C LEU F 255 -15.16 -15.01 -36.60
N ILE F 256 -15.57 -14.59 -35.39
CA ILE F 256 -16.35 -15.34 -34.44
C ILE F 256 -17.81 -15.24 -34.90
N PRO F 257 -18.69 -16.20 -34.53
CA PRO F 257 -20.09 -16.14 -34.90
C PRO F 257 -20.77 -14.90 -34.33
N PRO F 258 -21.25 -13.99 -35.20
CA PRO F 258 -21.81 -12.72 -34.75
C PRO F 258 -23.20 -13.01 -34.19
N ASN F 259 -23.58 -12.28 -33.13
CA ASN F 259 -24.90 -12.41 -32.54
C ASN F 259 -25.89 -11.57 -33.35
N ASN F 260 -27.08 -11.29 -32.78
CA ASN F 260 -28.15 -10.72 -33.58
C ASN F 260 -27.88 -9.26 -33.99
N LEU F 261 -27.03 -8.54 -33.26
CA LEU F 261 -26.95 -7.10 -33.49
C LEU F 261 -25.64 -6.66 -34.15
N TYR F 262 -24.52 -7.32 -33.80
CA TYR F 262 -23.20 -6.92 -34.30
C TYR F 262 -22.33 -8.14 -34.56
N ASN F 263 -21.19 -7.89 -35.22
CA ASN F 263 -20.17 -8.89 -35.53
C ASN F 263 -19.05 -8.79 -34.52
N VAL F 264 -18.33 -9.91 -34.33
CA VAL F 264 -17.25 -10.09 -33.37
C VAL F 264 -16.02 -10.59 -34.13
N ALA F 265 -14.88 -9.92 -33.94
CA ALA F 265 -13.66 -10.42 -34.54
C ALA F 265 -12.56 -10.49 -33.48
N ASN F 266 -11.59 -11.37 -33.69
CA ASN F 266 -10.38 -11.41 -32.88
C ASN F 266 -9.17 -11.37 -33.80
N ILE F 267 -8.16 -10.55 -33.47
CA ILE F 267 -6.91 -10.56 -34.20
C ILE F 267 -5.75 -10.44 -33.22
N ASN F 268 -4.74 -11.31 -33.36
CA ASN F 268 -3.67 -11.44 -32.39
C ASN F 268 -2.34 -11.13 -33.09
N VAL F 269 -1.63 -10.12 -32.54
CA VAL F 269 -0.28 -9.75 -32.92
C VAL F 269 0.65 -10.29 -31.85
N PRO F 270 1.59 -11.20 -32.19
CA PRO F 270 2.55 -11.70 -31.21
C PRO F 270 3.53 -10.58 -30.88
N MET F 271 3.66 -10.27 -29.60
CA MET F 271 4.63 -9.26 -29.19
C MET F 271 6.02 -9.88 -29.24
N ASP F 272 6.08 -11.17 -28.87
CA ASP F 272 7.26 -11.97 -29.09
C ASP F 272 6.83 -13.43 -28.92
N ASP F 273 7.79 -14.29 -28.55
CA ASP F 273 7.59 -15.72 -28.48
C ASP F 273 6.62 -16.10 -27.35
N THR F 274 6.47 -15.21 -26.37
CA THR F 274 5.76 -15.59 -25.16
C THR F 274 4.80 -14.48 -24.68
N ASN F 275 4.57 -13.46 -25.51
CA ASN F 275 3.56 -12.44 -25.21
C ASN F 275 2.84 -12.00 -26.48
N THR F 276 1.57 -11.62 -26.29
CA THR F 276 0.67 -11.39 -27.40
C THR F 276 -0.30 -10.26 -27.09
N ALA F 277 -0.40 -9.30 -28.02
CA ALA F 277 -1.49 -8.35 -28.06
C ALA F 277 -2.73 -9.05 -28.62
N PHE F 278 -3.81 -8.99 -27.85
CA PHE F 278 -5.08 -9.62 -28.16
C PHE F 278 -6.12 -8.51 -28.30
N TYR F 279 -6.64 -8.38 -29.52
CA TYR F 279 -7.67 -7.41 -29.86
C TYR F 279 -9.00 -8.14 -30.09
N PHE F 280 -9.98 -7.88 -29.23
CA PHE F 280 -11.31 -8.46 -29.30
C PHE F 280 -12.32 -7.37 -29.69
N ILE F 281 -12.92 -7.51 -30.87
CA ILE F 281 -13.54 -6.38 -31.57
C ILE F 281 -15.04 -6.64 -31.73
N ALA F 282 -15.86 -5.66 -31.37
CA ALA F 282 -17.26 -5.62 -31.77
C ALA F 282 -17.40 -4.55 -32.84
N TRP F 283 -17.99 -4.96 -33.98
CA TRP F 283 -18.17 -4.08 -35.11
C TRP F 283 -19.56 -4.29 -35.71
N GLY F 284 -20.10 -3.21 -36.27
CA GLY F 284 -21.36 -3.24 -37.02
C GLY F 284 -21.95 -1.84 -37.24
N HIS F 285 -23.29 -1.79 -37.27
CA HIS F 285 -23.95 -0.53 -37.54
C HIS F 285 -23.92 0.33 -36.29
N PRO F 286 -23.37 1.55 -36.40
CA PRO F 286 -23.36 2.53 -35.30
C PRO F 286 -24.46 2.38 -34.26
N SER F 287 -25.71 2.19 -34.72
CA SER F 287 -26.85 2.13 -33.81
C SER F 287 -26.94 0.79 -33.08
N GLN F 288 -26.23 -0.23 -33.59
CA GLN F 288 -26.45 -1.59 -33.12
C GLN F 288 -25.26 -2.08 -32.29
N THR F 289 -24.07 -1.54 -32.57
CA THR F 289 -22.81 -1.94 -31.94
C THR F 289 -22.57 -1.13 -30.67
N PRO F 290 -22.22 -1.77 -29.51
CA PRO F 290 -21.91 -1.03 -28.29
C PRO F 290 -20.62 -0.24 -28.42
N GLU F 291 -20.52 0.84 -27.61
CA GLU F 291 -19.34 1.70 -27.61
C GLU F 291 -18.20 1.01 -26.86
N THR F 292 -17.01 1.55 -27.05
CA THR F 292 -15.76 0.99 -26.51
C THR F 292 -15.90 0.62 -25.03
N GLU F 293 -16.31 1.59 -24.21
CA GLU F 293 -16.37 1.37 -22.78
C GLU F 293 -17.46 0.35 -22.45
N THR F 294 -18.59 0.38 -23.18
CA THR F 294 -19.66 -0.51 -22.77
C THR F 294 -19.25 -1.95 -23.03
N TRP F 295 -18.51 -2.11 -24.13
CA TRP F 295 -17.95 -3.37 -24.59
C TRP F 295 -16.93 -3.85 -23.56
N ARG F 296 -16.06 -2.94 -23.10
CA ARG F 296 -14.97 -3.32 -22.21
C ARG F 296 -15.55 -3.68 -20.85
N LYS F 297 -16.58 -2.90 -20.46
CA LYS F 297 -17.29 -3.24 -19.23
C LYS F 297 -17.79 -4.66 -19.42
N PHE F 298 -18.59 -4.87 -20.46
CA PHE F 298 -19.20 -6.17 -20.65
C PHE F 298 -18.15 -7.26 -20.47
N LEU F 299 -17.01 -7.08 -21.17
CA LEU F 299 -16.00 -8.12 -21.31
C LEU F 299 -15.14 -8.19 -20.05
N ARG F 300 -15.29 -7.20 -19.17
CA ARG F 300 -14.45 -6.97 -18.00
C ARG F 300 -13.01 -6.77 -18.42
N GLN F 301 -12.76 -5.77 -19.26
CA GLN F 301 -11.41 -5.42 -19.66
C GLN F 301 -11.25 -3.91 -19.63
N THR F 302 -11.74 -3.28 -18.56
CA THR F 302 -11.65 -1.83 -18.42
C THR F 302 -10.30 -1.42 -17.84
N VAL F 303 -9.62 -0.52 -18.54
CA VAL F 303 -8.40 0.07 -18.06
C VAL F 303 -8.65 0.78 -16.73
N GLY F 304 -7.85 0.44 -15.71
CA GLY F 304 -8.03 1.03 -14.39
C GLY F 304 -8.92 0.22 -13.46
N VAL F 305 -9.65 -0.80 -13.99
CA VAL F 305 -10.50 -1.65 -13.18
C VAL F 305 -10.05 -3.10 -13.27
N ASP F 306 -9.91 -3.61 -14.51
CA ASP F 306 -9.50 -4.98 -14.74
C ASP F 306 -8.09 -5.03 -15.32
N LEU F 307 -7.62 -3.90 -15.89
CA LEU F 307 -6.27 -3.84 -16.43
C LEU F 307 -5.57 -2.55 -15.98
N ASP F 308 -4.24 -2.61 -15.96
CA ASP F 308 -3.43 -1.43 -15.69
C ASP F 308 -3.33 -0.58 -16.97
N GLN F 309 -2.60 0.53 -16.86
CA GLN F 309 -2.46 1.55 -17.88
C GLN F 309 -1.85 1.02 -19.18
N ASN F 310 -1.32 -0.22 -19.19
CA ASN F 310 -0.63 -0.76 -20.35
C ASN F 310 -1.46 -1.85 -21.00
N TYR F 311 -2.72 -1.91 -20.58
CA TYR F 311 -3.66 -2.94 -20.95
C TYR F 311 -3.16 -4.32 -20.53
N ARG F 312 -2.36 -4.41 -19.45
CA ARG F 312 -2.00 -5.69 -18.88
C ARG F 312 -3.04 -6.08 -17.83
N PRO F 313 -3.45 -7.36 -17.74
CA PRO F 313 -4.49 -7.79 -16.80
C PRO F 313 -4.04 -7.85 -15.34
N LEU F 314 -4.94 -7.45 -14.44
CA LEU F 314 -4.67 -7.54 -13.01
C LEU F 314 -4.95 -8.94 -12.49
N ARG F 315 -5.86 -9.65 -13.17
CA ARG F 315 -6.11 -11.05 -12.91
C ARG F 315 -4.87 -11.85 -13.32
N ASN F 316 -4.47 -12.80 -12.48
CA ASN F 316 -3.27 -13.55 -12.83
C ASN F 316 -3.21 -14.86 -12.04
N GLU F 317 -2.14 -15.62 -12.29
CA GLU F 317 -1.98 -16.93 -11.68
C GLU F 317 -1.90 -16.74 -10.18
N ALA F 318 -1.15 -15.71 -9.79
CA ALA F 318 -0.87 -15.45 -8.39
C ALA F 318 -2.18 -15.30 -7.62
N ASN F 319 -3.18 -14.63 -8.21
CA ASN F 319 -4.45 -14.38 -7.55
C ASN F 319 -5.56 -15.29 -8.08
N LYS F 320 -5.20 -16.30 -8.88
CA LYS F 320 -6.18 -17.28 -9.34
C LYS F 320 -7.27 -16.61 -10.19
N PHE F 321 -6.90 -15.49 -10.83
CA PHE F 321 -7.76 -14.73 -11.73
C PHE F 321 -9.03 -14.29 -11.03
N TRP F 322 -8.92 -14.01 -9.74
CA TRP F 322 -10.07 -13.63 -8.94
C TRP F 322 -11.15 -14.69 -8.98
N GLN F 323 -10.78 -15.95 -9.23
CA GLN F 323 -11.74 -17.04 -9.11
C GLN F 323 -12.43 -16.98 -7.74
N ASP F 324 -13.75 -17.02 -7.77
CA ASP F 324 -14.53 -16.96 -6.55
C ASP F 324 -15.13 -18.34 -6.29
N ARG F 325 -14.62 -19.03 -5.27
CA ARG F 325 -15.05 -20.40 -5.01
C ARG F 325 -16.51 -20.46 -4.55
N ASN F 326 -16.91 -19.49 -3.75
CA ASN F 326 -18.28 -19.41 -3.27
C ASN F 326 -19.28 -19.21 -4.41
N ALA F 327 -18.91 -18.34 -5.38
CA ALA F 327 -19.71 -18.11 -6.57
C ALA F 327 -19.90 -19.40 -7.38
N MET F 328 -18.88 -20.26 -7.39
CA MET F 328 -18.92 -21.47 -8.18
C MET F 328 -19.81 -22.50 -7.49
N LYS F 329 -19.82 -22.47 -6.16
CA LYS F 329 -20.72 -23.33 -5.39
C LYS F 329 -22.17 -22.85 -5.55
N ALA F 330 -22.35 -21.63 -6.07
CA ALA F 330 -23.66 -21.06 -6.29
C ALA F 330 -24.19 -21.41 -7.68
N GLY F 331 -23.36 -22.09 -8.47
CA GLY F 331 -23.79 -22.59 -9.77
C GLY F 331 -23.17 -21.80 -10.91
N ASN F 332 -22.27 -20.89 -10.58
CA ASN F 332 -21.54 -20.19 -11.62
C ASN F 332 -20.48 -21.15 -12.13
N PHE F 333 -20.34 -21.27 -13.46
CA PHE F 333 -19.49 -22.36 -13.95
C PHE F 333 -18.03 -22.13 -13.55
N THR F 334 -17.47 -21.00 -14.00
CA THR F 334 -16.03 -20.76 -13.96
C THR F 334 -15.64 -20.05 -12.67
N GLY F 335 -16.59 -19.31 -12.09
CA GLY F 335 -16.32 -18.45 -10.95
C GLY F 335 -15.40 -17.27 -11.31
N ILE F 336 -15.30 -16.99 -12.61
CA ILE F 336 -14.48 -15.91 -13.13
C ILE F 336 -15.39 -14.96 -13.89
N THR F 337 -15.07 -13.66 -13.82
CA THR F 337 -15.95 -12.65 -14.41
C THR F 337 -15.36 -12.14 -15.72
N GLY F 338 -16.21 -12.15 -16.77
CA GLY F 338 -15.84 -11.69 -18.10
C GLY F 338 -15.33 -12.83 -18.98
N PHE F 339 -16.04 -13.11 -20.08
CA PHE F 339 -15.77 -14.36 -20.76
C PHE F 339 -14.31 -14.42 -21.23
N PRO F 340 -13.69 -13.36 -21.79
CA PRO F 340 -12.30 -13.47 -22.22
C PRO F 340 -11.41 -13.86 -21.04
N ASN F 341 -11.75 -13.37 -19.84
CA ASN F 341 -10.98 -13.68 -18.64
C ASN F 341 -11.06 -15.17 -18.33
N GLN F 342 -12.16 -15.83 -18.71
CA GLN F 342 -12.24 -17.26 -18.52
C GLN F 342 -11.28 -17.94 -19.52
N ASP F 343 -11.25 -17.43 -20.74
CA ASP F 343 -10.33 -17.96 -21.73
C ASP F 343 -8.91 -17.81 -21.20
N VAL F 344 -8.62 -16.64 -20.61
CA VAL F 344 -7.28 -16.26 -20.23
C VAL F 344 -6.77 -17.19 -19.13
N ALA F 345 -7.63 -17.44 -18.14
CA ALA F 345 -7.32 -18.36 -17.06
C ALA F 345 -6.76 -19.67 -17.63
N MET F 346 -7.41 -20.19 -18.69
CA MET F 346 -7.01 -21.46 -19.30
C MET F 346 -5.74 -21.28 -20.12
N TRP F 347 -5.71 -20.27 -20.99
CA TRP F 347 -4.66 -20.11 -21.98
C TRP F 347 -3.31 -19.91 -21.27
N LEU F 348 -3.36 -19.27 -20.10
CA LEU F 348 -2.11 -18.92 -19.45
C LEU F 348 -1.58 -20.10 -18.64
N THR F 349 -2.49 -20.87 -18.04
CA THR F 349 -2.07 -22.03 -17.24
C THR F 349 -1.41 -23.09 -18.14
N MET F 350 -1.70 -23.04 -19.44
CA MET F 350 -1.06 -23.94 -20.39
C MET F 350 0.42 -23.60 -20.51
N GLY F 351 0.83 -22.45 -19.96
CA GLY F 351 2.25 -22.10 -19.92
C GLY F 351 2.67 -21.22 -21.09
N PRO F 352 3.82 -20.50 -20.97
CA PRO F 352 4.15 -19.46 -21.94
C PRO F 352 3.97 -19.92 -23.39
N ILE F 353 4.44 -21.13 -23.68
CA ILE F 353 4.18 -21.72 -24.98
C ILE F 353 3.58 -23.09 -24.71
N ALA F 354 2.31 -23.28 -25.09
CA ALA F 354 1.63 -24.55 -24.88
C ALA F 354 2.39 -25.67 -25.59
N ASP F 355 2.55 -26.78 -24.88
CA ASP F 355 3.22 -27.96 -25.44
C ASP F 355 2.16 -28.84 -26.09
N ARG F 356 2.05 -28.67 -27.42
CA ARG F 356 1.06 -29.39 -28.21
C ARG F 356 1.45 -30.87 -28.31
N THR F 357 2.65 -31.20 -27.82
CA THR F 357 3.28 -32.51 -27.86
C THR F 357 2.59 -33.48 -26.91
N HIS F 358 1.70 -32.98 -26.06
CA HIS F 358 1.07 -33.81 -25.04
C HIS F 358 -0.45 -33.73 -25.16
N ASP F 359 -0.92 -33.16 -26.27
CA ASP F 359 -2.35 -32.93 -26.47
C ASP F 359 -3.04 -34.26 -26.78
N ARG F 360 -4.18 -34.49 -26.13
CA ARG F 360 -5.02 -35.64 -26.42
C ARG F 360 -6.32 -35.15 -27.06
N LEU F 361 -6.22 -34.82 -28.35
CA LEU F 361 -7.24 -34.12 -29.12
C LEU F 361 -8.34 -35.07 -29.56
N GLY F 362 -9.47 -34.49 -29.99
CA GLY F 362 -10.69 -35.25 -30.28
C GLY F 362 -11.47 -34.67 -31.46
N ALA F 363 -12.70 -35.19 -31.63
CA ALA F 363 -13.47 -34.87 -32.83
C ALA F 363 -13.96 -33.43 -32.77
N SER F 364 -14.01 -32.88 -31.54
CA SER F 364 -14.47 -31.52 -31.35
C SER F 364 -13.32 -30.54 -31.51
N ASP F 365 -12.11 -31.05 -31.80
CA ASP F 365 -10.93 -30.20 -31.92
C ASP F 365 -10.46 -30.12 -33.37
N LEU F 366 -11.34 -30.50 -34.31
CA LEU F 366 -11.04 -30.53 -35.73
C LEU F 366 -10.51 -29.18 -36.19
N ALA F 367 -11.18 -28.13 -35.71
CA ALA F 367 -10.90 -26.76 -36.07
C ALA F 367 -9.42 -26.47 -35.82
N ILE F 368 -9.01 -26.78 -34.59
CA ILE F 368 -7.66 -26.58 -34.08
C ILE F 368 -6.64 -27.40 -34.88
N VAL F 369 -7.04 -28.65 -35.23
CA VAL F 369 -6.19 -29.55 -35.99
C VAL F 369 -5.96 -28.96 -37.38
N GLU F 370 -7.05 -28.48 -38.02
CA GLU F 370 -6.93 -27.90 -39.35
C GLU F 370 -6.00 -26.69 -39.28
N PHE F 371 -6.21 -25.86 -38.25
CA PHE F 371 -5.37 -24.70 -38.03
C PHE F 371 -3.90 -25.11 -38.01
N ARG F 372 -3.60 -26.20 -37.31
CA ARG F 372 -2.22 -26.61 -37.13
C ARG F 372 -1.65 -27.05 -38.48
N LYS F 373 -2.41 -27.91 -39.19
CA LYS F 373 -2.03 -28.47 -40.49
C LYS F 373 -1.63 -27.33 -41.41
N GLN F 374 -2.51 -26.32 -41.45
CA GLN F 374 -2.44 -25.28 -42.46
C GLN F 374 -1.19 -24.42 -42.26
N MET F 375 -0.98 -23.97 -41.02
CA MET F 375 0.04 -22.99 -40.70
C MET F 375 1.41 -23.66 -40.71
N LEU F 376 1.44 -24.92 -40.25
CA LEU F 376 2.62 -25.75 -40.38
C LEU F 376 2.93 -25.97 -41.85
N ASP F 377 1.87 -26.17 -42.66
CA ASP F 377 2.13 -26.38 -44.06
C ASP F 377 2.49 -25.06 -44.75
N ALA F 378 1.81 -23.97 -44.38
CA ALA F 378 2.06 -22.72 -45.07
C ALA F 378 3.39 -22.09 -44.63
N VAL F 379 3.90 -22.47 -43.45
CA VAL F 379 5.15 -21.88 -42.99
C VAL F 379 6.34 -22.55 -43.69
N LYS F 380 6.23 -23.87 -43.95
CA LYS F 380 7.28 -24.60 -44.64
C LYS F 380 7.33 -24.19 -46.10
N ALA F 381 6.14 -23.96 -46.66
CA ALA F 381 5.96 -23.45 -48.02
C ALA F 381 6.62 -22.09 -48.19
N PHE F 382 6.46 -21.21 -47.19
CA PHE F 382 7.05 -19.87 -47.19
C PHE F 382 8.55 -19.96 -46.90
N GLU F 383 8.92 -20.87 -46.01
CA GLU F 383 10.31 -21.13 -45.66
C GLU F 383 11.04 -21.60 -46.90
N GLN F 384 10.27 -21.91 -47.96
CA GLN F 384 10.78 -22.44 -49.22
C GLN F 384 10.80 -21.37 -50.30
N GLY F 385 9.94 -20.35 -50.19
CA GLY F 385 9.99 -19.20 -51.08
C GLY F 385 8.70 -19.00 -51.88
N ALA F 386 7.65 -19.75 -51.52
CA ALA F 386 6.32 -19.54 -52.07
C ALA F 386 5.72 -18.27 -51.47
N PRO F 387 4.82 -17.55 -52.18
CA PRO F 387 4.03 -16.50 -51.54
C PRO F 387 3.45 -16.99 -50.21
N ALA F 388 3.54 -16.15 -49.18
CA ALA F 388 3.05 -16.44 -47.84
C ALA F 388 1.52 -16.61 -47.88
N ILE F 389 0.99 -17.49 -47.02
CA ILE F 389 -0.44 -17.77 -46.98
C ILE F 389 -1.21 -16.48 -46.65
N GLY F 390 -2.29 -16.23 -47.40
CA GLY F 390 -3.08 -15.02 -47.24
C GLY F 390 -2.70 -13.92 -48.23
N THR F 391 -1.45 -13.94 -48.71
CA THR F 391 -0.96 -12.98 -49.69
C THR F 391 -1.20 -13.49 -51.11
N GLY F 392 -0.74 -12.72 -52.10
CA GLY F 392 -1.21 -12.87 -53.46
C GLY F 392 -2.51 -12.11 -53.66
N VAL F 393 -3.39 -12.61 -54.54
CA VAL F 393 -4.70 -12.01 -54.73
C VAL F 393 -5.74 -12.85 -53.97
N GLU F 394 -5.65 -12.80 -52.64
CA GLU F 394 -6.46 -13.59 -51.74
C GLU F 394 -6.90 -12.72 -50.54
N THR F 397 -12.22 -9.63 -48.54
CA THR F 397 -12.43 -8.58 -47.51
C THR F 397 -13.75 -8.83 -46.78
N PRO F 398 -14.64 -7.82 -46.58
CA PRO F 398 -15.84 -7.99 -45.75
C PRO F 398 -16.96 -8.87 -46.33
N THR F 399 -16.72 -9.50 -47.49
CA THR F 399 -17.74 -10.32 -48.12
C THR F 399 -17.80 -11.70 -47.47
N VAL F 400 -16.64 -12.33 -47.24
CA VAL F 400 -16.59 -13.58 -46.48
C VAL F 400 -16.52 -13.26 -44.98
N CYS F 401 -17.44 -13.89 -44.24
CA CYS F 401 -17.72 -13.54 -42.86
C CYS F 401 -18.24 -14.76 -42.12
N SER F 402 -18.32 -14.63 -40.79
CA SER F 402 -19.01 -15.58 -39.94
C SER F 402 -20.52 -15.37 -40.11
N PHE F 403 -21.30 -16.38 -39.72
CA PHE F 403 -22.75 -16.26 -39.69
C PHE F 403 -23.30 -17.26 -38.67
N GLN F 404 -24.60 -17.15 -38.37
CA GLN F 404 -25.31 -18.17 -37.62
C GLN F 404 -26.79 -18.16 -37.99
N ALA F 405 -27.36 -19.36 -38.21
CA ALA F 405 -28.77 -19.50 -38.54
C ALA F 405 -29.24 -20.92 -38.25
N ILE F 406 -30.57 -21.10 -38.16
CA ILE F 406 -31.16 -22.41 -38.37
C ILE F 406 -31.24 -22.65 -39.88
N VAL F 407 -30.51 -23.68 -40.34
CA VAL F 407 -30.32 -23.96 -41.75
C VAL F 407 -30.85 -25.36 -42.07
N PRO F 408 -31.62 -25.52 -43.17
CA PRO F 408 -32.19 -26.81 -43.56
C PRO F 408 -31.09 -27.87 -43.67
N LYS F 409 -31.47 -29.15 -43.57
CA LYS F 409 -30.49 -30.22 -43.48
C LYS F 409 -30.00 -30.72 -44.84
N THR F 410 -30.60 -30.25 -45.94
CA THR F 410 -30.16 -30.68 -47.26
C THR F 410 -29.42 -29.58 -48.03
N THR F 411 -29.44 -28.33 -47.52
CA THR F 411 -28.58 -27.29 -48.05
C THR F 411 -27.27 -27.28 -47.27
N ASP F 412 -26.16 -27.53 -47.98
CA ASP F 412 -24.81 -27.45 -47.46
C ASP F 412 -24.60 -26.03 -46.90
N TRP F 413 -23.93 -25.94 -45.74
CA TRP F 413 -23.72 -24.65 -45.09
C TRP F 413 -22.65 -23.85 -45.83
N ARG F 414 -21.81 -24.55 -46.62
CA ARG F 414 -20.80 -23.93 -47.45
C ARG F 414 -21.46 -23.22 -48.64
N THR F 415 -22.79 -23.33 -48.74
CA THR F 415 -23.58 -22.69 -49.77
C THR F 415 -24.33 -21.48 -49.22
N TYR F 416 -24.60 -21.49 -47.90
CA TYR F 416 -25.46 -20.51 -47.24
C TYR F 416 -25.04 -19.09 -47.60
N ASP F 417 -26.03 -18.28 -48.01
CA ASP F 417 -25.83 -16.87 -48.28
C ASP F 417 -26.20 -16.09 -47.01
N ALA F 418 -25.18 -15.81 -46.19
CA ALA F 418 -25.31 -14.91 -45.06
C ALA F 418 -24.25 -13.82 -45.16
N HIS F 419 -24.69 -12.56 -45.02
CA HIS F 419 -23.80 -11.41 -45.03
C HIS F 419 -23.51 -11.01 -43.58
N TYR F 420 -22.64 -9.99 -43.41
CA TYR F 420 -22.31 -9.49 -42.09
C TYR F 420 -23.49 -8.72 -41.51
N VAL F 421 -23.70 -8.87 -40.18
CA VAL F 421 -24.86 -8.36 -39.46
C VAL F 421 -24.79 -6.83 -39.42
N TRP F 422 -25.84 -6.20 -39.96
CA TRP F 422 -25.89 -4.75 -40.13
C TRP F 422 -27.22 -4.22 -39.59
N LEU F 423 -28.29 -4.28 -40.41
CA LEU F 423 -29.65 -3.89 -40.03
C LEU F 423 -30.66 -4.74 -40.80
FE FE2 G . 24.51 14.04 -17.38
FE1 FES H . 28.99 -19.76 9.90
FE2 FES H . 28.76 -22.49 10.65
S1 FES H . 27.99 -21.39 8.85
S2 FES H . 29.56 -20.77 11.80
O8 PHT I . 28.45 19.91 -15.59
O9 PHT I . 27.82 19.63 -17.68
C10 PHT I . 30.23 17.44 -18.46
O11 PHT I . 30.67 16.59 -19.29
O12 PHT I . 30.45 18.66 -18.54
C7 PHT I . 28.25 19.20 -16.60
C1 PHT I . 29.46 15.56 -17.05
C2 PHT I . 29.36 16.94 -17.30
C3 PHT I . 28.51 17.71 -16.49
C4 PHT I . 27.78 17.08 -15.48
C5 PHT I . 27.89 15.72 -15.26
C6 PHT I . 28.73 14.97 -16.04
FE FE2 J . 13.08 18.96 24.35
FE1 FES K . -16.76 33.03 -8.04
FE2 FES K . -14.22 32.84 -6.93
S1 FES K . -16.13 32.07 -6.15
S2 FES K . -14.85 33.78 -8.82
FE FE2 L . 17.68 -25.40 14.18
FE1 FES M . -9.06 -29.71 -19.87
FE2 FES M . -10.12 -29.17 -22.66
S1 FES M . -11.01 -30.16 -20.86
S2 FES M . -8.23 -28.58 -21.58
FE FE2 N . -19.99 23.27 -14.00
FE1 FES O . -33.92 -8.14 12.95
FE2 FES O . -34.12 -9.22 15.55
S1 FES O . -33.35 -7.27 14.89
S2 FES O . -35.02 -9.94 13.68
FE FE2 P . -24.46 -15.00 19.35
FE1 FES Q . 7.13 15.14 34.12
FE2 FES Q . 5.92 12.66 33.69
S1 FES Q . 5.19 14.62 33.07
S2 FES Q . 7.84 13.16 34.69
FE FE2 R . -13.67 -18.24 -25.18
FE1 FES S . 22.15 10.70 -28.48
FE2 FES S . 19.58 9.66 -28.82
S1 FES S . 21.32 8.70 -27.87
S2 FES S . 20.32 11.71 -29.17
#